data_6KA6
#
_entry.id   6KA6
#
_cell.length_a   71.479
_cell.length_b   90.202
_cell.length_c   100.720
_cell.angle_alpha   76.700
_cell.angle_beta   72.910
_cell.angle_gamma   80.030
#
_symmetry.space_group_name_H-M   'P 1'
#
loop_
_entity.id
_entity.type
_entity.pdbx_description
1 polymer 'Lysine--tRNA ligase'
2 non-polymer (3~{S})-3-[[(1~{S},3~{S})-3-methylcyclohexyl]methyl]-6,8-bis(oxidanyl)-3,4-dihydroisochromen-1-one
3 non-polymer GLYCEROL
4 non-polymer LYSINE
5 water water
#
_entity_poly.entity_id   1
_entity_poly.type   'polypeptide(L)'
_entity_poly.pdbx_seq_one_letter_code
;MEVDPRLYFENRSKFIQDQKDKGINPYPHKFERTISIPEFIEKYKDLGNGEHLEDTILNITGRIMRVSASGQKLRFFDLV
GDGEKIQVLANYSFHNHEKGNFAECYDKIRRGDIVGIVGFPGKSKKGELSIFPKETILLSACLHMLPMKYGLKDTEIRYR
QRYLDLLINESSRHTFVTRTKIINFLRNFLNERGFFEVETPMMNLIAGGANARPFITHHNDLDLDLYLRIATELPLKMLI
VGGIDKVYEIGKVFRNEGIDNTHNPEFTSCEFYWAYADYNDLIKWSEDFFSQLVYHLFGTYKISYNKDGPENQPIEIDFT
PPYPKVSIVEEIEKVTNTILEQPFDSNETIEKMINIIKEHKIELPNPPTAAKLLDQLASHFIENKYNDKPFFIVEHPQIM
SPLAKYHRTKPGLTERLEMFICGKEVLNAYTELNDPFKQKECFKLQQKDREKGDTEAAQLDSAFCTSLEYGLPPTGGLGL
GIDRITMFLTNKNSIKDVILFPTMRPANGGHHHHHH
;
_entity_poly.pdbx_strand_id   A,B,C,D
#
# COMPACT_ATOMS: atom_id res chain seq x y z
N VAL A 3 -4.57 -23.61 -52.48
CA VAL A 3 -5.21 -24.69 -53.24
C VAL A 3 -6.69 -24.41 -53.47
N ASP A 4 -7.54 -25.17 -52.78
CA ASP A 4 -8.98 -25.12 -53.00
C ASP A 4 -9.68 -25.39 -51.68
N PRO A 5 -10.00 -24.34 -50.92
CA PRO A 5 -10.57 -24.56 -49.58
C PRO A 5 -11.91 -25.30 -49.61
N ARG A 6 -12.74 -25.02 -50.61
CA ARG A 6 -14.02 -25.70 -50.68
C ARG A 6 -13.84 -27.21 -50.83
N LEU A 7 -12.97 -27.62 -51.75
CA LEU A 7 -12.74 -29.04 -51.95
C LEU A 7 -12.16 -29.68 -50.69
N TYR A 8 -11.24 -28.97 -50.01
CA TYR A 8 -10.66 -29.48 -48.78
C TYR A 8 -11.76 -29.81 -47.76
N PHE A 9 -12.70 -28.89 -47.56
CA PHE A 9 -13.78 -29.09 -46.60
C PHE A 9 -14.69 -30.25 -47.02
N GLU A 10 -14.97 -30.36 -48.32
CA GLU A 10 -15.79 -31.49 -48.78
C GLU A 10 -15.08 -32.82 -48.57
N ASN A 11 -13.77 -32.87 -48.80
CA ASN A 11 -13.05 -34.12 -48.59
C ASN A 11 -13.01 -34.47 -47.11
N ARG A 12 -12.86 -33.47 -46.23
CA ARG A 12 -12.83 -33.73 -44.79
C ARG A 12 -14.19 -34.16 -44.28
N SER A 13 -15.27 -33.56 -44.81
CA SER A 13 -16.60 -34.01 -44.43
C SER A 13 -16.85 -35.46 -44.85
N LYS A 14 -16.35 -35.84 -46.03
CA LYS A 14 -16.47 -37.22 -46.47
C LYS A 14 -15.65 -38.15 -45.58
N PHE A 15 -14.49 -37.69 -45.12
CA PHE A 15 -13.67 -38.48 -44.22
C PHE A 15 -14.42 -38.76 -42.92
N ILE A 16 -15.07 -37.74 -42.34
CA ILE A 16 -15.87 -37.96 -41.14
C ILE A 16 -16.94 -39.00 -41.39
N GLN A 17 -17.68 -38.85 -42.50
CA GLN A 17 -18.78 -39.77 -42.76
C GLN A 17 -18.26 -41.18 -43.03
N ASP A 18 -17.12 -41.29 -43.72
CA ASP A 18 -16.53 -42.60 -43.99
C ASP A 18 -15.98 -43.25 -42.72
N GLN A 19 -15.49 -42.44 -41.77
CA GLN A 19 -15.04 -43.01 -40.51
C GLN A 19 -16.22 -43.57 -39.74
N LYS A 20 -17.33 -42.82 -39.70
CA LYS A 20 -18.54 -43.32 -39.07
C LYS A 20 -19.01 -44.62 -39.70
N ASP A 21 -18.97 -44.69 -41.05
CA ASP A 21 -19.39 -45.89 -41.76
C ASP A 21 -18.50 -47.09 -41.42
N LYS A 22 -17.23 -46.86 -41.15
CA LYS A 22 -16.31 -47.94 -40.82
C LYS A 22 -16.38 -48.35 -39.35
N GLY A 23 -17.24 -47.73 -38.55
CA GLY A 23 -17.43 -48.12 -37.16
C GLY A 23 -16.68 -47.27 -36.16
N ILE A 24 -15.89 -46.30 -36.60
CA ILE A 24 -15.14 -45.43 -35.70
C ILE A 24 -15.99 -44.20 -35.39
N ASN A 25 -15.97 -43.79 -34.12
CA ASN A 25 -16.61 -42.55 -33.71
C ASN A 25 -15.58 -41.44 -33.77
N PRO A 26 -15.64 -40.52 -34.74
CA PRO A 26 -14.62 -39.48 -34.83
C PRO A 26 -14.80 -38.36 -33.81
N TYR A 27 -15.89 -38.37 -33.04
CA TYR A 27 -16.12 -37.41 -31.95
C TYR A 27 -16.42 -38.16 -30.66
N PRO A 28 -15.41 -38.76 -30.03
CA PRO A 28 -15.64 -39.47 -28.77
C PRO A 28 -16.10 -38.58 -27.63
N HIS A 29 -16.87 -39.19 -26.72
CA HIS A 29 -17.54 -38.45 -25.65
C HIS A 29 -16.55 -37.94 -24.61
N LYS A 30 -15.57 -38.75 -24.24
CA LYS A 30 -14.72 -38.43 -23.09
C LYS A 30 -13.34 -39.04 -23.28
N PHE A 31 -12.32 -38.22 -23.09
CA PHE A 31 -10.92 -38.65 -22.96
C PHE A 31 -10.44 -38.10 -21.62
N GLU A 32 -9.86 -38.97 -20.79
CA GLU A 32 -9.48 -38.57 -19.43
C GLU A 32 -8.01 -38.20 -19.43
N ARG A 33 -7.76 -36.91 -19.44
CA ARG A 33 -6.43 -36.33 -19.46
C ARG A 33 -5.75 -36.49 -18.11
N THR A 34 -4.44 -36.70 -18.14
CA THR A 34 -3.61 -36.77 -16.94
C THR A 34 -2.95 -35.44 -16.61
N ILE A 35 -2.64 -34.62 -17.60
CA ILE A 35 -1.80 -33.45 -17.42
C ILE A 35 -2.06 -32.48 -18.56
N SER A 36 -2.00 -31.19 -18.26
CA SER A 36 -2.12 -30.16 -19.30
C SER A 36 -0.75 -29.89 -19.94
N ILE A 37 -0.76 -29.19 -21.06
CA ILE A 37 0.48 -28.88 -21.77
C ILE A 37 1.34 -27.89 -20.97
N PRO A 38 0.77 -26.83 -20.36
CA PRO A 38 1.60 -26.01 -19.44
C PRO A 38 2.19 -26.79 -18.29
N GLU A 39 1.42 -27.72 -17.71
CA GLU A 39 1.93 -28.51 -16.59
C GLU A 39 3.01 -29.47 -17.07
N PHE A 40 2.87 -29.97 -18.30
CA PHE A 40 3.87 -30.85 -18.90
C PHE A 40 5.20 -30.13 -19.09
N ILE A 41 5.16 -28.92 -19.66
CA ILE A 41 6.38 -28.15 -19.85
C ILE A 41 7.05 -27.89 -18.50
N GLU A 42 6.27 -27.49 -17.51
CA GLU A 42 6.84 -27.17 -16.20
C GLU A 42 7.50 -28.39 -15.56
N LYS A 43 6.85 -29.55 -15.62
CA LYS A 43 7.33 -30.73 -14.90
C LYS A 43 8.53 -31.39 -15.60
N TYR A 44 8.66 -31.24 -16.92
CA TYR A 44 9.66 -31.98 -17.66
C TYR A 44 10.61 -31.06 -18.42
N LYS A 45 10.61 -29.76 -18.11
CA LYS A 45 11.55 -28.86 -18.76
C LYS A 45 13.00 -29.20 -18.41
N ASP A 46 13.24 -29.71 -17.21
CA ASP A 46 14.60 -29.92 -16.72
C ASP A 46 15.22 -31.23 -17.22
N LEU A 47 14.54 -31.98 -18.08
CA LEU A 47 15.13 -33.20 -18.61
C LEU A 47 16.35 -32.88 -19.46
N GLY A 48 17.20 -33.88 -19.65
CA GLY A 48 18.40 -33.70 -20.42
C GLY A 48 18.23 -34.07 -21.89
N ASN A 49 19.13 -33.55 -22.72
CA ASN A 49 19.04 -33.78 -24.16
C ASN A 49 19.05 -35.27 -24.45
N GLY A 50 18.01 -35.73 -25.16
CA GLY A 50 17.86 -37.11 -25.51
C GLY A 50 17.24 -37.98 -24.44
N GLU A 51 17.00 -37.46 -23.24
CA GLU A 51 16.48 -38.30 -22.16
C GLU A 51 15.04 -38.68 -22.42
N HIS A 52 14.70 -39.93 -22.13
CA HIS A 52 13.34 -40.44 -22.15
C HIS A 52 12.98 -40.96 -20.76
N LEU A 53 11.72 -40.79 -20.37
CA LEU A 53 11.18 -41.46 -19.19
C LEU A 53 10.09 -42.42 -19.68
N GLU A 54 10.52 -43.58 -20.17
CA GLU A 54 9.60 -44.47 -20.87
C GLU A 54 8.66 -45.20 -19.91
N ASP A 55 8.95 -45.21 -18.62
CA ASP A 55 8.09 -45.91 -17.67
C ASP A 55 6.97 -45.03 -17.14
N THR A 56 6.95 -43.74 -17.46
CA THR A 56 5.90 -42.83 -17.01
C THR A 56 4.95 -42.57 -18.19
N ILE A 57 3.75 -43.13 -18.11
CA ILE A 57 2.76 -43.02 -19.17
C ILE A 57 1.75 -41.93 -18.78
N LEU A 58 1.60 -40.93 -19.66
CA LEU A 58 0.69 -39.82 -19.45
C LEU A 58 -0.34 -39.77 -20.56
N ASN A 59 -1.51 -39.23 -20.24
CA ASN A 59 -2.55 -38.91 -21.21
C ASN A 59 -2.57 -37.39 -21.35
N ILE A 60 -2.44 -36.90 -22.57
CA ILE A 60 -2.38 -35.46 -22.82
C ILE A 60 -3.28 -35.16 -24.03
N THR A 61 -3.78 -33.92 -24.10
CA THR A 61 -4.59 -33.48 -25.23
C THR A 61 -4.09 -32.14 -25.75
N GLY A 62 -4.46 -31.83 -26.98
CA GLY A 62 -4.19 -30.52 -27.54
C GLY A 62 -4.57 -30.46 -29.00
N ARG A 63 -4.19 -29.36 -29.63
CA ARG A 63 -4.48 -29.13 -31.04
C ARG A 63 -3.20 -29.22 -31.86
N ILE A 64 -3.21 -30.07 -32.89
CA ILE A 64 -2.09 -30.17 -33.82
C ILE A 64 -2.04 -28.89 -34.66
N MET A 65 -0.90 -28.21 -34.64
CA MET A 65 -0.73 -26.97 -35.39
C MET A 65 0.41 -27.03 -36.40
N ARG A 66 1.07 -28.17 -36.55
CA ARG A 66 2.08 -28.37 -37.59
C ARG A 66 2.21 -29.87 -37.81
N VAL A 67 2.40 -30.27 -39.06
CA VAL A 67 2.57 -31.67 -39.44
C VAL A 67 3.81 -31.79 -40.32
N SER A 68 4.74 -32.66 -39.92
CA SER A 68 5.92 -32.96 -40.73
C SER A 68 6.37 -34.39 -40.46
N ALA A 69 7.21 -34.91 -41.36
CA ALA A 69 7.64 -36.29 -41.27
C ALA A 69 9.10 -36.42 -41.67
N SER A 70 9.77 -37.41 -41.09
CA SER A 70 11.10 -37.85 -41.52
C SER A 70 10.92 -39.33 -41.87
N GLY A 71 10.49 -39.58 -43.09
CA GLY A 71 10.15 -40.92 -43.51
C GLY A 71 8.80 -41.35 -42.94
N GLN A 72 8.52 -42.63 -43.16
CA GLN A 72 7.24 -43.21 -42.75
C GLN A 72 7.22 -43.63 -41.28
N LYS A 73 8.38 -43.79 -40.65
CA LYS A 73 8.44 -44.33 -39.30
C LYS A 73 8.63 -43.26 -38.22
N LEU A 74 8.84 -42.00 -38.60
CA LEU A 74 9.00 -40.90 -37.64
C LEU A 74 8.12 -39.74 -38.07
N ARG A 75 7.07 -39.46 -37.30
CA ARG A 75 6.20 -38.33 -37.57
C ARG A 75 6.39 -37.29 -36.47
N PHE A 76 6.49 -36.03 -36.86
CA PHE A 76 6.66 -34.91 -35.94
C PHE A 76 5.45 -33.99 -36.07
N PHE A 77 4.99 -33.45 -34.94
CA PHE A 77 3.89 -32.51 -34.90
C PHE A 77 4.16 -31.42 -33.87
N ASP A 78 3.44 -30.32 -34.00
CA ASP A 78 3.35 -29.30 -32.96
C ASP A 78 1.98 -29.43 -32.28
N LEU A 79 1.97 -29.50 -30.96
CA LEU A 79 0.74 -29.65 -30.18
C LEU A 79 0.61 -28.46 -29.23
N VAL A 80 -0.51 -27.73 -29.35
CA VAL A 80 -0.69 -26.50 -28.58
C VAL A 80 -1.90 -26.63 -27.67
N GLY A 81 -1.80 -25.99 -26.51
CA GLY A 81 -2.85 -25.95 -25.52
C GLY A 81 -2.61 -24.83 -24.52
N ASP A 82 -3.65 -24.07 -24.18
CA ASP A 82 -3.55 -22.99 -23.18
C ASP A 82 -2.44 -22.00 -23.53
N GLY A 83 -2.20 -21.78 -24.82
CA GLY A 83 -1.23 -20.80 -25.26
C GLY A 83 0.20 -21.28 -25.28
N GLU A 84 0.44 -22.57 -25.03
CA GLU A 84 1.80 -23.11 -24.99
C GLU A 84 1.87 -24.32 -25.92
N LYS A 85 3.10 -24.75 -26.22
CA LYS A 85 3.31 -25.71 -27.29
C LYS A 85 4.41 -26.68 -26.92
N ILE A 86 4.21 -27.96 -27.27
CA ILE A 86 5.27 -28.97 -27.23
C ILE A 86 5.35 -29.68 -28.58
N GLN A 87 6.43 -30.43 -28.79
CA GLN A 87 6.55 -31.27 -29.96
C GLN A 87 5.93 -32.64 -29.68
N VAL A 88 5.38 -33.25 -30.72
CA VAL A 88 4.99 -34.66 -30.68
C VAL A 88 5.95 -35.42 -31.58
N LEU A 89 6.58 -36.45 -31.02
CA LEU A 89 7.50 -37.31 -31.78
C LEU A 89 6.92 -38.72 -31.81
N ALA A 90 6.25 -39.06 -32.91
CA ALA A 90 5.68 -40.39 -33.09
C ALA A 90 6.68 -41.30 -33.83
N ASN A 91 7.25 -42.25 -33.10
CA ASN A 91 8.24 -43.21 -33.63
C ASN A 91 7.59 -44.58 -33.74
N TYR A 92 7.71 -45.20 -34.93
CA TYR A 92 7.17 -46.54 -35.13
C TYR A 92 7.61 -47.49 -34.02
N SER A 93 8.79 -47.27 -33.44
CA SER A 93 9.34 -48.23 -32.49
C SER A 93 8.60 -48.24 -31.16
N PHE A 94 7.94 -47.14 -30.81
CA PHE A 94 7.19 -47.05 -29.56
C PHE A 94 5.70 -47.24 -29.75
N HIS A 95 5.23 -47.42 -30.99
CA HIS A 95 3.80 -47.49 -31.27
C HIS A 95 3.21 -48.77 -30.69
N ASN A 96 2.05 -48.65 -30.05
CA ASN A 96 1.31 -49.82 -29.56
C ASN A 96 0.56 -50.43 -30.74
N HIS A 97 1.18 -51.44 -31.37
CA HIS A 97 0.60 -52.06 -32.55
C HIS A 97 -0.67 -52.84 -32.24
N GLU A 98 -0.95 -53.13 -30.97
CA GLU A 98 -2.21 -53.78 -30.64
C GLU A 98 -3.40 -52.88 -30.92
N LYS A 99 -3.20 -51.56 -30.99
CA LYS A 99 -4.29 -50.61 -31.17
C LYS A 99 -4.56 -50.27 -32.63
N GLY A 100 -3.70 -50.68 -33.55
CA GLY A 100 -3.91 -50.39 -34.96
C GLY A 100 -2.60 -50.15 -35.67
N ASN A 101 -2.71 -49.92 -36.98
CA ASN A 101 -1.54 -49.72 -37.84
C ASN A 101 -0.99 -48.31 -37.70
N PHE A 102 0.34 -48.20 -37.59
CA PHE A 102 1.00 -46.92 -37.32
C PHE A 102 0.72 -45.89 -38.42
N ALA A 103 1.04 -46.25 -39.67
CA ALA A 103 0.91 -45.28 -40.75
C ALA A 103 -0.55 -44.92 -41.02
N GLU A 104 -1.44 -45.91 -40.94
CA GLU A 104 -2.86 -45.60 -41.08
C GLU A 104 -3.33 -44.62 -40.03
N CYS A 105 -2.74 -44.67 -38.83
CA CYS A 105 -3.10 -43.72 -37.79
C CYS A 105 -2.62 -42.33 -38.15
N TYR A 106 -1.31 -42.16 -38.33
CA TYR A 106 -0.75 -40.82 -38.41
C TYR A 106 -0.97 -40.17 -39.77
N ASP A 107 -1.18 -40.96 -40.84
CA ASP A 107 -1.48 -40.38 -42.13
C ASP A 107 -2.76 -39.56 -42.12
N LYS A 108 -3.68 -39.85 -41.19
CA LYS A 108 -4.99 -39.21 -41.12
C LYS A 108 -4.92 -37.81 -40.50
N ILE A 109 -3.93 -37.56 -39.63
CA ILE A 109 -3.86 -36.31 -38.88
C ILE A 109 -3.72 -35.13 -39.83
N ARG A 110 -4.49 -34.07 -39.57
CA ARG A 110 -4.37 -32.82 -40.31
C ARG A 110 -4.20 -31.67 -39.34
N ARG A 111 -3.58 -30.59 -39.83
CA ARG A 111 -3.36 -29.41 -39.01
C ARG A 111 -4.70 -28.86 -38.53
N GLY A 112 -4.79 -28.60 -37.23
CA GLY A 112 -6.03 -28.18 -36.59
C GLY A 112 -6.74 -29.26 -35.81
N ASP A 113 -6.41 -30.54 -36.06
CA ASP A 113 -7.07 -31.64 -35.37
C ASP A 113 -6.78 -31.59 -33.87
N ILE A 114 -7.83 -31.81 -33.07
CA ILE A 114 -7.67 -32.01 -31.64
C ILE A 114 -7.52 -33.50 -31.38
N VAL A 115 -6.50 -33.88 -30.61
CA VAL A 115 -6.19 -35.30 -30.42
C VAL A 115 -5.97 -35.58 -28.94
N GLY A 116 -6.11 -36.86 -28.59
CA GLY A 116 -5.72 -37.35 -27.28
C GLY A 116 -4.58 -38.35 -27.43
N ILE A 117 -3.53 -38.16 -26.64
CA ILE A 117 -2.29 -38.94 -26.79
C ILE A 117 -2.02 -39.68 -25.49
N VAL A 118 -1.72 -40.97 -25.63
CA VAL A 118 -1.16 -41.78 -24.55
C VAL A 118 0.32 -41.97 -24.90
N GLY A 119 1.20 -41.49 -24.03
CA GLY A 119 2.62 -41.62 -24.34
C GLY A 119 3.50 -41.28 -23.15
N PHE A 120 4.79 -41.12 -23.43
CA PHE A 120 5.76 -40.82 -22.38
C PHE A 120 6.54 -39.54 -22.69
N PRO A 121 7.06 -38.88 -21.67
CA PRO A 121 7.78 -37.61 -21.90
C PRO A 121 9.24 -37.84 -22.27
N GLY A 122 9.83 -36.81 -22.86
CA GLY A 122 11.24 -36.86 -23.17
C GLY A 122 11.68 -35.66 -23.98
N LYS A 123 12.95 -35.65 -24.32
CA LYS A 123 13.55 -34.62 -25.17
C LYS A 123 14.23 -35.31 -26.35
N SER A 124 14.18 -34.66 -27.51
CA SER A 124 14.89 -35.20 -28.67
C SER A 124 16.39 -35.07 -28.47
N LYS A 125 17.15 -35.67 -29.41
CA LYS A 125 18.60 -35.53 -29.38
C LYS A 125 19.00 -34.05 -29.39
N LYS A 126 18.38 -33.26 -30.27
CA LYS A 126 18.64 -31.83 -30.33
C LYS A 126 18.19 -31.13 -29.05
N GLY A 127 17.27 -31.71 -28.30
CA GLY A 127 16.82 -31.14 -27.05
C GLY A 127 15.42 -30.54 -27.04
N GLU A 128 14.55 -30.90 -27.99
CA GLU A 128 13.20 -30.37 -28.03
C GLU A 128 12.31 -31.22 -27.13
N LEU A 129 11.69 -30.58 -26.15
CA LEU A 129 10.79 -31.28 -25.25
C LEU A 129 9.60 -31.85 -26.03
N SER A 130 9.30 -33.13 -25.79
CA SER A 130 8.36 -33.84 -26.64
C SER A 130 7.52 -34.80 -25.81
N ILE A 131 6.32 -35.08 -26.33
CA ILE A 131 5.54 -36.24 -25.93
C ILE A 131 5.79 -37.34 -26.96
N PHE A 132 6.02 -38.56 -26.48
CA PHE A 132 6.29 -39.70 -27.36
C PHE A 132 5.08 -40.62 -27.34
N PRO A 133 4.17 -40.55 -28.31
CA PRO A 133 2.94 -41.34 -28.20
C PRO A 133 3.21 -42.83 -28.38
N LYS A 134 2.49 -43.62 -27.59
CA LYS A 134 2.25 -45.01 -27.92
C LYS A 134 0.92 -45.18 -28.65
N GLU A 135 0.00 -44.23 -28.50
CA GLU A 135 -1.28 -44.29 -29.16
C GLU A 135 -1.83 -42.87 -29.26
N THR A 136 -2.39 -42.53 -30.41
CA THR A 136 -2.98 -41.22 -30.65
C THR A 136 -4.39 -41.42 -31.17
N ILE A 137 -5.34 -40.64 -30.64
CA ILE A 137 -6.74 -40.76 -30.98
C ILE A 137 -7.27 -39.40 -31.41
N LEU A 138 -8.05 -39.38 -32.48
CA LEU A 138 -8.71 -38.16 -32.91
C LEU A 138 -9.88 -37.85 -31.97
N LEU A 139 -9.94 -36.62 -31.49
CA LEU A 139 -11.03 -36.16 -30.63
C LEU A 139 -12.00 -35.21 -31.31
N SER A 140 -11.51 -34.33 -32.19
CA SER A 140 -12.38 -33.46 -32.97
C SER A 140 -11.60 -32.93 -34.16
N ALA A 141 -12.08 -33.22 -35.36
CA ALA A 141 -11.36 -32.83 -36.57
C ALA A 141 -11.57 -31.36 -36.91
N CYS A 142 -10.55 -30.76 -37.51
CA CYS A 142 -10.64 -29.42 -38.10
C CYS A 142 -10.92 -29.60 -39.60
N LEU A 143 -12.13 -29.27 -40.02
CA LEU A 143 -12.55 -29.57 -41.38
C LEU A 143 -12.15 -28.51 -42.41
N HIS A 144 -11.65 -27.35 -41.97
CA HIS A 144 -11.20 -26.30 -42.88
C HIS A 144 -9.69 -26.15 -42.81
N MET A 145 -9.13 -25.53 -43.85
CA MET A 145 -7.73 -25.12 -43.80
C MET A 145 -7.59 -23.88 -42.94
N LEU A 146 -6.67 -23.92 -41.98
CA LEU A 146 -6.43 -22.77 -41.13
C LEU A 146 -5.71 -21.68 -41.91
N PRO A 147 -5.98 -20.41 -41.60
CA PRO A 147 -5.26 -19.32 -42.28
C PRO A 147 -3.83 -19.21 -41.80
N MET A 148 -3.02 -18.51 -42.59
CA MET A 148 -1.69 -18.11 -42.15
C MET A 148 -1.78 -16.84 -41.32
N LYS A 149 -0.72 -16.56 -40.55
CA LYS A 149 -0.65 -15.30 -39.80
C LYS A 149 -0.78 -14.12 -40.74
N TYR A 150 -0.21 -14.22 -41.94
CA TYR A 150 -0.36 -13.15 -42.93
C TYR A 150 -1.81 -12.94 -43.33
N GLY A 151 -2.60 -14.01 -43.37
CA GLY A 151 -4.00 -13.88 -43.74
C GLY A 151 -4.85 -13.19 -42.69
N LEU A 152 -4.37 -13.11 -41.44
CA LEU A 152 -5.09 -12.43 -40.38
C LEU A 152 -4.59 -11.00 -40.12
N LYS A 153 -3.51 -10.59 -40.78
CA LYS A 153 -2.81 -9.36 -40.41
C LYS A 153 -3.68 -8.10 -40.55
N ASP A 154 -4.08 -7.78 -41.78
CA ASP A 154 -4.81 -6.54 -42.04
C ASP A 154 -6.27 -6.80 -42.40
N THR A 155 -6.84 -7.90 -41.91
CA THR A 155 -8.16 -8.33 -42.34
C THR A 155 -9.12 -8.38 -41.16
N GLU A 156 -10.41 -8.37 -41.49
CA GLU A 156 -11.45 -8.45 -40.49
C GLU A 156 -11.75 -9.88 -40.05
N ILE A 157 -10.96 -10.86 -40.50
CA ILE A 157 -11.17 -12.23 -40.03
C ILE A 157 -10.94 -12.31 -38.53
N ARG A 158 -9.98 -11.53 -38.02
CA ARG A 158 -9.73 -11.46 -36.58
C ARG A 158 -10.98 -11.14 -35.77
N TYR A 159 -11.87 -10.32 -36.32
CA TYR A 159 -13.05 -9.85 -35.59
C TYR A 159 -14.30 -10.67 -35.89
N ARG A 160 -14.38 -11.25 -37.10
CA ARG A 160 -15.57 -12.01 -37.49
C ARG A 160 -15.45 -13.50 -37.20
N GLN A 161 -14.22 -14.02 -37.09
CA GLN A 161 -13.97 -15.36 -36.55
C GLN A 161 -12.85 -15.21 -35.52
N ARG A 162 -13.21 -14.75 -34.31
CA ARG A 162 -12.21 -14.45 -33.31
C ARG A 162 -11.45 -15.70 -32.85
N TYR A 163 -12.09 -16.87 -32.94
CA TYR A 163 -11.40 -18.10 -32.54
C TYR A 163 -10.16 -18.38 -33.41
N LEU A 164 -10.20 -18.04 -34.70
CA LEU A 164 -8.99 -18.21 -35.52
C LEU A 164 -7.87 -17.28 -35.07
N ASP A 165 -8.23 -16.05 -34.67
CA ASP A 165 -7.24 -15.10 -34.17
C ASP A 165 -6.60 -15.62 -32.88
N LEU A 166 -7.40 -16.17 -31.98
CA LEU A 166 -6.89 -16.71 -30.71
C LEU A 166 -6.01 -17.93 -30.91
N LEU A 167 -6.29 -18.76 -31.91
CA LEU A 167 -5.45 -19.93 -32.17
C LEU A 167 -4.13 -19.55 -32.83
N ILE A 168 -4.14 -18.55 -33.71
CA ILE A 168 -3.01 -18.33 -34.61
C ILE A 168 -2.07 -17.22 -34.12
N ASN A 169 -2.62 -16.22 -33.45
CA ASN A 169 -1.84 -15.06 -33.00
C ASN A 169 -1.66 -15.15 -31.48
N GLU A 170 -0.44 -15.45 -31.04
CA GLU A 170 -0.20 -15.55 -29.60
C GLU A 170 -0.48 -14.23 -28.89
N SER A 171 -0.21 -13.10 -29.54
CA SER A 171 -0.42 -11.82 -28.90
C SER A 171 -1.89 -11.58 -28.58
N SER A 172 -2.81 -12.24 -29.30
CA SER A 172 -4.22 -11.98 -29.08
C SER A 172 -4.67 -12.51 -27.72
N ARG A 173 -4.38 -13.78 -27.43
CA ARG A 173 -4.56 -14.32 -26.09
C ARG A 173 -3.99 -13.38 -25.03
N HIS A 174 -2.79 -12.82 -25.28
CA HIS A 174 -2.17 -11.94 -24.29
C HIS A 174 -2.99 -10.67 -24.05
N THR A 175 -3.57 -10.12 -25.12
CA THR A 175 -4.37 -8.91 -24.99
C THR A 175 -5.59 -9.14 -24.11
N PHE A 176 -6.25 -10.30 -24.28
CA PHE A 176 -7.47 -10.55 -23.51
C PHE A 176 -7.18 -11.03 -22.11
N VAL A 177 -6.03 -11.67 -21.89
CA VAL A 177 -5.62 -11.97 -20.52
C VAL A 177 -5.38 -10.69 -19.74
N THR A 178 -4.67 -9.74 -20.36
CA THR A 178 -4.46 -8.44 -19.73
C THR A 178 -5.79 -7.75 -19.40
N ARG A 179 -6.75 -7.82 -20.33
CA ARG A 179 -8.06 -7.23 -20.07
C ARG A 179 -8.68 -7.81 -18.80
N THR A 180 -8.66 -9.14 -18.66
CA THR A 180 -9.24 -9.73 -17.47
C THR A 180 -8.44 -9.37 -16.21
N LYS A 181 -7.11 -9.25 -16.34
CA LYS A 181 -6.31 -8.80 -15.22
C LYS A 181 -6.64 -7.36 -14.82
N ILE A 182 -6.91 -6.55 -15.80
CA ILE A 182 -7.27 -5.20 -15.51
C ILE A 182 -8.59 -5.12 -14.69
N ILE A 183 -9.60 -5.85 -15.09
CA ILE A 183 -10.86 -5.82 -14.35
C ILE A 183 -10.69 -6.47 -12.98
N ASN A 184 -9.93 -7.57 -12.89
CA ASN A 184 -9.63 -8.19 -11.60
C ASN A 184 -8.97 -7.19 -10.66
N PHE A 185 -8.02 -6.41 -11.18
CA PHE A 185 -7.32 -5.43 -10.36
C PHE A 185 -8.30 -4.40 -9.81
N LEU A 186 -9.17 -3.88 -10.68
CA LEU A 186 -10.11 -2.83 -10.28
C LEU A 186 -11.09 -3.33 -9.24
N ARG A 187 -11.68 -4.49 -9.44
CA ARG A 187 -12.58 -5.07 -8.46
C ARG A 187 -11.90 -5.27 -7.12
N ASN A 188 -10.71 -5.84 -7.12
CA ASN A 188 -9.99 -6.00 -5.86
C ASN A 188 -9.71 -4.66 -5.19
N PHE A 189 -9.22 -3.69 -5.97
CA PHE A 189 -8.90 -2.35 -5.47
C PHE A 189 -10.09 -1.72 -4.76
N LEU A 190 -11.25 -1.78 -5.39
CA LEU A 190 -12.46 -1.25 -4.78
C LEU A 190 -12.89 -2.06 -3.56
N ASN A 191 -12.82 -3.40 -3.64
CA ASN A 191 -13.32 -4.22 -2.55
C ASN A 191 -12.46 -4.07 -1.30
N GLU A 192 -11.13 -4.02 -1.46
CA GLU A 192 -10.25 -3.82 -0.32
C GLU A 192 -10.45 -2.45 0.32
N ARG A 193 -11.10 -1.51 -0.36
CA ARG A 193 -11.39 -0.20 0.21
C ARG A 193 -12.83 -0.09 0.71
N GLY A 194 -13.53 -1.21 0.88
CA GLY A 194 -14.85 -1.22 1.49
C GLY A 194 -16.02 -1.03 0.55
N PHE A 195 -15.79 -1.06 -0.77
CA PHE A 195 -16.85 -0.81 -1.73
C PHE A 195 -17.67 -2.06 -1.98
N PHE A 196 -18.95 -1.87 -2.27
CA PHE A 196 -19.93 -2.94 -2.37
C PHE A 196 -20.43 -3.00 -3.79
N GLU A 197 -20.21 -4.14 -4.45
CA GLU A 197 -20.59 -4.29 -5.86
C GLU A 197 -22.06 -4.67 -5.99
N VAL A 198 -22.75 -4.05 -6.95
CA VAL A 198 -24.17 -4.28 -7.17
C VAL A 198 -24.44 -4.44 -8.66
N GLU A 199 -25.69 -4.82 -8.96
CA GLU A 199 -26.23 -4.85 -10.32
C GLU A 199 -27.48 -3.99 -10.36
N THR A 200 -27.50 -3.02 -11.26
CA THR A 200 -28.66 -2.15 -11.50
C THR A 200 -29.25 -2.50 -12.87
N PRO A 201 -30.47 -2.07 -13.18
CA PRO A 201 -31.13 -2.61 -14.39
C PRO A 201 -30.46 -2.11 -15.67
N MET A 202 -30.41 -3.00 -16.66
CA MET A 202 -29.97 -2.57 -17.97
C MET A 202 -31.12 -2.02 -18.81
N MET A 203 -32.35 -2.34 -18.46
CA MET A 203 -33.52 -1.82 -19.14
C MET A 203 -34.27 -0.90 -18.18
N ASN A 204 -34.56 0.32 -18.63
CA ASN A 204 -35.16 1.33 -17.76
C ASN A 204 -36.25 2.09 -18.50
N LEU A 205 -37.13 2.73 -17.72
CA LEU A 205 -38.19 3.54 -18.33
C LEU A 205 -37.61 4.79 -18.99
N ILE A 206 -36.49 5.31 -18.46
CA ILE A 206 -35.76 6.45 -19.00
C ILE A 206 -34.28 6.09 -19.04
N ALA A 207 -33.57 6.60 -20.04
CA ALA A 207 -32.12 6.43 -20.12
C ALA A 207 -31.45 7.76 -19.78
N GLY A 208 -30.93 7.87 -18.57
CA GLY A 208 -30.22 9.06 -18.14
C GLY A 208 -28.84 8.76 -17.60
N GLY A 209 -28.18 9.76 -17.03
CA GLY A 209 -26.84 9.57 -16.50
C GLY A 209 -25.73 9.93 -17.46
N ALA A 210 -26.06 10.41 -18.66
CA ALA A 210 -25.10 10.82 -19.67
C ALA A 210 -25.89 11.51 -20.77
N ASN A 211 -25.17 12.06 -21.74
CA ASN A 211 -25.78 12.68 -22.92
C ASN A 211 -25.47 11.78 -24.10
N ALA A 212 -26.40 10.87 -24.41
CA ALA A 212 -26.22 9.95 -25.53
C ALA A 212 -27.58 9.43 -25.98
N ARG A 213 -27.69 9.14 -27.26
CA ARG A 213 -28.93 8.55 -27.78
C ARG A 213 -29.03 7.09 -27.34
N PRO A 214 -30.18 6.63 -26.85
CA PRO A 214 -30.29 5.25 -26.36
C PRO A 214 -30.86 4.26 -27.39
N PHE A 215 -30.65 2.98 -27.09
CA PHE A 215 -31.40 1.90 -27.72
C PHE A 215 -32.76 1.75 -27.05
N ILE A 216 -33.76 1.36 -27.83
CA ILE A 216 -35.12 1.15 -27.35
C ILE A 216 -35.54 -0.28 -27.66
N THR A 217 -36.25 -0.90 -26.70
CA THR A 217 -36.78 -2.23 -26.90
C THR A 217 -38.17 -2.28 -26.26
N HIS A 218 -38.81 -3.45 -26.34
CA HIS A 218 -40.20 -3.57 -25.91
C HIS A 218 -40.42 -4.88 -25.18
N HIS A 219 -41.04 -4.82 -24.00
CA HIS A 219 -41.47 -6.02 -23.29
C HIS A 219 -42.91 -6.33 -23.68
N ASN A 220 -43.13 -7.56 -24.17
CA ASN A 220 -44.42 -7.91 -24.76
C ASN A 220 -45.52 -8.02 -23.72
N ASP A 221 -45.25 -8.71 -22.61
CA ASP A 221 -46.32 -9.00 -21.66
C ASP A 221 -46.67 -7.78 -20.79
N LEU A 222 -45.69 -6.96 -20.45
CA LEU A 222 -46.00 -5.68 -19.82
C LEU A 222 -46.49 -4.63 -20.83
N ASP A 223 -46.30 -4.86 -22.12
CA ASP A 223 -46.62 -3.90 -23.17
C ASP A 223 -45.98 -2.54 -22.87
N LEU A 224 -44.65 -2.56 -22.83
CA LEU A 224 -43.88 -1.45 -22.29
C LEU A 224 -42.63 -1.24 -23.13
N ASP A 225 -42.41 0.00 -23.56
CA ASP A 225 -41.14 0.34 -24.19
C ASP A 225 -40.09 0.57 -23.12
N LEU A 226 -38.89 0.04 -23.35
CA LEU A 226 -37.80 0.16 -22.39
C LEU A 226 -36.56 0.65 -23.11
N TYR A 227 -35.73 1.41 -22.40
CA TYR A 227 -34.47 1.90 -22.93
C TYR A 227 -33.31 1.15 -22.30
N LEU A 228 -32.34 0.78 -23.13
CA LEU A 228 -31.10 0.23 -22.58
C LEU A 228 -30.32 1.36 -21.92
N ARG A 229 -29.66 1.04 -20.81
CA ARG A 229 -28.99 2.09 -20.05
C ARG A 229 -27.80 2.66 -20.81
N ILE A 230 -27.61 3.98 -20.71
CA ILE A 230 -26.43 4.64 -21.24
C ILE A 230 -25.37 4.87 -20.17
N ALA A 231 -25.73 4.71 -18.90
CA ALA A 231 -24.82 4.84 -17.78
C ALA A 231 -25.48 4.16 -16.60
N THR A 232 -24.72 4.00 -15.52
CA THR A 232 -25.24 3.43 -14.28
C THR A 232 -25.44 4.48 -13.18
N GLU A 233 -25.23 5.76 -13.53
CA GLU A 233 -25.12 6.83 -12.55
C GLU A 233 -26.37 6.99 -11.68
N LEU A 234 -27.55 7.02 -12.29
CA LEU A 234 -28.74 7.41 -11.54
C LEU A 234 -29.16 6.35 -10.50
N PRO A 235 -29.27 5.07 -10.83
CA PRO A 235 -29.64 4.10 -9.77
C PRO A 235 -28.54 3.89 -8.74
N LEU A 236 -27.26 4.08 -9.09
CA LEU A 236 -26.20 3.98 -8.08
C LEU A 236 -26.32 5.10 -7.04
N LYS A 237 -26.65 6.31 -7.48
CA LYS A 237 -26.88 7.39 -6.50
C LYS A 237 -28.13 7.13 -5.66
N MET A 238 -29.14 6.51 -6.24
CA MET A 238 -30.31 6.09 -5.46
C MET A 238 -29.91 5.08 -4.37
N LEU A 239 -28.87 4.29 -4.59
CA LEU A 239 -28.41 3.38 -3.55
C LEU A 239 -27.61 4.09 -2.46
N ILE A 240 -26.90 5.17 -2.80
CA ILE A 240 -26.27 6.01 -1.77
C ILE A 240 -27.35 6.59 -0.85
N VAL A 241 -28.45 7.09 -1.42
CA VAL A 241 -29.59 7.51 -0.60
C VAL A 241 -30.02 6.36 0.30
N GLY A 242 -29.97 5.14 -0.23
CA GLY A 242 -30.33 3.97 0.53
C GLY A 242 -29.37 3.59 1.62
N GLY A 243 -28.26 4.30 1.74
CA GLY A 243 -27.28 3.98 2.76
C GLY A 243 -26.17 3.02 2.38
N ILE A 244 -26.16 2.59 1.16
CA ILE A 244 -24.86 1.87 0.69
CA ILE A 244 -24.93 1.86 0.70
C ILE A 244 -23.77 2.95 0.24
N ASP A 245 -23.06 3.37 1.27
CA ASP A 245 -22.28 4.60 1.15
C ASP A 245 -21.04 4.46 0.28
N LYS A 246 -20.62 3.23 -0.04
CA LYS A 246 -19.54 2.96 -1.00
C LYS A 246 -20.06 1.85 -1.91
N VAL A 247 -20.39 2.20 -3.16
CA VAL A 247 -21.13 1.31 -4.04
C VAL A 247 -20.56 1.44 -5.45
N TYR A 248 -20.58 0.34 -6.21
CA TYR A 248 -20.07 0.39 -7.58
C TYR A 248 -20.68 -0.72 -8.43
N GLU A 249 -20.47 -0.59 -9.75
CA GLU A 249 -20.94 -1.55 -10.73
C GLU A 249 -19.97 -1.63 -11.90
N ILE A 250 -19.61 -2.86 -12.32
CA ILE A 250 -18.81 -3.09 -13.52
C ILE A 250 -19.69 -3.85 -14.50
N GLY A 251 -20.05 -3.23 -15.61
CA GLY A 251 -20.87 -3.92 -16.59
C GLY A 251 -21.04 -3.12 -17.86
N LYS A 252 -21.88 -3.66 -18.75
CA LYS A 252 -22.08 -3.05 -20.06
C LYS A 252 -23.05 -1.89 -19.98
N VAL A 253 -22.75 -0.82 -20.73
CA VAL A 253 -23.72 0.21 -21.06
C VAL A 253 -23.79 0.30 -22.59
N PHE A 254 -24.82 0.98 -23.08
CA PHE A 254 -25.16 0.96 -24.49
C PHE A 254 -25.39 2.38 -24.98
N ARG A 255 -24.78 2.73 -26.10
CA ARG A 255 -24.99 4.04 -26.70
C ARG A 255 -25.23 3.87 -28.19
N ASN A 256 -26.33 4.45 -28.67
CA ASN A 256 -26.83 4.23 -30.03
C ASN A 256 -26.33 5.39 -30.90
N GLU A 257 -25.06 5.30 -31.29
CA GLU A 257 -24.40 6.39 -32.01
C GLU A 257 -23.35 5.79 -32.96
N GLY A 258 -22.40 6.62 -33.37
CA GLY A 258 -21.43 6.18 -34.35
C GLY A 258 -20.44 5.17 -33.81
N ILE A 259 -19.95 4.33 -34.71
CA ILE A 259 -18.95 3.30 -34.43
C ILE A 259 -17.64 3.72 -35.08
N ASP A 260 -16.54 3.64 -34.34
CA ASP A 260 -15.22 3.94 -34.88
C ASP A 260 -14.17 3.29 -33.98
N ASN A 261 -12.91 3.70 -34.16
CA ASN A 261 -11.80 3.04 -33.46
C ASN A 261 -11.82 3.23 -31.95
N THR A 262 -12.61 4.18 -31.42
CA THR A 262 -12.79 4.29 -29.98
C THR A 262 -14.25 4.22 -29.54
N HIS A 263 -15.17 3.81 -30.42
CA HIS A 263 -16.60 3.70 -30.07
C HIS A 263 -17.14 2.36 -30.54
N ASN A 264 -17.53 1.50 -29.59
CA ASN A 264 -18.34 0.30 -29.83
C ASN A 264 -19.70 0.48 -29.16
N PRO A 265 -20.80 0.09 -29.83
CA PRO A 265 -22.14 0.48 -29.32
C PRO A 265 -22.45 -0.09 -27.94
N GLU A 266 -21.90 -1.24 -27.58
CA GLU A 266 -21.89 -1.66 -26.18
C GLU A 266 -20.45 -1.66 -25.69
N PHE A 267 -20.25 -1.16 -24.46
CA PHE A 267 -18.91 -1.11 -23.90
C PHE A 267 -19.00 -1.25 -22.39
N THR A 268 -17.86 -1.54 -21.77
CA THR A 268 -17.79 -1.89 -20.36
C THR A 268 -17.39 -0.65 -19.56
N SER A 269 -18.23 -0.25 -18.61
CA SER A 269 -17.90 0.84 -17.71
C SER A 269 -17.81 0.31 -16.30
N CYS A 270 -17.02 1.02 -15.48
CA CYS A 270 -17.13 0.94 -14.03
C CYS A 270 -17.46 2.33 -13.50
N GLU A 271 -18.50 2.42 -12.67
CA GLU A 271 -18.85 3.66 -11.98
C GLU A 271 -18.91 3.34 -10.49
N PHE A 272 -18.27 4.16 -9.64
CA PHE A 272 -18.39 4.02 -8.20
C PHE A 272 -18.85 5.32 -7.58
N TYR A 273 -19.55 5.21 -6.44
CA TYR A 273 -20.07 6.35 -5.72
C TYR A 273 -19.62 6.27 -4.27
N TRP A 274 -19.08 7.39 -3.77
CA TRP A 274 -18.31 7.43 -2.52
C TRP A 274 -18.92 8.54 -1.65
N ALA A 275 -19.77 8.17 -0.68
CA ALA A 275 -20.39 9.20 0.15
C ALA A 275 -19.34 9.89 1.02
N TYR A 276 -19.44 11.22 1.09
CA TYR A 276 -18.61 12.12 1.90
C TYR A 276 -17.24 12.39 1.28
N ALA A 277 -17.00 11.91 0.07
CA ALA A 277 -15.85 12.30 -0.72
C ALA A 277 -16.23 13.43 -1.67
N ASP A 278 -15.22 14.15 -2.17
CA ASP A 278 -15.48 15.22 -3.11
C ASP A 278 -14.46 15.14 -4.24
N TYR A 279 -14.49 16.17 -5.10
CA TYR A 279 -13.64 16.25 -6.29
C TYR A 279 -12.17 15.98 -5.96
N ASN A 280 -11.68 16.52 -4.84
CA ASN A 280 -10.28 16.32 -4.50
C ASN A 280 -9.97 14.86 -4.18
N ASP A 281 -10.85 14.20 -3.43
CA ASP A 281 -10.70 12.77 -3.17
C ASP A 281 -10.64 11.97 -4.47
N LEU A 282 -11.41 12.39 -5.47
CA LEU A 282 -11.49 11.63 -6.72
C LEU A 282 -10.27 11.85 -7.59
N ILE A 283 -9.65 13.04 -7.53
CA ILE A 283 -8.38 13.26 -8.21
C ILE A 283 -7.30 12.35 -7.64
N LYS A 284 -7.24 12.23 -6.32
CA LYS A 284 -6.25 11.37 -5.68
C LYS A 284 -6.53 9.90 -5.98
N TRP A 285 -7.79 9.49 -5.91
CA TRP A 285 -8.13 8.10 -6.25
C TRP A 285 -7.62 7.76 -7.64
N SER A 286 -7.83 8.66 -8.59
CA SER A 286 -7.46 8.40 -9.98
C SER A 286 -5.95 8.24 -10.13
N GLU A 287 -5.17 9.14 -9.52
CA GLU A 287 -3.71 9.00 -9.60
C GLU A 287 -3.24 7.76 -8.85
N ASP A 288 -3.84 7.48 -7.70
CA ASP A 288 -3.53 6.26 -6.97
C ASP A 288 -3.81 5.02 -7.80
N PHE A 289 -4.98 4.98 -8.45
CA PHE A 289 -5.42 3.78 -9.14
C PHE A 289 -4.61 3.52 -10.41
N PHE A 290 -4.46 4.53 -11.26
CA PHE A 290 -3.77 4.30 -12.53
C PHE A 290 -2.28 4.03 -12.31
N SER A 291 -1.66 4.70 -11.34
CA SER A 291 -0.24 4.44 -11.11
C SER A 291 -0.04 3.03 -10.58
N GLN A 292 -0.90 2.57 -9.67
CA GLN A 292 -0.76 1.22 -9.14
C GLN A 292 -1.18 0.16 -10.14
N LEU A 293 -2.13 0.47 -11.03
CA LEU A 293 -2.53 -0.50 -12.06
C LEU A 293 -1.41 -0.74 -13.05
N VAL A 294 -0.74 0.32 -13.50
CA VAL A 294 0.31 0.15 -14.50
C VAL A 294 1.51 -0.53 -13.87
N TYR A 295 1.83 -0.21 -12.62
CA TYR A 295 2.97 -0.88 -11.98
C TYR A 295 2.65 -2.34 -11.71
N HIS A 296 1.40 -2.64 -11.37
CA HIS A 296 1.01 -4.04 -11.17
C HIS A 296 1.24 -4.87 -12.43
N LEU A 297 0.96 -4.30 -13.61
CA LEU A 297 1.02 -5.06 -14.84
C LEU A 297 2.43 -5.11 -15.43
N PHE A 298 3.19 -4.02 -15.28
CA PHE A 298 4.46 -3.87 -15.98
C PHE A 298 5.68 -3.81 -15.08
N GLY A 299 5.50 -3.60 -13.79
CA GLY A 299 6.66 -3.38 -12.93
C GLY A 299 7.34 -2.06 -13.18
N THR A 300 6.67 -1.13 -13.85
CA THR A 300 7.20 0.21 -14.10
C THR A 300 6.01 1.15 -14.32
N TYR A 301 6.28 2.46 -14.22
CA TYR A 301 5.25 3.46 -14.44
C TYR A 301 5.20 3.96 -15.88
N LYS A 302 6.23 3.67 -16.68
CA LYS A 302 6.30 4.12 -18.06
C LYS A 302 6.01 2.94 -18.98
N ILE A 303 5.20 3.19 -20.02
CA ILE A 303 4.89 2.16 -21.00
C ILE A 303 5.06 2.74 -22.39
N SER A 304 5.19 1.85 -23.36
CA SER A 304 5.27 2.23 -24.76
C SER A 304 3.91 2.06 -25.42
N TYR A 305 3.55 3.01 -26.26
CA TYR A 305 2.26 2.96 -26.95
C TYR A 305 2.45 3.45 -28.38
N ASN A 306 1.98 2.65 -29.35
CA ASN A 306 2.07 2.99 -30.76
C ASN A 306 0.84 3.81 -31.14
N LYS A 307 0.90 5.11 -30.84
CA LYS A 307 -0.24 5.98 -31.08
C LYS A 307 -0.59 6.03 -32.58
N ASP A 308 0.42 6.23 -33.42
CA ASP A 308 0.21 6.39 -34.85
C ASP A 308 0.32 5.06 -35.61
N GLY A 309 0.03 3.94 -34.97
CA GLY A 309 0.04 2.66 -35.63
C GLY A 309 1.34 1.90 -35.41
N PRO A 310 1.32 0.59 -35.68
CA PRO A 310 2.54 -0.21 -35.51
C PRO A 310 3.59 0.05 -36.58
N GLU A 311 3.26 0.77 -37.65
CA GLU A 311 4.21 1.16 -38.68
C GLU A 311 4.78 2.56 -38.44
N ASN A 312 4.66 3.08 -37.22
CA ASN A 312 5.21 4.36 -36.84
C ASN A 312 5.99 4.20 -35.53
N GLN A 313 6.63 5.29 -35.10
CA GLN A 313 7.39 5.24 -33.86
C GLN A 313 6.45 5.22 -32.66
N PRO A 314 6.73 4.40 -31.66
CA PRO A 314 5.95 4.45 -30.42
C PRO A 314 6.34 5.65 -29.57
N ILE A 315 5.39 6.10 -28.75
CA ILE A 315 5.64 7.12 -27.77
C ILE A 315 5.72 6.46 -26.40
N GLU A 316 6.15 7.24 -25.40
CA GLU A 316 6.22 6.76 -24.02
C GLU A 316 5.19 7.49 -23.17
N ILE A 317 4.41 6.74 -22.40
CA ILE A 317 3.40 7.29 -21.52
C ILE A 317 3.83 7.03 -20.09
N ASP A 318 4.07 8.10 -19.35
CA ASP A 318 4.53 8.04 -17.96
C ASP A 318 3.33 8.22 -17.04
N PHE A 319 3.01 7.17 -16.28
CA PHE A 319 1.89 7.20 -15.33
C PHE A 319 2.34 7.57 -13.92
N THR A 320 3.56 8.10 -13.77
CA THR A 320 4.02 8.54 -12.45
C THR A 320 3.19 9.73 -12.00
N PRO A 321 2.62 9.69 -10.80
CA PRO A 321 1.80 10.82 -10.33
C PRO A 321 2.67 11.92 -9.73
N PRO A 322 2.13 13.15 -9.62
CA PRO A 322 0.79 13.56 -10.02
C PRO A 322 0.67 13.88 -11.51
N TYR A 323 -0.56 13.99 -11.98
CA TYR A 323 -0.83 14.37 -13.36
C TYR A 323 -1.27 15.84 -13.43
N PRO A 324 -1.02 16.51 -14.54
CA PRO A 324 -1.43 17.92 -14.65
C PRO A 324 -2.95 18.08 -14.69
N LYS A 325 -3.40 19.24 -14.20
CA LYS A 325 -4.80 19.64 -14.21
C LYS A 325 -4.93 20.89 -15.04
N VAL A 326 -5.88 20.89 -15.97
CA VAL A 326 -6.08 21.98 -16.92
C VAL A 326 -7.55 22.42 -16.85
N SER A 327 -7.77 23.65 -16.40
CA SER A 327 -9.11 24.22 -16.35
C SER A 327 -9.62 24.49 -17.76
N ILE A 328 -10.75 23.92 -18.13
CA ILE A 328 -11.16 23.91 -19.52
C ILE A 328 -11.38 25.34 -20.03
N VAL A 329 -12.16 26.15 -19.32
CA VAL A 329 -12.53 27.46 -19.87
C VAL A 329 -11.29 28.36 -19.97
N GLU A 330 -10.50 28.42 -18.91
CA GLU A 330 -9.36 29.32 -18.93
C GLU A 330 -8.28 28.84 -19.90
N GLU A 331 -8.24 27.55 -20.21
CA GLU A 331 -7.29 27.07 -21.20
C GLU A 331 -7.76 27.38 -22.62
N ILE A 332 -9.05 27.13 -22.92
CA ILE A 332 -9.60 27.56 -24.20
C ILE A 332 -9.37 29.04 -24.40
N GLU A 333 -9.52 29.83 -23.34
CA GLU A 333 -9.30 31.27 -23.45
C GLU A 333 -7.84 31.56 -23.75
N LYS A 334 -6.91 30.90 -23.03
CA LYS A 334 -5.50 31.18 -23.22
C LYS A 334 -5.03 30.78 -24.61
N VAL A 335 -5.41 29.59 -25.07
CA VAL A 335 -4.96 29.11 -26.38
C VAL A 335 -5.59 29.89 -27.51
N THR A 336 -6.68 30.62 -27.27
CA THR A 336 -7.36 31.33 -28.34
C THR A 336 -7.40 32.84 -28.13
N ASN A 337 -6.93 33.33 -26.99
CA ASN A 337 -6.99 34.75 -26.64
C ASN A 337 -8.37 35.34 -26.89
N THR A 338 -9.39 34.60 -26.48
CA THR A 338 -10.72 35.16 -26.30
C THR A 338 -11.07 35.12 -24.83
N ILE A 339 -12.14 35.82 -24.49
CA ILE A 339 -12.76 35.73 -23.17
C ILE A 339 -14.16 35.21 -23.39
N LEU A 340 -14.48 34.09 -22.75
CA LEU A 340 -15.81 33.50 -22.87
C LEU A 340 -16.64 33.98 -21.69
N GLU A 341 -17.41 35.03 -21.92
CA GLU A 341 -18.21 35.65 -20.87
C GLU A 341 -19.39 34.76 -20.50
N GLN A 342 -19.77 34.84 -19.24
CA GLN A 342 -20.95 34.11 -18.78
C GLN A 342 -22.20 34.98 -18.91
N PRO A 343 -23.38 34.39 -19.13
CA PRO A 343 -23.60 32.94 -19.26
C PRO A 343 -23.06 32.34 -20.55
N PHE A 344 -22.55 31.11 -20.46
CA PHE A 344 -21.96 30.48 -21.63
C PHE A 344 -23.00 30.13 -22.70
N ASP A 345 -24.28 30.13 -22.34
CA ASP A 345 -25.34 29.85 -23.30
C ASP A 345 -26.04 31.11 -23.78
N SER A 346 -25.47 32.28 -23.51
CA SER A 346 -25.97 33.51 -24.09
C SER A 346 -25.65 33.55 -25.58
N ASN A 347 -26.49 34.28 -26.32
CA ASN A 347 -26.27 34.43 -27.76
C ASN A 347 -24.89 35.00 -28.06
N GLU A 348 -24.42 35.93 -27.22
CA GLU A 348 -23.12 36.54 -27.45
C GLU A 348 -21.98 35.53 -27.31
N THR A 349 -22.00 34.71 -26.26
CA THR A 349 -20.93 33.74 -26.08
C THR A 349 -21.04 32.58 -27.07
N ILE A 350 -22.27 32.20 -27.43
CA ILE A 350 -22.44 31.17 -28.46
C ILE A 350 -21.89 31.65 -29.79
N GLU A 351 -22.21 32.89 -30.17
CA GLU A 351 -21.74 33.40 -31.46
C GLU A 351 -20.21 33.50 -31.48
N LYS A 352 -19.61 33.88 -30.36
CA LYS A 352 -18.14 33.97 -30.32
C LYS A 352 -17.51 32.59 -30.44
N MET A 353 -18.11 31.57 -29.80
CA MET A 353 -17.61 30.21 -29.95
C MET A 353 -17.84 29.70 -31.37
N ILE A 354 -18.96 30.08 -31.99
CA ILE A 354 -19.21 29.68 -33.37
C ILE A 354 -18.17 30.32 -34.31
N ASN A 355 -17.88 31.61 -34.10
CA ASN A 355 -16.97 32.29 -35.00
C ASN A 355 -15.53 31.81 -34.81
N ILE A 356 -15.13 31.45 -33.59
CA ILE A 356 -13.79 30.92 -33.42
C ILE A 356 -13.68 29.52 -34.02
N ILE A 357 -14.78 28.75 -34.00
CA ILE A 357 -14.80 27.48 -34.71
C ILE A 357 -14.63 27.70 -36.20
N LYS A 358 -15.39 28.67 -36.74
CA LYS A 358 -15.25 29.01 -38.15
C LYS A 358 -13.86 29.57 -38.47
N GLU A 359 -13.26 30.28 -37.51
CA GLU A 359 -11.93 30.86 -37.76
C GLU A 359 -10.89 29.78 -38.01
N HIS A 360 -10.90 28.72 -37.21
CA HIS A 360 -9.92 27.65 -37.31
C HIS A 360 -10.33 26.55 -38.29
N LYS A 361 -11.37 26.77 -39.09
CA LYS A 361 -11.86 25.79 -40.06
C LYS A 361 -12.17 24.46 -39.38
N ILE A 362 -12.81 24.54 -38.22
CA ILE A 362 -13.16 23.35 -37.46
C ILE A 362 -14.57 22.91 -37.85
N GLU A 363 -14.87 21.64 -37.58
CA GLU A 363 -16.20 21.11 -37.83
C GLU A 363 -17.20 21.70 -36.84
N LEU A 364 -18.36 22.13 -37.34
CA LEU A 364 -19.33 22.80 -36.50
C LEU A 364 -20.42 21.84 -36.04
N PRO A 365 -20.68 21.75 -34.74
CA PRO A 365 -21.68 20.78 -34.26
C PRO A 365 -23.09 21.13 -34.68
N ASN A 366 -23.89 20.09 -34.92
CA ASN A 366 -25.30 20.22 -35.24
C ASN A 366 -26.09 19.36 -34.27
N PRO A 367 -26.86 19.95 -33.33
CA PRO A 367 -27.09 21.40 -33.17
C PRO A 367 -25.95 22.12 -32.44
N PRO A 368 -25.71 23.39 -32.78
CA PRO A 368 -24.60 24.15 -32.15
C PRO A 368 -24.99 24.76 -30.81
N THR A 369 -25.31 23.89 -29.85
CA THR A 369 -25.57 24.32 -28.48
C THR A 369 -24.26 24.71 -27.80
N ALA A 370 -24.38 25.46 -26.70
CA ALA A 370 -23.18 25.91 -26.00
C ALA A 370 -22.37 24.75 -25.47
N ALA A 371 -23.03 23.73 -24.91
CA ALA A 371 -22.29 22.57 -24.43
C ALA A 371 -21.56 21.87 -25.57
N LYS A 372 -22.24 21.67 -26.71
CA LYS A 372 -21.60 21.05 -27.86
C LYS A 372 -20.45 21.90 -28.39
N LEU A 373 -20.62 23.22 -28.40
CA LEU A 373 -19.55 24.10 -28.84
C LEU A 373 -18.34 24.01 -27.91
N LEU A 374 -18.57 24.09 -26.59
CA LEU A 374 -17.47 23.98 -25.64
C LEU A 374 -16.74 22.65 -25.78
N ASP A 375 -17.49 21.57 -26.01
CA ASP A 375 -16.89 20.25 -26.21
C ASP A 375 -15.96 20.25 -27.41
N GLN A 376 -16.43 20.75 -28.55
CA GLN A 376 -15.61 20.78 -29.75
C GLN A 376 -14.36 21.63 -29.53
N LEU A 377 -14.49 22.75 -28.82
CA LEU A 377 -13.33 23.61 -28.59
C LEU A 377 -12.30 22.91 -27.71
N ALA A 378 -12.75 22.20 -26.67
CA ALA A 378 -11.82 21.43 -25.85
C ALA A 378 -11.17 20.32 -26.67
N SER A 379 -11.96 19.68 -27.54
CA SER A 379 -11.43 18.57 -28.34
C SER A 379 -10.32 19.04 -29.26
N HIS A 380 -10.50 20.19 -29.90
CA HIS A 380 -9.52 20.69 -30.86
C HIS A 380 -8.35 21.41 -30.21
N PHE A 381 -8.52 21.96 -29.00
CA PHE A 381 -7.53 22.86 -28.42
C PHE A 381 -6.88 22.38 -27.13
N ILE A 382 -7.50 21.47 -26.38
CA ILE A 382 -6.99 21.03 -25.08
C ILE A 382 -6.66 19.54 -25.07
N GLU A 383 -7.57 18.72 -25.60
CA GLU A 383 -7.54 17.30 -25.30
C GLU A 383 -6.26 16.61 -25.78
N ASN A 384 -5.51 17.21 -26.69
CA ASN A 384 -4.21 16.70 -27.09
C ASN A 384 -3.07 17.61 -26.61
N LYS A 385 -3.25 18.27 -25.48
CA LYS A 385 -2.18 19.07 -24.90
C LYS A 385 -1.00 18.19 -24.45
N TYR A 386 -1.30 17.09 -23.76
CA TYR A 386 -0.29 16.18 -23.25
C TYR A 386 -0.47 14.82 -23.91
N ASN A 387 0.63 14.22 -24.36
CA ASN A 387 0.67 12.83 -24.79
C ASN A 387 1.65 11.98 -24.00
N ASP A 388 2.64 12.59 -23.36
CA ASP A 388 3.64 11.86 -22.60
C ASP A 388 3.13 11.36 -21.25
N LYS A 389 1.91 11.72 -20.88
CA LYS A 389 1.36 11.34 -19.59
C LYS A 389 -0.15 11.56 -19.61
N PRO A 390 -0.90 10.83 -18.80
CA PRO A 390 -2.31 11.19 -18.62
C PRO A 390 -2.43 12.56 -17.99
N PHE A 391 -3.55 13.22 -18.24
CA PHE A 391 -3.81 14.49 -17.59
C PHE A 391 -5.31 14.71 -17.45
N PHE A 392 -5.65 15.68 -16.60
CA PHE A 392 -7.02 15.97 -16.22
C PHE A 392 -7.47 17.30 -16.83
N ILE A 393 -8.66 17.31 -17.41
CA ILE A 393 -9.38 18.54 -17.70
C ILE A 393 -10.42 18.74 -16.61
N VAL A 394 -10.49 19.94 -16.03
CA VAL A 394 -11.23 20.15 -14.80
C VAL A 394 -12.14 21.36 -14.88
N GLU A 395 -13.10 21.40 -13.97
CA GLU A 395 -13.93 22.58 -13.70
C GLU A 395 -14.80 22.95 -14.91
N HIS A 396 -15.47 21.95 -15.48
CA HIS A 396 -16.36 22.17 -16.61
C HIS A 396 -17.52 23.09 -16.22
N PRO A 397 -17.96 23.93 -17.15
CA PRO A 397 -19.19 24.72 -16.94
C PRO A 397 -20.39 23.87 -16.54
N GLN A 398 -21.29 24.51 -15.80
CA GLN A 398 -22.53 23.85 -15.38
C GLN A 398 -23.38 23.45 -16.56
N ILE A 399 -23.35 24.24 -17.64
CA ILE A 399 -24.18 23.91 -18.81
C ILE A 399 -23.72 22.64 -19.51
N MET A 400 -22.49 22.18 -19.26
CA MET A 400 -22.01 20.91 -19.78
C MET A 400 -22.16 19.76 -18.79
N SER A 401 -22.65 20.01 -17.57
CA SER A 401 -22.53 19.05 -16.48
C SER A 401 -23.78 19.11 -15.62
N PRO A 402 -24.93 18.66 -16.15
CA PRO A 402 -26.20 18.86 -15.43
C PRO A 402 -26.32 18.08 -14.13
N LEU A 403 -25.45 17.09 -13.88
CA LEU A 403 -25.50 16.32 -12.66
C LEU A 403 -24.32 16.59 -11.72
N ALA A 404 -23.49 17.59 -12.04
CA ALA A 404 -22.30 17.88 -11.24
C ALA A 404 -22.57 19.06 -10.33
N LYS A 405 -21.95 19.05 -9.13
CA LYS A 405 -22.24 20.09 -8.16
C LYS A 405 -21.52 21.38 -8.54
N TYR A 406 -22.18 22.51 -8.29
CA TYR A 406 -21.60 23.81 -8.60
C TYR A 406 -20.28 24.00 -7.85
N HIS A 407 -19.36 24.70 -8.50
CA HIS A 407 -18.04 24.94 -7.96
C HIS A 407 -18.15 25.86 -6.74
N ARG A 408 -17.51 25.47 -5.64
CA ARG A 408 -17.74 26.19 -4.39
C ARG A 408 -17.15 27.59 -4.38
N THR A 409 -16.20 27.91 -5.27
CA THR A 409 -15.67 29.28 -5.35
C THR A 409 -15.70 29.89 -6.74
N LYS A 410 -15.98 29.14 -7.79
CA LYS A 410 -15.88 29.68 -9.14
C LYS A 410 -17.25 29.70 -9.78
N PRO A 411 -17.88 30.87 -9.94
CA PRO A 411 -19.26 30.90 -10.45
C PRO A 411 -19.36 30.32 -11.86
N GLY A 412 -20.43 29.57 -12.09
CA GLY A 412 -20.73 29.01 -13.39
C GLY A 412 -20.05 27.70 -13.72
N LEU A 413 -19.04 27.28 -12.95
CA LEU A 413 -18.33 26.02 -13.19
C LEU A 413 -18.80 24.95 -12.20
N THR A 414 -18.32 23.72 -12.40
CA THR A 414 -18.60 22.60 -11.52
C THR A 414 -17.30 21.99 -11.02
N GLU A 415 -17.44 21.10 -10.02
CA GLU A 415 -16.30 20.38 -9.44
C GLU A 415 -16.10 19.05 -10.17
N ARG A 416 -15.69 19.16 -11.44
CA ARG A 416 -15.62 18.04 -12.36
C ARG A 416 -14.20 17.82 -12.87
N LEU A 417 -13.89 16.58 -13.19
CA LEU A 417 -12.61 16.17 -13.75
C LEU A 417 -12.83 15.10 -14.80
N GLU A 418 -12.10 15.20 -15.91
CA GLU A 418 -12.02 14.11 -16.87
C GLU A 418 -10.54 13.81 -17.13
N MET A 419 -10.18 12.53 -17.19
CA MET A 419 -8.79 12.15 -17.44
C MET A 419 -8.65 11.62 -18.85
N PHE A 420 -7.63 12.10 -19.55
CA PHE A 420 -7.34 11.73 -20.93
C PHE A 420 -5.99 11.02 -21.01
N ILE A 421 -5.94 9.99 -21.86
CA ILE A 421 -4.69 9.34 -22.24
C ILE A 421 -4.60 9.45 -23.76
N CYS A 422 -3.51 10.05 -24.25
CA CYS A 422 -3.26 10.22 -25.68
C CYS A 422 -4.46 10.85 -26.39
N GLY A 423 -5.06 11.82 -25.74
CA GLY A 423 -6.20 12.52 -26.33
C GLY A 423 -7.53 11.81 -26.24
N LYS A 424 -7.61 10.70 -25.50
CA LYS A 424 -8.83 9.92 -25.42
C LYS A 424 -9.36 9.93 -23.98
N GLU A 425 -10.64 10.22 -23.83
CA GLU A 425 -11.25 10.27 -22.50
C GLU A 425 -11.43 8.85 -21.95
N VAL A 426 -10.85 8.58 -20.77
CA VAL A 426 -10.97 7.30 -20.09
C VAL A 426 -11.63 7.41 -18.71
N LEU A 427 -11.84 8.62 -18.20
CA LEU A 427 -12.37 8.82 -16.85
C LEU A 427 -13.21 10.10 -16.80
N ASN A 428 -14.29 10.07 -16.01
CA ASN A 428 -15.18 11.21 -15.83
C ASN A 428 -15.72 11.17 -14.40
N ALA A 429 -15.55 12.25 -13.64
CA ALA A 429 -15.87 12.22 -12.21
C ALA A 429 -16.29 13.60 -11.73
N TYR A 430 -17.04 13.65 -10.62
CA TYR A 430 -17.30 14.96 -10.02
C TYR A 430 -17.91 14.83 -8.63
N THR A 431 -17.79 15.93 -7.87
CA THR A 431 -18.69 16.16 -6.73
C THR A 431 -20.12 16.14 -7.23
N GLU A 432 -20.95 15.29 -6.63
CA GLU A 432 -22.29 15.05 -7.15
C GLU A 432 -23.24 16.15 -6.71
N LEU A 433 -24.02 16.67 -7.66
CA LEU A 433 -25.11 17.58 -7.32
C LEU A 433 -26.14 16.84 -6.46
N ASN A 434 -26.39 17.34 -5.25
CA ASN A 434 -27.34 16.65 -4.36
C ASN A 434 -28.50 17.53 -3.92
N ASP A 435 -28.59 18.78 -4.39
CA ASP A 435 -29.74 19.65 -4.08
C ASP A 435 -30.83 19.40 -5.11
N PRO A 436 -31.95 18.77 -4.74
CA PRO A 436 -32.99 18.51 -5.75
C PRO A 436 -33.51 19.78 -6.40
N PHE A 437 -33.48 20.92 -5.71
CA PHE A 437 -33.94 22.16 -6.30
C PHE A 437 -33.11 22.55 -7.52
N LYS A 438 -31.79 22.36 -7.43
CA LYS A 438 -30.92 22.65 -8.57
C LYS A 438 -30.94 21.54 -9.62
N GLN A 439 -31.33 20.32 -9.24
CA GLN A 439 -31.28 19.21 -10.19
C GLN A 439 -32.38 19.31 -11.23
N LYS A 440 -33.60 19.66 -10.79
CA LYS A 440 -34.71 19.80 -11.72
C LYS A 440 -34.50 20.97 -12.66
N GLU A 441 -33.87 22.04 -12.17
CA GLU A 441 -33.54 23.17 -13.05
C GLU A 441 -32.56 22.75 -14.13
N CYS A 442 -31.58 21.94 -13.77
CA CYS A 442 -30.66 21.37 -14.75
C CYS A 442 -31.42 20.49 -15.74
N ASP A 461 -35.47 11.89 -15.14
CA ASP A 461 -35.91 10.75 -14.34
C ASP A 461 -36.66 11.20 -13.09
N SER A 462 -37.97 10.92 -13.06
CA SER A 462 -38.78 11.33 -11.91
C SER A 462 -38.45 10.51 -10.67
N ALA A 463 -38.16 9.22 -10.85
CA ALA A 463 -37.82 8.40 -9.68
C ALA A 463 -36.48 8.82 -9.08
N PHE A 464 -35.53 9.23 -9.93
CA PHE A 464 -34.25 9.74 -9.42
C PHE A 464 -34.44 11.07 -8.71
N CYS A 465 -35.25 11.96 -9.29
CA CYS A 465 -35.47 13.26 -8.67
C CYS A 465 -36.16 13.12 -7.32
N THR A 466 -37.08 12.16 -7.21
CA THR A 466 -37.75 11.91 -5.93
C THR A 466 -36.77 11.37 -4.88
N SER A 467 -35.84 10.48 -5.30
CA SER A 467 -34.89 9.93 -4.34
C SER A 467 -34.00 11.02 -3.75
N LEU A 468 -33.62 12.01 -4.56
CA LEU A 468 -32.85 13.14 -4.04
C LEU A 468 -33.65 13.90 -2.98
N GLU A 469 -34.97 13.93 -3.08
CA GLU A 469 -35.76 14.61 -2.06
C GLU A 469 -35.69 13.90 -0.71
N TYR A 470 -35.18 12.67 -0.64
CA TYR A 470 -35.05 11.99 0.63
C TYR A 470 -33.68 12.20 1.29
N GLY A 471 -32.80 12.96 0.65
CA GLY A 471 -31.49 13.28 1.19
C GLY A 471 -30.38 12.43 0.60
N LEU A 472 -29.69 12.95 -0.41
CA LEU A 472 -28.46 12.37 -0.89
C LEU A 472 -27.31 13.04 -0.14
N PRO A 473 -26.52 12.30 0.64
CA PRO A 473 -25.39 12.92 1.33
C PRO A 473 -24.44 13.54 0.32
N PRO A 474 -23.59 14.48 0.74
CA PRO A 474 -22.51 14.91 -0.15
C PRO A 474 -21.70 13.69 -0.57
N THR A 475 -21.36 13.62 -1.86
CA THR A 475 -20.88 12.38 -2.48
C THR A 475 -19.95 12.72 -3.65
N GLY A 476 -18.94 11.87 -3.85
CA GLY A 476 -18.12 11.91 -5.05
C GLY A 476 -18.27 10.65 -5.88
N GLY A 477 -18.51 10.78 -7.18
CA GLY A 477 -18.65 9.61 -8.04
C GLY A 477 -17.74 9.70 -9.25
N LEU A 478 -17.47 8.53 -9.83
CA LEU A 478 -16.44 8.41 -10.86
C LEU A 478 -16.77 7.26 -11.82
N GLY A 479 -16.53 7.50 -13.10
CA GLY A 479 -16.69 6.46 -14.12
C GLY A 479 -15.42 6.23 -14.92
N LEU A 480 -15.22 4.97 -15.34
CA LEU A 480 -14.08 4.56 -16.13
C LEU A 480 -14.54 3.87 -17.40
N GLY A 481 -13.86 4.14 -18.52
CA GLY A 481 -14.07 3.37 -19.73
C GLY A 481 -13.10 2.21 -19.81
N ILE A 482 -13.56 0.99 -19.46
CA ILE A 482 -12.64 -0.15 -19.32
C ILE A 482 -11.96 -0.51 -20.64
N ASP A 483 -12.70 -0.50 -21.74
CA ASP A 483 -12.13 -0.89 -23.03
C ASP A 483 -11.01 0.07 -23.45
N ARG A 484 -11.26 1.38 -23.37
CA ARG A 484 -10.24 2.35 -23.77
C ARG A 484 -9.00 2.24 -22.90
N ILE A 485 -9.17 2.01 -21.60
CA ILE A 485 -8.01 1.78 -20.73
C ILE A 485 -7.24 0.55 -21.20
N THR A 486 -7.96 -0.53 -21.53
CA THR A 486 -7.30 -1.75 -22.00
C THR A 486 -6.51 -1.48 -23.27
N MET A 487 -7.06 -0.65 -24.17
CA MET A 487 -6.36 -0.32 -25.41
C MET A 487 -4.97 0.23 -25.12
N PHE A 488 -4.87 1.19 -24.20
CA PHE A 488 -3.58 1.80 -23.95
C PHE A 488 -2.63 0.85 -23.25
N LEU A 489 -3.14 -0.06 -22.42
CA LEU A 489 -2.27 -0.96 -21.67
C LEU A 489 -1.97 -2.26 -22.42
N THR A 490 -2.57 -2.47 -23.60
CA THR A 490 -2.23 -3.60 -24.46
C THR A 490 -1.64 -3.16 -25.79
N ASN A 491 -1.34 -1.86 -25.94
CA ASN A 491 -0.79 -1.28 -27.16
C ASN A 491 -1.67 -1.52 -28.38
N LYS A 492 -2.95 -1.15 -28.26
CA LYS A 492 -3.91 -1.27 -29.36
C LYS A 492 -4.44 0.09 -29.77
N ASN A 493 -4.63 0.26 -31.08
CA ASN A 493 -5.12 1.49 -31.69
C ASN A 493 -6.62 1.47 -31.93
N SER A 494 -7.25 0.30 -31.85
CA SER A 494 -8.66 0.15 -32.14
C SER A 494 -9.34 -0.61 -31.00
N ILE A 495 -10.52 -0.15 -30.62
CA ILE A 495 -11.32 -0.82 -29.60
C ILE A 495 -11.72 -2.22 -30.05
N LYS A 496 -11.77 -2.47 -31.36
CA LYS A 496 -12.09 -3.81 -31.84
C LYS A 496 -11.07 -4.84 -31.40
N ASP A 497 -9.86 -4.40 -31.06
CA ASP A 497 -8.79 -5.30 -30.66
C ASP A 497 -8.85 -5.71 -29.20
N VAL A 498 -9.68 -5.07 -28.38
CA VAL A 498 -9.80 -5.43 -26.98
C VAL A 498 -11.18 -5.95 -26.62
N ILE A 499 -12.07 -6.12 -27.59
CA ILE A 499 -13.39 -6.70 -27.39
C ILE A 499 -13.41 -8.01 -28.17
N LEU A 500 -13.83 -9.11 -27.51
CA LEU A 500 -13.75 -10.41 -28.18
C LEU A 500 -14.60 -10.45 -29.45
N PHE A 501 -15.84 -9.97 -29.39
CA PHE A 501 -16.72 -9.93 -30.55
C PHE A 501 -17.26 -8.53 -30.78
N PRO A 502 -16.48 -7.65 -31.40
CA PRO A 502 -16.94 -6.27 -31.61
C PRO A 502 -18.06 -6.20 -32.64
N THR A 503 -18.84 -5.13 -32.55
CA THR A 503 -19.92 -4.89 -33.51
C THR A 503 -19.33 -4.59 -34.88
N MET A 504 -19.68 -5.40 -35.88
CA MET A 504 -19.22 -5.23 -37.25
C MET A 504 -20.40 -4.94 -38.18
N ARG A 505 -20.10 -4.33 -39.32
CA ARG A 505 -21.09 -4.27 -40.40
C ARG A 505 -21.39 -5.67 -40.87
N PRO A 506 -22.66 -6.07 -40.98
CA PRO A 506 -22.97 -7.46 -41.33
C PRO A 506 -22.50 -7.82 -42.72
N ALA A 507 -22.07 -9.07 -42.88
CA ALA A 507 -21.61 -9.59 -44.16
C ALA A 507 -22.80 -10.09 -44.99
N ASP B 4 -49.83 15.50 7.62
CA ASP B 4 -50.03 15.29 6.19
C ASP B 4 -48.71 15.40 5.44
N PRO B 5 -48.36 14.33 4.71
CA PRO B 5 -47.05 14.31 4.03
C PRO B 5 -46.84 15.45 3.05
N ARG B 6 -47.89 15.86 2.33
CA ARG B 6 -47.73 16.87 1.30
C ARG B 6 -47.39 18.23 1.91
N LEU B 7 -48.11 18.62 2.97
CA LEU B 7 -47.76 19.85 3.67
C LEU B 7 -46.37 19.75 4.28
N TYR B 8 -46.06 18.61 4.89
CA TYR B 8 -44.71 18.37 5.42
C TYR B 8 -43.65 18.70 4.37
N PHE B 9 -43.78 18.13 3.17
CA PHE B 9 -42.78 18.35 2.13
C PHE B 9 -42.70 19.82 1.74
N GLU B 10 -43.83 20.52 1.74
CA GLU B 10 -43.85 21.92 1.35
C GLU B 10 -43.16 22.79 2.39
N ASN B 11 -43.42 22.53 3.68
CA ASN B 11 -42.73 23.26 4.73
C ASN B 11 -41.24 23.01 4.69
N ARG B 12 -40.83 21.77 4.40
CA ARG B 12 -39.41 21.46 4.35
C ARG B 12 -38.74 22.14 3.16
N SER B 13 -39.39 22.16 1.99
CA SER B 13 -38.82 22.87 0.86
C SER B 13 -38.70 24.37 1.14
N LYS B 14 -39.74 24.96 1.73
CA LYS B 14 -39.67 26.36 2.13
C LYS B 14 -38.52 26.59 3.10
N PHE B 15 -38.32 25.66 4.04
CA PHE B 15 -37.21 25.77 4.99
C PHE B 15 -35.88 25.83 4.26
N ILE B 16 -35.70 24.98 3.24
CA ILE B 16 -34.47 25.00 2.44
C ILE B 16 -34.27 26.37 1.83
N GLN B 17 -35.32 26.91 1.19
CA GLN B 17 -35.22 28.20 0.54
C GLN B 17 -34.94 29.31 1.55
N ASP B 18 -35.62 29.26 2.70
CA ASP B 18 -35.42 30.29 3.72
C ASP B 18 -34.02 30.22 4.33
N GLN B 19 -33.46 29.01 4.44
CA GLN B 19 -32.09 28.89 4.95
C GLN B 19 -31.10 29.51 3.96
N LYS B 20 -31.32 29.28 2.67
CA LYS B 20 -30.47 29.91 1.65
C LYS B 20 -30.59 31.42 1.70
N ASP B 21 -31.81 31.93 1.87
CA ASP B 21 -32.02 33.38 1.92
C ASP B 21 -31.31 34.02 3.11
N LYS B 22 -31.12 33.30 4.22
CA LYS B 22 -30.42 33.82 5.40
C LYS B 22 -28.95 33.63 5.32
N GLY B 23 -28.48 33.03 4.26
CA GLY B 23 -27.05 32.93 4.05
C GLY B 23 -26.43 31.58 4.35
N ILE B 24 -27.20 30.64 4.88
CA ILE B 24 -26.68 29.32 5.23
C ILE B 24 -26.78 28.41 4.01
N ASN B 25 -25.74 27.58 3.81
CA ASN B 25 -25.75 26.59 2.74
C ASN B 25 -26.32 25.30 3.31
N PRO B 26 -27.53 24.89 2.93
CA PRO B 26 -28.11 23.66 3.46
C PRO B 26 -27.54 22.39 2.83
N TYR B 27 -26.70 22.52 1.80
CA TYR B 27 -26.03 21.38 1.17
C TYR B 27 -24.54 21.67 1.05
N PRO B 28 -23.79 21.56 2.14
CA PRO B 28 -22.34 21.86 2.09
C PRO B 28 -21.58 20.90 1.17
N HIS B 29 -20.48 21.42 0.60
CA HIS B 29 -19.72 20.61 -0.38
C HIS B 29 -18.98 19.46 0.27
N LYS B 30 -18.37 19.68 1.43
CA LYS B 30 -17.48 18.67 1.99
C LYS B 30 -17.45 18.76 3.51
N PHE B 31 -17.62 17.62 4.16
CA PHE B 31 -17.38 17.46 5.59
C PHE B 31 -16.36 16.35 5.72
N GLU B 32 -15.25 16.60 6.41
CA GLU B 32 -14.18 15.63 6.51
C GLU B 32 -14.39 14.75 7.73
N ARG B 33 -14.89 13.55 7.49
CA ARG B 33 -15.19 12.58 8.54
C ARG B 33 -13.90 11.98 9.12
N THR B 34 -13.89 11.76 10.42
CA THR B 34 -12.76 11.12 11.10
C THR B 34 -12.92 9.61 11.19
N ILE B 35 -14.15 9.13 11.35
CA ILE B 35 -14.41 7.75 11.71
C ILE B 35 -15.78 7.38 11.18
N SER B 36 -15.94 6.13 10.77
CA SER B 36 -17.26 5.65 10.38
C SER B 36 -18.00 5.14 11.62
N ILE B 37 -19.31 4.95 11.46
CA ILE B 37 -20.14 4.49 12.57
C ILE B 37 -19.77 3.06 12.94
N PRO B 38 -19.55 2.13 12.00
CA PRO B 38 -19.04 0.81 12.41
C PRO B 38 -17.69 0.89 13.12
N GLU B 39 -16.77 1.72 12.63
CA GLU B 39 -15.51 1.91 13.32
C GLU B 39 -15.73 2.48 14.72
N PHE B 40 -16.64 3.44 14.85
CA PHE B 40 -16.92 4.05 16.14
C PHE B 40 -17.39 3.01 17.16
N ILE B 41 -18.28 2.11 16.73
CA ILE B 41 -18.81 1.11 17.64
C ILE B 41 -17.71 0.15 18.08
N GLU B 42 -16.83 -0.25 17.14
CA GLU B 42 -15.75 -1.16 17.46
C GLU B 42 -14.75 -0.54 18.44
N LYS B 43 -14.36 0.67 18.21
CA LYS B 43 -13.40 1.34 19.05
C LYS B 43 -13.82 1.67 20.48
N TYR B 44 -15.07 2.02 20.64
CA TYR B 44 -15.54 2.55 21.91
C TYR B 44 -16.62 1.69 22.54
N LYS B 45 -16.76 0.44 22.10
CA LYS B 45 -17.73 -0.46 22.72
C LYS B 45 -17.37 -0.78 24.17
N ASP B 46 -16.07 -0.87 24.47
CA ASP B 46 -15.59 -1.31 25.78
C ASP B 46 -15.63 -0.22 26.84
N LEU B 47 -16.20 0.95 26.55
CA LEU B 47 -16.26 2.02 27.53
C LEU B 47 -17.20 1.65 28.67
N GLY B 48 -16.93 2.23 29.85
CA GLY B 48 -17.78 2.01 30.99
C GLY B 48 -19.02 2.88 30.96
N ASN B 49 -20.06 2.43 31.65
CA ASN B 49 -21.31 3.17 31.71
C ASN B 49 -21.08 4.54 32.36
N GLY B 50 -21.32 5.60 31.60
CA GLY B 50 -21.09 6.94 32.08
C GLY B 50 -19.72 7.51 31.79
N GLU B 51 -18.84 6.74 31.16
CA GLU B 51 -17.50 7.23 30.84
C GLU B 51 -17.54 8.14 29.61
N HIS B 52 -16.86 9.27 29.71
CA HIS B 52 -16.69 10.21 28.61
C HIS B 52 -15.21 10.34 28.28
N LEU B 53 -14.90 10.48 27.00
CA LEU B 53 -13.55 10.85 26.56
C LEU B 53 -13.65 12.22 25.91
N GLU B 54 -13.66 13.27 26.75
CA GLU B 54 -13.95 14.62 26.29
C GLU B 54 -12.75 15.28 25.61
N ASP B 55 -11.55 14.71 25.74
CA ASP B 55 -10.40 15.20 25.02
C ASP B 55 -10.31 14.67 23.60
N THR B 56 -11.11 13.67 23.26
CA THR B 56 -11.09 13.05 21.94
C THR B 56 -12.21 13.65 21.10
N ILE B 57 -11.85 14.54 20.17
CA ILE B 57 -12.81 15.22 19.32
C ILE B 57 -12.83 14.52 17.96
N LEU B 58 -14.00 14.10 17.52
CA LEU B 58 -14.17 13.33 16.30
C LEU B 58 -15.17 14.02 15.38
N ASN B 59 -14.99 13.82 14.08
CA ASN B 59 -15.96 14.23 13.08
C ASN B 59 -16.64 12.98 12.57
N ILE B 60 -17.97 12.93 12.71
CA ILE B 60 -18.73 11.74 12.34
C ILE B 60 -19.95 12.18 11.54
N THR B 61 -20.41 11.30 10.64
CA THR B 61 -21.61 11.59 9.84
C THR B 61 -22.56 10.40 9.91
N GLY B 62 -23.80 10.66 9.50
CA GLY B 62 -24.80 9.61 9.43
C GLY B 62 -26.18 10.21 9.21
N ARG B 63 -27.17 9.33 9.19
CA ARG B 63 -28.55 9.71 8.97
C ARG B 63 -29.31 9.68 10.29
N ILE B 64 -29.96 10.78 10.63
CA ILE B 64 -30.80 10.81 11.82
C ILE B 64 -32.02 9.95 11.58
N MET B 65 -32.32 9.05 12.52
CA MET B 65 -33.48 8.18 12.39
C MET B 65 -34.43 8.25 13.57
N ARG B 66 -34.18 9.10 14.56
CA ARG B 66 -35.09 9.26 15.69
C ARG B 66 -34.74 10.56 16.39
N VAL B 67 -35.78 11.28 16.80
CA VAL B 67 -35.65 12.59 17.42
C VAL B 67 -36.45 12.60 18.72
N SER B 68 -35.79 12.97 19.83
CA SER B 68 -36.48 13.12 21.11
C SER B 68 -35.78 14.18 21.94
N ALA B 69 -36.47 14.64 22.98
CA ALA B 69 -35.96 15.71 23.82
C ALA B 69 -36.30 15.42 25.27
N SER B 70 -35.45 15.90 26.17
CA SER B 70 -35.68 15.87 27.61
C SER B 70 -35.42 17.29 28.13
N GLY B 71 -36.46 18.13 28.10
CA GLY B 71 -36.31 19.48 28.59
C GLY B 71 -35.74 20.41 27.53
N GLN B 72 -35.12 21.48 28.00
CA GLN B 72 -34.59 22.52 27.13
C GLN B 72 -33.10 22.36 26.84
N LYS B 73 -32.38 21.53 27.60
CA LYS B 73 -30.92 21.44 27.49
C LYS B 73 -30.44 20.08 27.00
N LEU B 74 -31.34 19.16 26.70
CA LEU B 74 -30.95 17.79 26.33
C LEU B 74 -31.75 17.35 25.11
N ARG B 75 -31.04 16.98 24.04
CA ARG B 75 -31.64 16.45 22.83
C ARG B 75 -30.96 15.14 22.48
N PHE B 76 -31.78 14.15 22.08
CA PHE B 76 -31.32 12.80 21.80
C PHE B 76 -31.69 12.40 20.37
N PHE B 77 -30.82 11.61 19.75
CA PHE B 77 -31.04 11.15 18.38
C PHE B 77 -30.47 9.74 18.20
N ASP B 78 -31.01 9.03 17.22
CA ASP B 78 -30.37 7.84 16.67
C ASP B 78 -29.63 8.25 15.39
N LEU B 79 -28.38 7.83 15.26
CA LEU B 79 -27.58 8.09 14.08
C LEU B 79 -27.18 6.75 13.48
N VAL B 80 -27.49 6.55 12.19
CA VAL B 80 -27.25 5.27 11.53
C VAL B 80 -26.33 5.47 10.33
N GLY B 81 -25.54 4.44 10.07
CA GLY B 81 -24.59 4.44 8.97
C GLY B 81 -24.06 3.05 8.71
N ASP B 82 -24.09 2.63 7.45
CA ASP B 82 -23.63 1.30 7.04
C ASP B 82 -24.34 0.20 7.83
N GLY B 83 -25.61 0.43 8.17
CA GLY B 83 -26.41 -0.57 8.81
C GLY B 83 -26.25 -0.68 10.31
N GLU B 84 -25.51 0.25 10.94
CA GLU B 84 -25.31 0.22 12.38
C GLU B 84 -25.76 1.56 12.96
N LYS B 85 -25.91 1.61 14.29
CA LYS B 85 -26.60 2.73 14.93
C LYS B 85 -25.93 3.09 16.24
N ILE B 86 -25.81 4.41 16.49
CA ILE B 86 -25.32 4.94 17.77
C ILE B 86 -26.28 6.05 18.19
N GLN B 87 -26.18 6.43 19.47
CA GLN B 87 -26.96 7.54 19.97
C GLN B 87 -26.17 8.84 19.82
N VAL B 88 -26.89 9.94 19.63
CA VAL B 88 -26.35 11.28 19.75
C VAL B 88 -26.97 11.91 21.00
N LEU B 89 -26.11 12.39 21.90
CA LEU B 89 -26.54 13.04 23.14
C LEU B 89 -26.04 14.48 23.11
N ALA B 90 -26.93 15.41 22.76
CA ALA B 90 -26.59 16.82 22.67
C ALA B 90 -26.96 17.50 23.99
N ASN B 91 -25.96 17.95 24.73
CA ASN B 91 -26.15 18.66 25.98
C ASN B 91 -25.79 20.13 25.77
N TYR B 92 -26.68 21.03 26.23
CA TYR B 92 -26.42 22.47 26.18
C TYR B 92 -25.05 22.81 26.75
N SER B 93 -24.59 22.07 27.76
CA SER B 93 -23.34 22.39 28.44
C SER B 93 -22.11 22.14 27.59
N PHE B 94 -22.21 21.29 26.58
CA PHE B 94 -21.08 21.01 25.68
C PHE B 94 -21.20 21.75 24.36
N HIS B 95 -22.30 22.47 24.15
CA HIS B 95 -22.56 23.11 22.86
C HIS B 95 -21.61 24.30 22.65
N ASN B 96 -21.07 24.41 21.44
CA ASN B 96 -20.29 25.58 21.06
C ASN B 96 -21.25 26.70 20.72
N HIS B 97 -21.48 27.62 21.65
CA HIS B 97 -22.44 28.69 21.43
C HIS B 97 -21.97 29.67 20.36
N GLU B 98 -20.70 29.67 20.01
CA GLU B 98 -20.23 30.58 18.97
C GLU B 98 -20.84 30.26 17.61
N LYS B 99 -21.38 29.05 17.42
CA LYS B 99 -21.97 28.65 16.15
C LYS B 99 -23.46 28.92 16.07
N GLY B 100 -24.13 29.20 17.17
CA GLY B 100 -25.54 29.54 17.13
C GLY B 100 -26.25 29.12 18.39
N ASN B 101 -27.53 29.44 18.44
CA ASN B 101 -28.37 29.06 19.56
C ASN B 101 -28.57 27.56 19.59
N PHE B 102 -28.43 26.97 20.79
CA PHE B 102 -28.54 25.51 20.93
C PHE B 102 -29.90 25.00 20.46
N ALA B 103 -30.97 25.54 21.04
CA ALA B 103 -32.31 25.07 20.70
C ALA B 103 -32.64 25.35 19.24
N GLU B 104 -32.23 26.50 18.71
CA GLU B 104 -32.48 26.80 17.30
C GLU B 104 -31.73 25.84 16.40
N CYS B 105 -30.53 25.52 16.78
CA CYS B 105 -29.79 24.55 16.00
C CYS B 105 -30.36 23.04 15.86
N TYR B 106 -30.84 22.61 17.02
CA TYR B 106 -31.35 21.26 17.05
C TYR B 106 -32.85 21.16 16.78
N ASP B 107 -33.60 22.27 16.93
CA ASP B 107 -35.00 22.27 16.53
C ASP B 107 -35.18 22.03 15.05
N LYS B 108 -34.15 22.35 14.25
CA LYS B 108 -34.25 22.21 12.80
C LYS B 108 -34.16 20.75 12.34
N ILE B 109 -33.44 19.91 13.08
CA ILE B 109 -33.20 18.54 12.65
C ILE B 109 -34.51 17.76 12.58
N ARG B 110 -34.63 16.93 11.55
CA ARG B 110 -35.79 16.05 11.39
C ARG B 110 -35.31 14.62 11.15
N ARG B 111 -36.20 13.67 11.43
CA ARG B 111 -35.92 12.28 11.08
C ARG B 111 -35.63 12.19 9.59
N GLY B 112 -34.48 11.60 9.25
CA GLY B 112 -34.04 11.44 7.87
C GLY B 112 -32.90 12.34 7.46
N ASP B 113 -32.67 13.44 8.17
CA ASP B 113 -31.60 14.36 7.80
C ASP B 113 -30.23 13.68 7.88
N ILE B 114 -29.39 13.97 6.90
CA ILE B 114 -27.97 13.61 6.97
C ILE B 114 -27.26 14.76 7.68
N VAL B 115 -26.47 14.43 8.70
CA VAL B 115 -25.79 15.46 9.47
C VAL B 115 -24.31 15.13 9.59
N GLY B 116 -23.54 16.15 9.96
CA GLY B 116 -22.14 15.97 10.35
C GLY B 116 -21.94 16.50 11.75
N ILE B 117 -21.24 15.76 12.60
CA ILE B 117 -21.16 16.05 14.03
C ILE B 117 -19.70 16.16 14.44
N VAL B 118 -19.37 17.23 15.16
CA VAL B 118 -18.10 17.38 15.87
C VAL B 118 -18.38 17.11 17.34
N GLY B 119 -17.73 16.11 17.92
CA GLY B 119 -18.06 15.74 19.29
C GLY B 119 -17.08 14.75 19.87
N PHE B 120 -17.41 14.26 21.07
CA PHE B 120 -16.56 13.30 21.76
C PHE B 120 -17.32 12.01 22.07
N PRO B 121 -16.61 10.88 22.20
CA PRO B 121 -17.29 9.60 22.45
C PRO B 121 -17.52 9.32 23.93
N GLY B 122 -18.55 8.51 24.18
CA GLY B 122 -18.87 8.10 25.53
C GLY B 122 -20.13 7.26 25.56
N LYS B 123 -20.52 6.89 26.78
CA LYS B 123 -21.76 6.16 27.03
C LYS B 123 -22.60 6.89 28.07
N SER B 124 -23.91 6.86 27.89
CA SER B 124 -24.81 7.51 28.82
C SER B 124 -24.86 6.74 30.14
N LYS B 125 -25.54 7.34 31.12
CA LYS B 125 -25.71 6.67 32.42
C LYS B 125 -26.40 5.33 32.24
N LYS B 126 -27.37 5.24 31.33
CA LYS B 126 -28.01 3.96 31.05
C LYS B 126 -27.04 2.96 30.40
N GLY B 127 -26.07 3.45 29.63
CA GLY B 127 -25.06 2.59 29.05
C GLY B 127 -25.08 2.52 27.54
N GLU B 128 -25.73 3.49 26.89
CA GLU B 128 -25.86 3.52 25.45
C GLU B 128 -24.68 4.28 24.84
N LEU B 129 -23.90 3.60 24.00
CA LEU B 129 -22.78 4.24 23.32
C LEU B 129 -23.27 5.43 22.50
N SER B 130 -22.60 6.57 22.64
CA SER B 130 -23.09 7.83 22.09
C SER B 130 -21.96 8.70 21.59
N ILE B 131 -22.31 9.60 20.68
CA ILE B 131 -21.47 10.74 20.34
C ILE B 131 -22.07 11.95 21.03
N PHE B 132 -21.20 12.73 21.69
CA PHE B 132 -21.63 13.93 22.40
C PHE B 132 -21.21 15.14 21.58
N PRO B 133 -22.11 15.73 20.80
CA PRO B 133 -21.70 16.81 19.90
C PRO B 133 -21.39 18.10 20.63
N LYS B 134 -20.43 18.84 20.07
CA LYS B 134 -20.25 20.27 20.31
C LYS B 134 -20.88 21.10 19.21
N GLU B 135 -21.05 20.51 18.04
CA GLU B 135 -21.63 21.18 16.88
C GLU B 135 -22.22 20.13 15.96
N THR B 136 -23.44 20.39 15.48
CA THR B 136 -24.11 19.53 14.53
C THR B 136 -24.47 20.36 13.31
N ILE B 137 -24.15 19.82 12.13
CA ILE B 137 -24.28 20.53 10.86
C ILE B 137 -25.21 19.71 9.96
N LEU B 138 -26.19 20.38 9.38
CA LEU B 138 -27.00 19.73 8.35
C LEU B 138 -26.16 19.57 7.08
N LEU B 139 -26.09 18.34 6.55
CA LEU B 139 -25.43 18.06 5.28
C LEU B 139 -26.43 17.84 4.14
N SER B 140 -27.56 17.18 4.41
CA SER B 140 -28.57 16.98 3.36
C SER B 140 -29.90 16.63 4.00
N ALA B 141 -30.90 17.49 3.84
CA ALA B 141 -32.20 17.28 4.47
C ALA B 141 -33.00 16.18 3.77
N CYS B 142 -33.78 15.43 4.56
CA CYS B 142 -34.84 14.59 4.01
C CYS B 142 -36.14 15.40 3.98
N LEU B 143 -36.60 15.73 2.77
CA LEU B 143 -37.74 16.64 2.63
C LEU B 143 -39.10 15.96 2.81
N HIS B 144 -39.17 14.63 2.70
CA HIS B 144 -40.39 13.87 2.93
C HIS B 144 -40.35 13.26 4.33
N MET B 145 -41.51 12.80 4.79
CA MET B 145 -41.58 12.01 6.00
C MET B 145 -41.16 10.57 5.68
N LEU B 146 -40.14 10.09 6.37
CA LEU B 146 -39.72 8.70 6.23
C LEU B 146 -40.78 7.80 6.88
N PRO B 147 -41.21 6.75 6.21
CA PRO B 147 -42.16 5.81 6.85
C PRO B 147 -41.46 4.98 7.92
N MET B 148 -42.28 4.48 8.84
CA MET B 148 -41.82 3.46 9.77
C MET B 148 -41.88 2.09 9.08
N LYS B 149 -41.43 1.05 9.80
CA LYS B 149 -41.42 -0.28 9.22
C LYS B 149 -42.80 -0.74 8.77
N TYR B 150 -43.86 -0.32 9.47
CA TYR B 150 -45.21 -0.76 9.11
C TYR B 150 -45.65 -0.15 7.79
N GLY B 151 -45.16 1.04 7.45
CA GLY B 151 -45.53 1.64 6.18
C GLY B 151 -44.93 0.94 4.98
N LEU B 152 -43.84 0.21 5.17
CA LEU B 152 -43.15 -0.50 4.10
C LEU B 152 -43.41 -1.99 4.10
N LYS B 153 -44.22 -2.50 5.02
CA LYS B 153 -44.31 -3.95 5.21
C LYS B 153 -44.90 -4.71 4.03
N ASP B 154 -46.21 -4.58 3.81
CA ASP B 154 -46.91 -5.36 2.79
C ASP B 154 -47.25 -4.49 1.59
N THR B 155 -46.22 -3.98 0.93
CA THR B 155 -46.39 -2.97 -0.10
C THR B 155 -45.47 -3.24 -1.28
N GLU B 156 -45.69 -2.48 -2.35
CA GLU B 156 -44.83 -2.42 -3.52
C GLU B 156 -43.85 -1.26 -3.47
N ILE B 157 -43.85 -0.49 -2.39
CA ILE B 157 -42.90 0.61 -2.26
C ILE B 157 -41.48 0.08 -2.23
N ARG B 158 -41.27 -1.09 -1.64
CA ARG B 158 -39.91 -1.63 -1.55
C ARG B 158 -39.31 -1.89 -2.91
N TYR B 159 -40.13 -2.22 -3.91
CA TYR B 159 -39.61 -2.47 -5.25
C TYR B 159 -39.42 -1.18 -6.05
N ARG B 160 -40.24 -0.16 -5.80
CA ARG B 160 -40.20 1.09 -6.55
C ARG B 160 -39.38 2.18 -5.87
N GLN B 161 -39.20 2.12 -4.55
CA GLN B 161 -38.26 2.98 -3.85
C GLN B 161 -37.39 2.07 -2.97
N ARG B 162 -36.44 1.40 -3.61
CA ARG B 162 -35.61 0.44 -2.90
C ARG B 162 -34.79 1.11 -1.82
N TYR B 163 -34.43 2.38 -2.01
CA TYR B 163 -33.66 3.09 -1.00
C TYR B 163 -34.42 3.21 0.32
N LEU B 164 -35.76 3.36 0.27
CA LEU B 164 -36.52 3.35 1.52
C LEU B 164 -36.44 1.99 2.21
N ASP B 165 -36.56 0.91 1.44
CA ASP B 165 -36.42 -0.44 2.00
C ASP B 165 -35.05 -0.62 2.65
N LEU B 166 -33.99 -0.21 1.95
CA LEU B 166 -32.63 -0.39 2.48
C LEU B 166 -32.41 0.39 3.77
N LEU B 167 -33.03 1.57 3.87
CA LEU B 167 -32.86 2.39 5.07
C LEU B 167 -33.63 1.82 6.26
N ILE B 168 -34.82 1.28 6.04
CA ILE B 168 -35.75 1.02 7.12
C ILE B 168 -35.85 -0.46 7.49
N ASN B 169 -35.59 -1.37 6.55
CA ASN B 169 -35.67 -2.81 6.82
C ASN B 169 -34.25 -3.37 6.90
N GLU B 170 -33.84 -3.79 8.10
CA GLU B 170 -32.49 -4.33 8.26
C GLU B 170 -32.28 -5.60 7.43
N SER B 171 -33.35 -6.38 7.21
CA SER B 171 -33.20 -7.62 6.45
C SER B 171 -32.86 -7.38 5.00
N SER B 172 -33.23 -6.20 4.47
CA SER B 172 -33.00 -5.92 3.06
C SER B 172 -31.52 -5.81 2.76
N ARG B 173 -30.80 -5.01 3.54
CA ARG B 173 -29.36 -4.94 3.43
C ARG B 173 -28.72 -6.31 3.48
N HIS B 174 -29.18 -7.17 4.41
CA HIS B 174 -28.54 -8.48 4.56
C HIS B 174 -28.78 -9.37 3.36
N THR B 175 -29.99 -9.31 2.77
CA THR B 175 -30.27 -10.06 1.55
C THR B 175 -29.30 -9.68 0.44
N PHE B 176 -29.10 -8.37 0.24
CA PHE B 176 -28.26 -7.96 -0.87
C PHE B 176 -26.78 -8.14 -0.58
N VAL B 177 -26.36 -8.12 0.68
CA VAL B 177 -24.98 -8.48 0.99
C VAL B 177 -24.72 -9.95 0.67
N THR B 178 -25.67 -10.82 1.00
CA THR B 178 -25.55 -12.24 0.69
C THR B 178 -25.46 -12.48 -0.81
N ARG B 179 -26.29 -11.76 -1.59
CA ARG B 179 -26.24 -11.88 -3.04
C ARG B 179 -24.84 -11.59 -3.57
N THR B 180 -24.24 -10.47 -3.14
CA THR B 180 -22.88 -10.13 -3.57
C THR B 180 -21.86 -11.14 -3.04
N LYS B 181 -22.05 -11.66 -1.84
CA LYS B 181 -21.16 -12.71 -1.36
C LYS B 181 -21.27 -13.98 -2.18
N ILE B 182 -22.48 -14.32 -2.64
CA ILE B 182 -22.64 -15.53 -3.45
C ILE B 182 -21.89 -15.39 -4.77
N ILE B 183 -22.04 -14.24 -5.43
CA ILE B 183 -21.34 -14.03 -6.69
C ILE B 183 -19.83 -14.03 -6.47
N ASN B 184 -19.36 -13.36 -5.42
CA ASN B 184 -17.93 -13.38 -5.09
C ASN B 184 -17.42 -14.80 -4.93
N PHE B 185 -18.16 -15.62 -4.17
CA PHE B 185 -17.74 -16.99 -3.92
C PHE B 185 -17.63 -17.77 -5.23
N LEU B 186 -18.59 -17.57 -6.14
CA LEU B 186 -18.59 -18.28 -7.41
C LEU B 186 -17.44 -17.84 -8.31
N ARG B 187 -17.17 -16.53 -8.37
CA ARG B 187 -16.04 -16.05 -9.13
C ARG B 187 -14.72 -16.63 -8.58
N ASN B 188 -14.56 -16.67 -7.26
CA ASN B 188 -13.34 -17.24 -6.70
C ASN B 188 -13.24 -18.75 -6.93
N PHE B 189 -14.39 -19.44 -6.84
CA PHE B 189 -14.43 -20.89 -7.05
C PHE B 189 -13.92 -21.27 -8.43
N LEU B 190 -14.37 -20.55 -9.45
CA LEU B 190 -13.95 -20.82 -10.82
C LEU B 190 -12.53 -20.34 -11.08
N ASN B 191 -12.15 -19.18 -10.54
CA ASN B 191 -10.80 -18.67 -10.79
C ASN B 191 -9.75 -19.58 -10.16
N GLU B 192 -10.05 -20.11 -8.98
CA GLU B 192 -9.15 -21.05 -8.32
C GLU B 192 -8.97 -22.33 -9.11
N ARG B 193 -9.89 -22.64 -10.03
CA ARG B 193 -9.82 -23.85 -10.82
C ARG B 193 -9.34 -23.58 -12.24
N GLY B 194 -8.75 -22.41 -12.49
CA GLY B 194 -8.13 -22.09 -13.76
C GLY B 194 -9.04 -21.46 -14.79
N PHE B 195 -10.26 -21.09 -14.40
CA PHE B 195 -11.21 -20.55 -15.37
C PHE B 195 -10.93 -19.09 -15.67
N PHE B 196 -11.19 -18.69 -16.92
CA PHE B 196 -10.85 -17.37 -17.44
C PHE B 196 -12.12 -16.59 -17.74
N GLU B 197 -12.33 -15.48 -17.03
CA GLU B 197 -13.58 -14.73 -17.19
C GLU B 197 -13.52 -13.81 -18.39
N VAL B 198 -14.59 -13.81 -19.19
CA VAL B 198 -14.67 -13.01 -20.42
C VAL B 198 -16.00 -12.27 -20.46
N GLU B 199 -16.14 -11.39 -21.45
CA GLU B 199 -17.41 -10.74 -21.79
C GLU B 199 -17.73 -11.00 -23.25
N THR B 200 -18.98 -11.43 -23.53
CA THR B 200 -19.43 -11.69 -24.89
C THR B 200 -20.56 -10.70 -25.19
N PRO B 201 -21.00 -10.53 -26.46
CA PRO B 201 -21.90 -9.42 -26.76
C PRO B 201 -23.30 -9.61 -26.19
N MET B 202 -23.88 -8.51 -25.74
CA MET B 202 -25.27 -8.57 -25.32
C MET B 202 -26.23 -8.36 -26.48
N MET B 203 -25.74 -7.81 -27.59
CA MET B 203 -26.54 -7.55 -28.78
C MET B 203 -25.96 -8.36 -29.93
N ASN B 204 -26.79 -9.15 -30.61
CA ASN B 204 -26.33 -10.02 -31.68
C ASN B 204 -27.35 -10.06 -32.82
N LEU B 205 -26.89 -10.53 -33.98
CA LEU B 205 -27.78 -10.75 -35.12
C LEU B 205 -28.78 -11.88 -34.85
N ILE B 206 -28.43 -12.80 -33.96
CA ILE B 206 -29.28 -13.92 -33.58
C ILE B 206 -29.28 -14.00 -32.06
N ALA B 207 -30.35 -14.54 -31.49
CA ALA B 207 -30.42 -14.84 -30.06
C ALA B 207 -30.57 -16.35 -29.92
N GLY B 208 -29.44 -17.05 -29.73
CA GLY B 208 -29.47 -18.49 -29.55
C GLY B 208 -28.94 -18.91 -28.19
N GLY B 209 -28.86 -20.23 -28.01
CA GLY B 209 -28.29 -20.80 -26.80
C GLY B 209 -29.32 -21.23 -25.78
N ALA B 210 -30.59 -21.04 -26.06
CA ALA B 210 -31.70 -21.44 -25.18
C ALA B 210 -32.98 -21.28 -25.98
N ASN B 211 -34.09 -21.71 -25.39
CA ASN B 211 -35.39 -21.69 -26.06
C ASN B 211 -36.25 -20.61 -25.39
N ALA B 212 -36.20 -19.38 -25.94
CA ALA B 212 -36.94 -18.28 -25.36
C ALA B 212 -37.09 -17.15 -26.37
N ARG B 213 -38.16 -16.38 -26.22
CA ARG B 213 -38.40 -15.24 -27.08
C ARG B 213 -37.47 -14.10 -26.69
N PRO B 214 -36.80 -13.45 -27.65
CA PRO B 214 -35.88 -12.36 -27.31
C PRO B 214 -36.50 -10.98 -27.35
N PHE B 215 -35.78 -10.03 -26.74
CA PHE B 215 -35.99 -8.61 -26.98
C PHE B 215 -35.29 -8.21 -28.28
N ILE B 216 -35.91 -7.29 -29.02
CA ILE B 216 -35.34 -6.74 -30.26
C ILE B 216 -35.06 -5.26 -30.05
N THR B 217 -33.99 -4.78 -30.69
CA THR B 217 -33.65 -3.36 -30.66
C THR B 217 -33.08 -2.97 -32.02
N HIS B 218 -32.62 -1.72 -32.14
CA HIS B 218 -32.23 -1.20 -33.45
C HIS B 218 -31.06 -0.24 -33.31
N HIS B 219 -30.00 -0.47 -34.09
CA HIS B 219 -28.89 0.47 -34.16
C HIS B 219 -29.15 1.42 -35.32
N ASN B 220 -29.18 2.74 -35.03
CA ASN B 220 -29.63 3.69 -36.05
C ASN B 220 -28.61 3.84 -37.19
N ASP B 221 -27.33 4.00 -36.85
CA ASP B 221 -26.34 4.32 -37.88
C ASP B 221 -26.09 3.16 -38.83
N LEU B 222 -26.21 1.92 -38.35
CA LEU B 222 -26.10 0.73 -39.19
C LEU B 222 -27.44 0.29 -39.78
N ASP B 223 -28.53 0.95 -39.42
CA ASP B 223 -29.88 0.59 -39.87
C ASP B 223 -30.16 -0.91 -39.68
N LEU B 224 -29.86 -1.39 -38.48
CA LEU B 224 -29.75 -2.82 -38.24
C LEU B 224 -30.53 -3.23 -36.98
N ASP B 225 -31.41 -4.20 -37.13
CA ASP B 225 -32.10 -4.80 -35.98
C ASP B 225 -31.17 -5.78 -35.28
N LEU B 226 -31.12 -5.71 -33.95
CA LEU B 226 -30.28 -6.59 -33.14
C LEU B 226 -31.14 -7.23 -32.06
N TYR B 227 -30.77 -8.44 -31.67
CA TYR B 227 -31.46 -9.15 -30.61
C TYR B 227 -30.62 -9.14 -29.34
N LEU B 228 -31.28 -8.89 -28.20
CA LEU B 228 -30.63 -9.06 -26.92
C LEU B 228 -30.39 -10.53 -26.65
N ARG B 229 -29.25 -10.84 -26.03
CA ARG B 229 -28.90 -12.24 -25.80
C ARG B 229 -29.85 -12.87 -24.79
N ILE B 230 -30.28 -14.09 -25.09
CA ILE B 230 -31.05 -14.91 -24.16
C ILE B 230 -30.15 -15.87 -23.37
N ALA B 231 -28.89 -16.02 -23.77
CA ALA B 231 -27.93 -16.92 -23.13
C ALA B 231 -26.55 -16.54 -23.63
N THR B 232 -25.50 -17.05 -22.98
CA THR B 232 -24.12 -16.80 -23.39
C THR B 232 -23.47 -18.01 -24.06
N GLU B 233 -24.25 -19.07 -24.31
CA GLU B 233 -23.72 -20.39 -24.63
C GLU B 233 -22.92 -20.40 -25.93
N LEU B 234 -23.46 -19.79 -27.00
CA LEU B 234 -22.82 -19.94 -28.30
C LEU B 234 -21.47 -19.24 -28.41
N PRO B 235 -21.35 -17.95 -28.05
CA PRO B 235 -20.02 -17.32 -28.15
C PRO B 235 -19.01 -17.91 -27.17
N LEU B 236 -19.43 -18.38 -26.01
CA LEU B 236 -18.51 -19.06 -25.09
C LEU B 236 -17.95 -20.34 -25.71
N LYS B 237 -18.77 -21.11 -26.42
CA LYS B 237 -18.23 -22.32 -27.05
C LYS B 237 -17.30 -21.98 -28.20
N MET B 238 -17.56 -20.90 -28.93
CA MET B 238 -16.62 -20.45 -29.96
C MET B 238 -15.27 -20.09 -29.35
N LEU B 239 -15.25 -19.60 -28.12
CA LEU B 239 -13.99 -19.34 -27.42
C LEU B 239 -13.29 -20.63 -27.02
N ILE B 240 -14.05 -21.70 -26.72
CA ILE B 240 -13.42 -23.01 -26.54
C ILE B 240 -12.72 -23.45 -27.83
N VAL B 241 -13.38 -23.30 -28.98
CA VAL B 241 -12.72 -23.53 -30.27
C VAL B 241 -11.45 -22.71 -30.38
N GLY B 242 -11.51 -21.46 -29.93
CA GLY B 242 -10.37 -20.58 -29.93
C GLY B 242 -9.26 -20.94 -28.95
N GLY B 243 -9.44 -21.97 -28.14
CA GLY B 243 -8.38 -22.44 -27.27
C GLY B 243 -8.44 -21.94 -25.84
N ILE B 244 -9.48 -21.21 -25.47
CA ILE B 244 -9.69 -20.81 -24.07
C ILE B 244 -10.47 -21.96 -23.45
N ASP B 245 -9.74 -22.93 -22.91
CA ASP B 245 -10.31 -24.24 -22.60
C ASP B 245 -11.09 -24.26 -21.30
N LYS B 246 -10.98 -23.21 -20.47
CA LYS B 246 -11.78 -23.06 -19.26
C LYS B 246 -12.23 -21.61 -19.23
N VAL B 247 -13.46 -21.35 -19.69
CA VAL B 247 -13.94 -19.99 -19.93
C VAL B 247 -15.30 -19.84 -19.25
N TYR B 248 -15.60 -18.63 -18.75
CA TYR B 248 -16.91 -18.39 -18.16
C TYR B 248 -17.28 -16.92 -18.23
N GLU B 249 -18.58 -16.66 -17.97
CA GLU B 249 -19.13 -15.31 -18.01
C GLU B 249 -20.22 -15.19 -16.95
N ILE B 250 -20.18 -14.12 -16.16
CA ILE B 250 -21.24 -13.81 -15.21
C ILE B 250 -21.84 -12.48 -15.64
N GLY B 251 -23.10 -12.50 -16.05
CA GLY B 251 -23.71 -11.27 -16.53
C GLY B 251 -25.19 -11.43 -16.79
N LYS B 252 -25.80 -10.33 -17.25
CA LYS B 252 -27.23 -10.28 -17.52
C LYS B 252 -27.57 -10.95 -18.84
N VAL B 253 -28.69 -11.68 -18.85
CA VAL B 253 -29.35 -12.12 -20.07
C VAL B 253 -30.79 -11.63 -20.02
N PHE B 254 -31.44 -11.61 -21.20
CA PHE B 254 -32.77 -11.00 -21.36
C PHE B 254 -33.71 -11.99 -22.01
N ARG B 255 -34.88 -12.21 -21.39
CA ARG B 255 -35.87 -13.11 -21.96
C ARG B 255 -37.22 -12.43 -21.95
N ASN B 256 -37.84 -12.33 -23.13
CA ASN B 256 -39.05 -11.53 -23.36
C ASN B 256 -40.27 -12.44 -23.19
N GLU B 257 -40.63 -12.68 -21.94
CA GLU B 257 -41.68 -13.65 -21.62
C GLU B 257 -42.42 -13.17 -20.37
N GLY B 258 -43.16 -14.09 -19.73
CA GLY B 258 -44.01 -13.68 -18.62
C GLY B 258 -43.22 -13.42 -17.34
N ILE B 259 -43.75 -12.55 -16.51
CA ILE B 259 -43.15 -12.18 -15.23
C ILE B 259 -43.92 -12.88 -14.12
N ASP B 260 -43.19 -13.44 -13.15
CA ASP B 260 -43.80 -14.01 -11.95
C ASP B 260 -42.76 -14.10 -10.85
N ASN B 261 -43.00 -14.88 -9.82
CA ASN B 261 -42.14 -14.94 -8.64
C ASN B 261 -40.76 -15.53 -8.92
N THR B 262 -40.58 -16.25 -10.03
CA THR B 262 -39.26 -16.76 -10.39
C THR B 262 -38.82 -16.29 -11.77
N HIS B 263 -39.44 -15.23 -12.32
CA HIS B 263 -39.04 -14.70 -13.63
C HIS B 263 -39.00 -13.18 -13.59
N ASN B 264 -37.81 -12.62 -13.78
CA ASN B 264 -37.64 -11.21 -14.11
C ASN B 264 -37.08 -11.10 -15.53
N PRO B 265 -37.54 -10.13 -16.34
CA PRO B 265 -37.14 -10.09 -17.76
C PRO B 265 -35.65 -9.97 -17.99
N GLU B 266 -34.91 -9.38 -17.07
CA GLU B 266 -33.45 -9.46 -17.10
C GLU B 266 -33.02 -10.15 -15.82
N PHE B 267 -32.10 -11.10 -15.95
CA PHE B 267 -31.63 -11.83 -14.79
C PHE B 267 -30.16 -12.18 -15.00
N THR B 268 -29.51 -12.57 -13.91
CA THR B 268 -28.07 -12.76 -13.89
C THR B 268 -27.77 -14.25 -14.00
N SER B 269 -27.01 -14.61 -15.02
CA SER B 269 -26.60 -15.99 -15.17
C SER B 269 -25.08 -16.10 -15.13
N CYS B 270 -24.63 -17.28 -14.76
CA CYS B 270 -23.25 -17.69 -14.98
C CYS B 270 -23.27 -18.92 -15.88
N GLU B 271 -22.49 -18.90 -16.95
CA GLU B 271 -22.22 -20.09 -17.73
C GLU B 271 -20.71 -20.32 -17.78
N PHE B 272 -20.29 -21.58 -17.66
CA PHE B 272 -18.89 -21.92 -17.87
C PHE B 272 -18.81 -23.12 -18.82
N TYR B 273 -17.70 -23.17 -19.56
CA TYR B 273 -17.40 -24.25 -20.49
C TYR B 273 -16.02 -24.81 -20.17
N TRP B 274 -15.93 -26.12 -20.13
CA TRP B 274 -14.78 -26.84 -19.55
C TRP B 274 -14.33 -27.91 -20.55
N ALA B 275 -13.32 -27.60 -21.37
CA ALA B 275 -12.86 -28.57 -22.36
C ALA B 275 -12.33 -29.83 -21.70
N TYR B 276 -12.69 -30.99 -22.28
CA TYR B 276 -12.31 -32.37 -21.92
C TYR B 276 -13.07 -32.89 -20.69
N ALA B 277 -14.08 -32.16 -20.21
CA ALA B 277 -15.00 -32.65 -19.20
C ALA B 277 -16.28 -33.17 -19.86
N ASP B 278 -17.05 -33.96 -19.12
CA ASP B 278 -18.35 -34.42 -19.60
C ASP B 278 -19.38 -34.30 -18.47
N TYR B 279 -20.60 -34.77 -18.78
CA TYR B 279 -21.71 -34.92 -17.84
C TYR B 279 -21.28 -35.29 -16.42
N ASN B 280 -20.40 -36.29 -16.29
CA ASN B 280 -20.06 -36.79 -14.95
C ASN B 280 -19.20 -35.81 -14.17
N ASP B 281 -18.27 -35.13 -14.84
CA ASP B 281 -17.55 -34.04 -14.20
C ASP B 281 -18.50 -32.91 -13.79
N LEU B 282 -19.57 -32.68 -14.55
CA LEU B 282 -20.44 -31.55 -14.23
C LEU B 282 -21.33 -31.83 -13.03
N ILE B 283 -21.80 -33.08 -12.89
CA ILE B 283 -22.55 -33.49 -11.70
C ILE B 283 -21.72 -33.24 -10.45
N LYS B 284 -20.46 -33.68 -10.49
CA LYS B 284 -19.52 -33.50 -9.39
C LYS B 284 -19.26 -32.03 -9.11
N TRP B 285 -19.08 -31.23 -10.16
CA TRP B 285 -18.88 -29.80 -9.96
C TRP B 285 -20.05 -29.19 -9.22
N SER B 286 -21.28 -29.57 -9.60
CA SER B 286 -22.47 -29.00 -9.01
C SER B 286 -22.57 -29.35 -7.53
N GLU B 287 -22.23 -30.59 -7.18
CA GLU B 287 -22.32 -31.00 -5.78
C GLU B 287 -21.25 -30.32 -4.95
N ASP B 288 -20.02 -30.24 -5.48
CA ASP B 288 -18.94 -29.53 -4.79
C ASP B 288 -19.31 -28.05 -4.60
N PHE B 289 -19.84 -27.42 -5.65
CA PHE B 289 -20.06 -25.98 -5.58
C PHE B 289 -21.18 -25.64 -4.61
N PHE B 290 -22.33 -26.33 -4.72
CA PHE B 290 -23.47 -25.98 -3.87
C PHE B 290 -23.20 -26.35 -2.42
N SER B 291 -22.57 -27.51 -2.17
CA SER B 291 -22.30 -27.87 -0.78
C SER B 291 -21.34 -26.89 -0.14
N GLN B 292 -20.29 -26.49 -0.86
CA GLN B 292 -19.28 -25.58 -0.31
C GLN B 292 -19.80 -24.16 -0.19
N LEU B 293 -20.65 -23.70 -1.12
CA LEU B 293 -21.26 -22.38 -1.01
C LEU B 293 -22.12 -22.29 0.25
N VAL B 294 -22.99 -23.27 0.45
CA VAL B 294 -23.87 -23.26 1.62
C VAL B 294 -23.06 -23.28 2.91
N TYR B 295 -22.00 -24.10 2.96
CA TYR B 295 -21.16 -24.15 4.16
C TYR B 295 -20.42 -22.84 4.38
N HIS B 296 -19.96 -22.21 3.29
CA HIS B 296 -19.30 -20.93 3.38
C HIS B 296 -20.22 -19.87 3.98
N LEU B 297 -21.52 -19.92 3.66
CA LEU B 297 -22.44 -18.88 4.13
C LEU B 297 -23.00 -19.16 5.51
N PHE B 298 -23.19 -20.43 5.87
CA PHE B 298 -23.96 -20.78 7.06
C PHE B 298 -23.22 -21.64 8.08
N GLY B 299 -22.04 -22.17 7.76
CA GLY B 299 -21.36 -23.05 8.69
C GLY B 299 -22.00 -24.41 8.85
N THR B 300 -22.89 -24.78 7.94
CA THR B 300 -23.59 -26.05 7.93
C THR B 300 -24.12 -26.28 6.52
N TYR B 301 -24.47 -27.53 6.23
CA TYR B 301 -25.03 -27.83 4.91
C TYR B 301 -26.55 -27.76 4.86
N LYS B 302 -27.20 -27.52 6.00
CA LYS B 302 -28.66 -27.57 6.09
C LYS B 302 -29.19 -26.16 6.39
N ILE B 303 -30.22 -25.75 5.65
CA ILE B 303 -30.81 -24.43 5.80
C ILE B 303 -32.32 -24.58 5.97
N SER B 304 -32.93 -23.56 6.56
CA SER B 304 -34.38 -23.44 6.62
C SER B 304 -34.87 -22.59 5.47
N TYR B 305 -36.00 -22.98 4.88
CA TYR B 305 -36.59 -22.23 3.76
C TYR B 305 -38.11 -22.23 3.89
N ASN B 306 -38.74 -21.04 3.87
CA ASN B 306 -40.20 -20.98 3.96
C ASN B 306 -40.80 -21.16 2.56
N LYS B 307 -40.88 -22.39 2.11
CA LYS B 307 -41.36 -22.68 0.80
C LYS B 307 -42.75 -22.17 0.57
N ASP B 308 -43.58 -22.23 1.58
CA ASP B 308 -44.95 -21.78 1.48
C ASP B 308 -45.19 -20.42 2.14
N GLY B 309 -44.14 -19.61 2.29
CA GLY B 309 -44.29 -18.26 2.81
C GLY B 309 -44.16 -18.17 4.32
N PRO B 310 -44.02 -16.96 4.84
CA PRO B 310 -43.78 -16.81 6.29
C PRO B 310 -44.97 -17.22 7.14
N GLU B 311 -46.16 -17.33 6.57
CA GLU B 311 -47.34 -17.73 7.32
C GLU B 311 -47.50 -19.24 7.40
N ASN B 312 -46.54 -20.00 6.88
CA ASN B 312 -46.58 -21.45 6.92
C ASN B 312 -45.28 -22.00 7.48
N GLN B 313 -45.30 -23.28 7.84
CA GLN B 313 -44.12 -23.92 8.41
C GLN B 313 -43.02 -23.93 7.37
N PRO B 314 -41.76 -23.72 7.76
CA PRO B 314 -40.65 -23.85 6.82
C PRO B 314 -40.28 -25.32 6.68
N ILE B 315 -39.44 -25.59 5.69
CA ILE B 315 -38.84 -26.89 5.50
C ILE B 315 -37.33 -26.75 5.60
N GLU B 316 -36.67 -27.87 5.84
CA GLU B 316 -35.20 -27.90 5.89
C GLU B 316 -34.67 -28.44 4.56
N ILE B 317 -33.71 -27.74 3.97
CA ILE B 317 -33.08 -28.19 2.74
C ILE B 317 -31.64 -28.60 3.07
N ASP B 318 -31.31 -29.85 2.76
CA ASP B 318 -30.01 -30.42 3.08
C ASP B 318 -29.17 -30.47 1.80
N PHE B 319 -28.09 -29.69 1.78
CA PHE B 319 -27.18 -29.62 0.63
C PHE B 319 -25.98 -30.56 0.77
N THR B 320 -26.04 -31.50 1.71
CA THR B 320 -24.99 -32.52 1.84
C THR B 320 -25.01 -33.41 0.61
N PRO B 321 -23.92 -33.50 -0.15
CA PRO B 321 -23.91 -34.36 -1.33
C PRO B 321 -23.80 -35.82 -0.92
N PRO B 322 -24.18 -36.76 -1.81
CA PRO B 322 -24.63 -36.52 -3.18
C PRO B 322 -26.10 -36.21 -3.30
N TYR B 323 -26.50 -35.72 -4.43
CA TYR B 323 -27.90 -35.44 -4.64
C TYR B 323 -28.53 -36.52 -5.51
N PRO B 324 -29.84 -36.77 -5.38
CA PRO B 324 -30.47 -37.78 -6.24
C PRO B 324 -30.49 -37.36 -7.70
N LYS B 325 -30.46 -38.36 -8.58
CA LYS B 325 -30.59 -38.19 -10.03
C LYS B 325 -31.80 -38.96 -10.52
N VAL B 326 -32.62 -38.32 -11.35
CA VAL B 326 -33.88 -38.89 -11.82
C VAL B 326 -33.96 -38.75 -13.34
N SER B 327 -34.05 -39.88 -14.05
CA SER B 327 -34.13 -39.88 -15.50
C SER B 327 -35.53 -39.46 -15.94
N ILE B 328 -35.62 -38.47 -16.81
CA ILE B 328 -36.91 -37.80 -17.04
C ILE B 328 -37.91 -38.73 -17.74
N VAL B 329 -37.51 -39.37 -18.84
CA VAL B 329 -38.47 -40.18 -19.58
C VAL B 329 -38.89 -41.39 -18.75
N GLU B 330 -37.91 -42.09 -18.17
CA GLU B 330 -38.20 -43.26 -17.35
C GLU B 330 -39.17 -42.93 -16.22
N GLU B 331 -38.95 -41.79 -15.54
CA GLU B 331 -39.77 -41.47 -14.39
C GLU B 331 -41.19 -41.04 -14.78
N ILE B 332 -41.34 -40.27 -15.86
CA ILE B 332 -42.69 -39.92 -16.32
C ILE B 332 -43.47 -41.17 -16.70
N GLU B 333 -42.78 -42.14 -17.32
CA GLU B 333 -43.43 -43.38 -17.71
C GLU B 333 -43.88 -44.17 -16.49
N LYS B 334 -43.06 -44.18 -15.44
CA LYS B 334 -43.41 -44.90 -14.22
C LYS B 334 -44.57 -44.24 -13.48
N VAL B 335 -44.53 -42.91 -13.34
CA VAL B 335 -45.56 -42.25 -12.55
C VAL B 335 -46.87 -42.13 -13.31
N THR B 336 -46.84 -42.03 -14.64
CA THR B 336 -48.07 -41.98 -15.42
C THR B 336 -48.55 -43.34 -15.89
N ASN B 337 -47.75 -44.38 -15.72
CA ASN B 337 -48.11 -45.72 -16.18
C ASN B 337 -48.40 -45.74 -17.68
N THR B 338 -47.56 -45.04 -18.45
CA THR B 338 -47.64 -45.02 -19.90
C THR B 338 -46.30 -45.41 -20.50
N ILE B 339 -46.29 -45.64 -21.80
CA ILE B 339 -45.07 -45.90 -22.55
C ILE B 339 -44.96 -44.82 -23.61
N LEU B 340 -43.95 -43.97 -23.47
CA LEU B 340 -43.72 -42.85 -24.40
C LEU B 340 -42.77 -43.34 -25.49
N GLU B 341 -43.33 -43.69 -26.64
CA GLU B 341 -42.56 -44.31 -27.71
C GLU B 341 -41.73 -43.28 -28.45
N GLN B 342 -40.54 -43.68 -28.84
CA GLN B 342 -39.77 -42.83 -29.74
C GLN B 342 -40.20 -43.06 -31.18
N PRO B 343 -40.13 -42.04 -32.05
CA PRO B 343 -39.69 -40.65 -31.77
C PRO B 343 -40.65 -39.91 -30.85
N PHE B 344 -40.11 -39.17 -29.89
CA PHE B 344 -40.96 -38.46 -28.95
C PHE B 344 -41.80 -37.39 -29.62
N ASP B 345 -41.39 -36.90 -30.79
CA ASP B 345 -42.13 -35.90 -31.54
C ASP B 345 -43.02 -36.50 -32.61
N SER B 346 -43.22 -37.81 -32.60
CA SER B 346 -44.19 -38.44 -33.49
C SER B 346 -45.60 -38.01 -33.11
N ASN B 347 -46.51 -38.14 -34.08
CA ASN B 347 -47.90 -37.77 -33.83
C ASN B 347 -48.52 -38.63 -32.74
N GLU B 348 -48.11 -39.91 -32.66
CA GLU B 348 -48.70 -40.82 -31.68
C GLU B 348 -48.25 -40.48 -30.26
N THR B 349 -46.95 -40.21 -30.09
CA THR B 349 -46.47 -39.85 -28.75
C THR B 349 -47.01 -38.49 -28.33
N ILE B 350 -47.13 -37.57 -29.28
CA ILE B 350 -47.69 -36.24 -28.96
C ILE B 350 -49.14 -36.39 -28.52
N GLU B 351 -49.93 -37.18 -29.24
CA GLU B 351 -51.33 -37.39 -28.86
C GLU B 351 -51.43 -38.07 -27.49
N LYS B 352 -50.49 -38.97 -27.19
CA LYS B 352 -50.53 -39.65 -25.90
C LYS B 352 -50.22 -38.69 -24.75
N MET B 353 -49.23 -37.82 -24.94
CA MET B 353 -48.90 -36.83 -23.91
C MET B 353 -50.05 -35.83 -23.72
N ILE B 354 -50.70 -35.44 -24.81
CA ILE B 354 -51.84 -34.52 -24.70
C ILE B 354 -52.94 -35.17 -23.87
N ASN B 355 -53.20 -36.46 -24.10
CA ASN B 355 -54.25 -37.15 -23.37
C ASN B 355 -53.90 -37.31 -21.89
N ILE B 356 -52.63 -37.57 -21.59
CA ILE B 356 -52.22 -37.60 -20.18
C ILE B 356 -52.52 -36.27 -19.51
N ILE B 357 -52.20 -35.17 -20.19
CA ILE B 357 -52.41 -33.85 -19.62
C ILE B 357 -53.90 -33.58 -19.46
N LYS B 358 -54.69 -33.85 -20.50
CA LYS B 358 -56.14 -33.61 -20.41
C LYS B 358 -56.79 -34.50 -19.35
N GLU B 359 -56.35 -35.75 -19.25
CA GLU B 359 -56.91 -36.67 -18.26
C GLU B 359 -56.64 -36.18 -16.84
N HIS B 360 -55.47 -35.58 -16.61
CA HIS B 360 -55.09 -35.07 -15.30
C HIS B 360 -55.51 -33.62 -15.08
N LYS B 361 -56.26 -33.03 -16.02
CA LYS B 361 -56.80 -31.67 -15.90
C LYS B 361 -55.67 -30.64 -15.78
N ILE B 362 -54.59 -30.83 -16.56
CA ILE B 362 -53.47 -29.92 -16.62
C ILE B 362 -53.63 -29.01 -17.84
N GLU B 363 -53.01 -27.84 -17.78
CA GLU B 363 -53.11 -26.87 -18.88
C GLU B 363 -52.27 -27.31 -20.08
N LEU B 364 -52.89 -27.30 -21.25
CA LEU B 364 -52.20 -27.63 -22.49
C LEU B 364 -51.23 -26.51 -22.87
N PRO B 365 -49.97 -26.82 -23.20
CA PRO B 365 -49.05 -25.78 -23.66
C PRO B 365 -49.56 -25.12 -24.94
N ASN B 366 -49.38 -23.79 -25.02
CA ASN B 366 -50.04 -22.98 -26.05
C ASN B 366 -49.74 -23.47 -27.46
N PRO B 367 -48.50 -23.70 -27.88
CA PRO B 367 -48.25 -24.68 -28.93
C PRO B 367 -47.93 -26.03 -28.31
N PRO B 368 -48.66 -27.10 -28.69
CA PRO B 368 -48.48 -28.40 -28.04
C PRO B 368 -47.37 -29.24 -28.68
N THR B 369 -46.15 -28.71 -28.64
CA THR B 369 -45.01 -29.42 -29.19
C THR B 369 -44.54 -30.49 -28.23
N ALA B 370 -43.89 -31.51 -28.79
CA ALA B 370 -43.41 -32.61 -27.96
C ALA B 370 -42.49 -32.13 -26.85
N ALA B 371 -41.54 -31.23 -27.18
CA ALA B 371 -40.63 -30.73 -26.17
C ALA B 371 -41.35 -29.96 -25.07
N LYS B 372 -42.39 -29.20 -25.43
CA LYS B 372 -43.17 -28.50 -24.41
C LYS B 372 -44.04 -29.46 -23.64
N LEU B 373 -44.60 -30.48 -24.31
CA LEU B 373 -45.43 -31.46 -23.62
C LEU B 373 -44.64 -32.19 -22.55
N LEU B 374 -43.42 -32.63 -22.89
CA LEU B 374 -42.58 -33.32 -21.92
C LEU B 374 -42.23 -32.41 -20.74
N ASP B 375 -41.84 -31.17 -21.04
CA ASP B 375 -41.55 -30.21 -19.99
C ASP B 375 -42.74 -30.07 -19.04
N GLN B 376 -43.93 -29.89 -19.60
CA GLN B 376 -45.12 -29.77 -18.76
C GLN B 376 -45.33 -31.01 -17.91
N LEU B 377 -45.07 -32.19 -18.47
CA LEU B 377 -45.24 -33.42 -17.71
C LEU B 377 -44.23 -33.52 -16.58
N ALA B 378 -42.97 -33.17 -16.85
CA ALA B 378 -41.97 -33.19 -15.78
C ALA B 378 -42.33 -32.18 -14.70
N SER B 379 -42.84 -31.02 -15.10
CA SER B 379 -43.23 -30.00 -14.13
C SER B 379 -44.21 -30.55 -13.10
N HIS B 380 -45.21 -31.29 -13.56
CA HIS B 380 -46.28 -31.70 -12.65
C HIS B 380 -46.06 -33.05 -11.99
N PHE B 381 -45.16 -33.90 -12.53
CA PHE B 381 -44.99 -35.25 -12.03
C PHE B 381 -43.65 -35.56 -11.40
N ILE B 382 -42.62 -34.74 -11.65
CA ILE B 382 -41.27 -35.02 -11.18
C ILE B 382 -40.71 -33.87 -10.35
N GLU B 383 -40.74 -32.65 -10.89
CA GLU B 383 -39.93 -31.54 -10.35
C GLU B 383 -40.21 -31.25 -8.88
N ASN B 384 -41.26 -31.80 -8.29
CA ASN B 384 -41.48 -31.68 -6.86
C ASN B 384 -41.33 -33.02 -6.14
N LYS B 385 -40.57 -33.96 -6.72
CA LYS B 385 -40.28 -35.21 -6.03
C LYS B 385 -39.55 -34.96 -4.72
N TYR B 386 -38.58 -34.05 -4.74
CA TYR B 386 -37.73 -33.75 -3.59
C TYR B 386 -37.80 -32.27 -3.29
N ASN B 387 -38.16 -31.92 -2.04
CA ASN B 387 -38.00 -30.57 -1.54
C ASN B 387 -36.94 -30.46 -0.46
N ASP B 388 -36.70 -31.54 0.28
CA ASP B 388 -35.77 -31.55 1.40
C ASP B 388 -34.31 -31.62 0.96
N LYS B 389 -34.05 -31.65 -0.35
CA LYS B 389 -32.68 -31.65 -0.88
C LYS B 389 -32.76 -31.29 -2.35
N PRO B 390 -31.74 -30.63 -2.88
CA PRO B 390 -31.72 -30.41 -4.33
C PRO B 390 -31.60 -31.76 -5.01
N PHE B 391 -32.06 -31.83 -6.26
CA PHE B 391 -31.86 -33.05 -7.03
C PHE B 391 -31.69 -32.73 -8.51
N PHE B 392 -31.21 -33.72 -9.27
CA PHE B 392 -31.02 -33.56 -10.70
C PHE B 392 -32.09 -34.35 -11.46
N ILE B 393 -32.68 -33.71 -12.46
CA ILE B 393 -33.37 -34.42 -13.54
C ILE B 393 -32.36 -34.60 -14.68
N VAL B 394 -32.26 -35.81 -15.23
CA VAL B 394 -31.15 -36.14 -16.11
C VAL B 394 -31.64 -36.88 -17.35
N GLU B 395 -30.76 -36.89 -18.36
CA GLU B 395 -30.89 -37.71 -19.56
C GLU B 395 -32.08 -37.29 -20.44
N HIS B 396 -32.23 -35.97 -20.62
CA HIS B 396 -33.33 -35.41 -21.39
C HIS B 396 -33.28 -35.86 -22.85
N PRO B 397 -34.44 -36.04 -23.47
CA PRO B 397 -34.48 -36.33 -24.92
C PRO B 397 -33.78 -35.27 -25.76
N GLN B 398 -33.25 -35.73 -26.90
CA GLN B 398 -32.58 -34.86 -27.86
C GLN B 398 -33.50 -33.78 -28.40
N ILE B 399 -34.80 -34.08 -28.53
CA ILE B 399 -35.73 -33.06 -29.02
C ILE B 399 -35.88 -31.91 -28.04
N MET B 400 -35.60 -32.10 -26.75
CA MET B 400 -35.63 -31.01 -25.78
C MET B 400 -34.30 -30.31 -25.64
N SER B 401 -33.25 -30.82 -26.29
CA SER B 401 -31.86 -30.47 -25.95
C SER B 401 -31.04 -30.36 -27.23
N PRO B 402 -31.33 -29.37 -28.08
CA PRO B 402 -30.70 -29.34 -29.41
C PRO B 402 -29.19 -29.08 -29.41
N LEU B 403 -28.62 -28.61 -28.31
CA LEU B 403 -27.18 -28.34 -28.24
C LEU B 403 -26.44 -29.30 -27.33
N ALA B 404 -27.10 -30.37 -26.87
CA ALA B 404 -26.50 -31.35 -25.97
C ALA B 404 -26.10 -32.59 -26.75
N LYS B 405 -24.99 -33.21 -26.34
CA LYS B 405 -24.47 -34.36 -27.06
C LYS B 405 -25.34 -35.59 -26.84
N TYR B 406 -25.47 -36.41 -27.88
CA TYR B 406 -26.28 -37.62 -27.77
C TYR B 406 -25.70 -38.54 -26.69
N HIS B 407 -26.60 -39.27 -26.03
CA HIS B 407 -26.21 -40.11 -24.91
C HIS B 407 -25.43 -41.32 -25.43
N ARG B 408 -24.26 -41.57 -24.83
CA ARG B 408 -23.36 -42.59 -25.38
C ARG B 408 -23.92 -44.01 -25.29
N THR B 409 -24.93 -44.27 -24.46
CA THR B 409 -25.53 -45.60 -24.43
C THR B 409 -27.05 -45.63 -24.59
N LYS B 410 -27.74 -44.51 -24.44
CA LYS B 410 -29.20 -44.53 -24.49
C LYS B 410 -29.69 -43.79 -25.73
N PRO B 411 -30.27 -44.51 -26.70
CA PRO B 411 -30.70 -43.86 -27.95
C PRO B 411 -31.82 -42.86 -27.73
N GLY B 412 -31.69 -41.70 -28.37
CA GLY B 412 -32.72 -40.68 -28.31
C GLY B 412 -32.59 -39.70 -27.16
N LEU B 413 -31.72 -39.97 -26.18
CA LEU B 413 -31.52 -39.09 -25.03
C LEU B 413 -30.20 -38.35 -25.18
N THR B 414 -29.90 -37.48 -24.20
CA THR B 414 -28.67 -36.70 -24.21
C THR B 414 -28.02 -36.78 -22.84
N GLU B 415 -26.78 -36.27 -22.75
CA GLU B 415 -26.03 -36.29 -21.50
C GLU B 415 -26.23 -34.96 -20.77
N ARG B 416 -27.47 -34.74 -20.32
CA ARG B 416 -27.92 -33.48 -19.77
C ARG B 416 -28.39 -33.65 -18.33
N LEU B 417 -28.16 -32.62 -17.52
CA LEU B 417 -28.63 -32.57 -16.14
C LEU B 417 -29.23 -31.19 -15.85
N GLU B 418 -30.29 -31.17 -15.05
CA GLU B 418 -30.86 -29.93 -14.49
C GLU B 418 -30.99 -30.12 -13.00
N MET B 419 -30.53 -29.16 -12.20
CA MET B 419 -30.74 -29.23 -10.76
C MET B 419 -31.94 -28.39 -10.36
N PHE B 420 -32.74 -28.91 -9.42
CA PHE B 420 -33.92 -28.22 -8.90
C PHE B 420 -33.79 -28.05 -7.40
N ILE B 421 -34.25 -26.90 -6.90
CA ILE B 421 -34.43 -26.66 -5.47
C ILE B 421 -35.89 -26.26 -5.28
N CYS B 422 -36.61 -27.03 -4.45
CA CYS B 422 -38.02 -26.77 -4.15
C CYS B 422 -38.85 -26.58 -5.42
N GLY B 423 -38.63 -27.45 -6.41
CA GLY B 423 -39.38 -27.38 -7.65
C GLY B 423 -38.92 -26.33 -8.65
N LYS B 424 -37.84 -25.60 -8.37
CA LYS B 424 -37.39 -24.51 -9.25
C LYS B 424 -36.06 -24.86 -9.89
N GLU B 425 -35.98 -24.71 -11.21
CA GLU B 425 -34.73 -24.99 -11.93
C GLU B 425 -33.69 -23.91 -11.66
N VAL B 426 -32.54 -24.31 -11.15
CA VAL B 426 -31.43 -23.40 -10.88
C VAL B 426 -30.13 -23.69 -11.65
N LEU B 427 -30.07 -24.81 -12.35
CA LEU B 427 -28.84 -25.21 -13.03
C LEU B 427 -29.21 -26.05 -14.25
N ASN B 428 -28.45 -25.86 -15.32
CA ASN B 428 -28.65 -26.62 -16.56
C ASN B 428 -27.27 -26.89 -17.17
N ALA B 429 -26.97 -28.16 -17.47
CA ALA B 429 -25.62 -28.52 -17.90
C ALA B 429 -25.64 -29.77 -18.78
N TYR B 430 -24.62 -29.91 -19.64
CA TYR B 430 -24.56 -31.14 -20.42
C TYR B 430 -23.20 -31.31 -21.11
N THR B 431 -22.91 -32.56 -21.49
CA THR B 431 -21.89 -32.81 -22.49
C THR B 431 -22.29 -32.07 -23.76
N GLU B 432 -21.39 -31.23 -24.26
CA GLU B 432 -21.70 -30.35 -25.38
C GLU B 432 -21.69 -31.10 -26.70
N LEU B 433 -22.73 -30.90 -27.50
CA LEU B 433 -22.71 -31.38 -28.87
C LEU B 433 -21.55 -30.72 -29.62
N ASN B 434 -20.65 -31.53 -30.18
CA ASN B 434 -19.49 -30.98 -30.88
C ASN B 434 -19.31 -31.50 -32.31
N ASP B 435 -20.20 -32.38 -32.79
CA ASP B 435 -20.17 -32.81 -34.18
C ASP B 435 -21.00 -31.83 -35.00
N PRO B 436 -20.40 -31.06 -35.92
CA PRO B 436 -21.17 -30.04 -36.64
C PRO B 436 -22.25 -30.60 -37.54
N PHE B 437 -22.11 -31.84 -38.00
CA PHE B 437 -23.14 -32.43 -38.85
C PHE B 437 -24.41 -32.73 -38.06
N LYS B 438 -24.26 -33.18 -36.81
CA LYS B 438 -25.43 -33.41 -35.98
C LYS B 438 -26.05 -32.09 -35.52
N GLN B 439 -25.25 -31.01 -35.42
CA GLN B 439 -25.76 -29.75 -34.93
C GLN B 439 -26.70 -29.09 -35.93
N LYS B 440 -26.34 -29.12 -37.22
CA LYS B 440 -27.22 -28.59 -38.26
C LYS B 440 -28.56 -29.34 -38.27
N GLU B 441 -28.51 -30.65 -38.02
CA GLU B 441 -29.74 -31.43 -37.96
C GLU B 441 -30.63 -30.95 -36.81
N CYS B 442 -30.04 -30.70 -35.64
CA CYS B 442 -30.82 -30.21 -34.50
C CYS B 442 -31.44 -28.85 -34.80
N PHE B 443 -30.68 -27.97 -35.47
CA PHE B 443 -31.22 -26.65 -35.81
C PHE B 443 -32.31 -26.74 -36.86
N LYS B 444 -32.18 -27.67 -37.81
CA LYS B 444 -33.23 -27.88 -38.80
C LYS B 444 -34.51 -28.39 -38.16
N LEU B 445 -34.39 -29.31 -37.20
CA LEU B 445 -35.56 -29.79 -36.47
C LEU B 445 -36.20 -28.68 -35.66
N GLN B 446 -35.38 -27.80 -35.06
CA GLN B 446 -35.94 -26.66 -34.34
C GLN B 446 -36.68 -25.71 -35.27
N GLN B 447 -36.24 -25.60 -36.53
CA GLN B 447 -36.96 -24.78 -37.50
C GLN B 447 -38.32 -25.37 -37.83
N LYS B 448 -38.39 -26.70 -38.02
CA LYS B 448 -39.67 -27.34 -38.28
C LYS B 448 -40.63 -27.16 -37.11
N ASP B 449 -40.10 -27.09 -35.88
CA ASP B 449 -40.94 -26.81 -34.72
C ASP B 449 -41.35 -25.34 -34.68
N ARG B 450 -40.51 -24.44 -35.19
CA ARG B 450 -40.88 -23.03 -35.25
C ARG B 450 -42.01 -22.80 -36.24
N GLU B 451 -42.05 -23.59 -37.33
CA GLU B 451 -43.09 -23.42 -38.35
C GLU B 451 -44.49 -23.65 -37.81
N LYS B 452 -44.62 -24.33 -36.67
CA LYS B 452 -45.91 -24.55 -36.04
C LYS B 452 -46.36 -23.39 -35.15
N GLY B 453 -45.53 -22.38 -34.97
CA GLY B 453 -45.85 -21.25 -34.13
C GLY B 453 -45.07 -21.16 -32.83
N ASP B 454 -43.92 -21.83 -32.74
CA ASP B 454 -43.09 -21.81 -31.54
C ASP B 454 -42.16 -20.60 -31.60
N THR B 455 -42.49 -19.57 -30.82
CA THR B 455 -41.68 -18.36 -30.78
C THR B 455 -40.40 -18.53 -29.98
N GLU B 456 -40.26 -19.62 -29.22
CA GLU B 456 -39.08 -19.90 -28.43
C GLU B 456 -38.18 -20.95 -29.06
N ALA B 457 -38.38 -21.28 -30.33
CA ALA B 457 -37.45 -22.16 -31.00
C ALA B 457 -36.20 -21.36 -31.37
N ALA B 458 -35.05 -21.76 -30.84
CA ALA B 458 -33.82 -21.02 -31.08
C ALA B 458 -33.49 -20.99 -32.57
N GLN B 459 -33.07 -19.82 -33.04
CA GLN B 459 -32.76 -19.65 -34.45
C GLN B 459 -31.38 -20.19 -34.77
N LEU B 460 -31.18 -20.57 -36.03
CA LEU B 460 -29.90 -21.13 -36.45
C LEU B 460 -28.86 -20.02 -36.56
N ASP B 461 -27.66 -20.29 -36.05
CA ASP B 461 -26.54 -19.36 -36.11
C ASP B 461 -25.52 -19.91 -37.11
N SER B 462 -25.36 -19.22 -38.24
CA SER B 462 -24.43 -19.69 -39.25
C SER B 462 -22.98 -19.54 -38.78
N ALA B 463 -22.67 -18.45 -38.08
CA ALA B 463 -21.32 -18.26 -37.56
C ALA B 463 -20.98 -19.33 -36.53
N PHE B 464 -21.93 -19.67 -35.65
CA PHE B 464 -21.66 -20.71 -34.66
C PHE B 464 -21.40 -22.06 -35.31
N CYS B 465 -22.22 -22.44 -36.30
CA CYS B 465 -22.04 -23.73 -36.95
C CYS B 465 -20.70 -23.78 -37.68
N THR B 466 -20.27 -22.65 -38.24
CA THR B 466 -18.97 -22.57 -38.90
C THR B 466 -17.84 -22.80 -37.91
N SER B 467 -17.92 -22.20 -36.73
CA SER B 467 -16.88 -22.41 -35.71
C SER B 467 -16.79 -23.89 -35.30
N LEU B 468 -17.88 -24.61 -35.32
CA LEU B 468 -17.83 -26.03 -34.99
C LEU B 468 -17.01 -26.80 -36.03
N GLU B 469 -17.01 -26.33 -37.25
CA GLU B 469 -16.29 -27.03 -38.31
C GLU B 469 -14.78 -26.90 -38.17
N TYR B 470 -14.27 -26.02 -37.31
CA TYR B 470 -12.84 -25.91 -37.07
C TYR B 470 -12.38 -26.76 -35.89
N GLY B 471 -13.31 -27.52 -35.29
CA GLY B 471 -13.00 -28.45 -34.23
C GLY B 471 -13.31 -27.91 -32.85
N LEU B 472 -14.45 -28.29 -32.28
CA LEU B 472 -14.70 -28.06 -30.87
C LEU B 472 -14.30 -29.32 -30.10
N PRO B 473 -13.38 -29.23 -29.15
CA PRO B 473 -13.00 -30.44 -28.39
C PRO B 473 -14.17 -30.95 -27.57
N PRO B 474 -14.14 -32.21 -27.13
CA PRO B 474 -15.15 -32.66 -26.17
C PRO B 474 -15.15 -31.75 -24.97
N THR B 475 -16.34 -31.32 -24.55
CA THR B 475 -16.49 -30.20 -23.63
C THR B 475 -17.73 -30.44 -22.79
N GLY B 476 -17.69 -29.98 -21.55
CA GLY B 476 -18.85 -29.92 -20.69
C GLY B 476 -19.13 -28.51 -20.27
N GLY B 477 -20.39 -28.07 -20.37
CA GLY B 477 -20.77 -26.71 -20.05
C GLY B 477 -21.94 -26.70 -19.07
N LEU B 478 -22.07 -25.56 -18.39
CA LEU B 478 -22.96 -25.48 -17.24
C LEU B 478 -23.41 -24.03 -17.07
N GLY B 479 -24.70 -23.87 -16.78
CA GLY B 479 -25.25 -22.56 -16.44
C GLY B 479 -26.03 -22.56 -15.14
N LEU B 480 -25.99 -21.40 -14.46
CA LEU B 480 -26.57 -21.22 -13.14
C LEU B 480 -27.49 -20.00 -13.14
N GLY B 481 -28.60 -20.10 -12.42
CA GLY B 481 -29.46 -18.94 -12.26
C GLY B 481 -29.19 -18.25 -10.94
N ILE B 482 -28.42 -17.16 -10.97
CA ILE B 482 -27.90 -16.57 -9.74
C ILE B 482 -29.04 -16.04 -8.87
N ASP B 483 -30.04 -15.39 -9.48
CA ASP B 483 -31.14 -14.81 -8.71
C ASP B 483 -31.94 -15.89 -7.97
N ARG B 484 -32.27 -16.98 -8.67
CA ARG B 484 -32.99 -18.06 -8.00
C ARG B 484 -32.17 -18.66 -6.88
N ILE B 485 -30.87 -18.88 -7.10
CA ILE B 485 -30.00 -19.38 -6.02
C ILE B 485 -30.09 -18.46 -4.82
N THR B 486 -30.00 -17.15 -5.07
CA THR B 486 -29.99 -16.19 -3.97
C THR B 486 -31.30 -16.23 -3.20
N MET B 487 -32.41 -16.47 -3.91
CA MET B 487 -33.71 -16.56 -3.25
C MET B 487 -33.73 -17.65 -2.17
N PHE B 488 -33.22 -18.84 -2.51
CA PHE B 488 -33.24 -19.92 -1.53
C PHE B 488 -32.24 -19.69 -0.40
N LEU B 489 -31.15 -18.98 -0.66
CA LEU B 489 -30.16 -18.75 0.37
C LEU B 489 -30.44 -17.49 1.20
N THR B 490 -31.52 -16.76 0.90
CA THR B 490 -31.95 -15.63 1.71
C THR B 490 -33.39 -15.77 2.19
N ASN B 491 -34.00 -16.94 2.00
CA ASN B 491 -35.37 -17.22 2.43
C ASN B 491 -36.39 -16.28 1.75
N LYS B 492 -36.22 -16.06 0.45
CA LYS B 492 -37.16 -15.24 -0.30
C LYS B 492 -38.03 -16.12 -1.19
N ASN B 493 -39.30 -15.75 -1.32
CA ASN B 493 -40.24 -16.42 -2.21
C ASN B 493 -40.41 -15.73 -3.55
N SER B 494 -39.83 -14.55 -3.72
CA SER B 494 -39.99 -13.84 -4.98
C SER B 494 -38.63 -13.37 -5.48
N ILE B 495 -38.42 -13.51 -6.78
CA ILE B 495 -37.22 -12.96 -7.40
C ILE B 495 -37.13 -11.45 -7.23
N LYS B 496 -38.27 -10.76 -7.01
CA LYS B 496 -38.20 -9.31 -6.80
C LYS B 496 -37.53 -8.93 -5.49
N ASP B 497 -37.47 -9.86 -4.52
CA ASP B 497 -36.83 -9.57 -3.25
C ASP B 497 -35.31 -9.69 -3.28
N VAL B 498 -34.73 -10.19 -4.37
CA VAL B 498 -33.28 -10.31 -4.44
C VAL B 498 -32.70 -9.52 -5.62
N ILE B 499 -33.53 -8.71 -6.28
CA ILE B 499 -33.07 -7.83 -7.35
C ILE B 499 -33.29 -6.39 -6.87
N LEU B 500 -32.27 -5.54 -6.98
CA LEU B 500 -32.40 -4.22 -6.35
C LEU B 500 -33.52 -3.39 -6.99
N PHE B 501 -33.63 -3.41 -8.31
CA PHE B 501 -34.65 -2.66 -9.04
C PHE B 501 -35.34 -3.58 -10.04
N PRO B 502 -36.31 -4.39 -9.60
CA PRO B 502 -37.00 -5.29 -10.53
C PRO B 502 -37.78 -4.50 -11.59
N THR B 503 -38.09 -5.20 -12.69
CA THR B 503 -38.79 -4.56 -13.80
C THR B 503 -40.22 -4.24 -13.38
N MET B 504 -40.59 -2.96 -13.37
CA MET B 504 -41.90 -2.50 -12.91
C MET B 504 -42.55 -1.60 -13.95
N ARG B 505 -43.89 -1.57 -13.93
CA ARG B 505 -44.62 -0.62 -14.76
C ARG B 505 -44.44 0.80 -14.20
N PRO B 506 -44.57 1.82 -15.05
CA PRO B 506 -44.39 3.19 -14.57
C PRO B 506 -45.49 3.59 -13.58
N ALA B 507 -45.12 4.47 -12.66
CA ALA B 507 -46.06 4.98 -11.66
C ALA B 507 -46.77 6.23 -12.15
N ASP C 4 4.49 26.69 51.43
CA ASP C 4 3.60 25.91 50.57
C ASP C 4 3.98 26.05 49.10
N PRO C 5 4.28 24.91 48.45
CA PRO C 5 4.66 24.96 47.03
C PRO C 5 3.61 25.60 46.13
N ARG C 6 2.32 25.35 46.40
CA ARG C 6 1.28 25.97 45.59
C ARG C 6 1.29 27.48 45.77
N LEU C 7 1.39 27.94 47.01
CA LEU C 7 1.46 29.39 47.27
C LEU C 7 2.77 29.97 46.73
N TYR C 8 3.87 29.24 46.86
CA TYR C 8 5.15 29.69 46.31
C TYR C 8 5.01 30.02 44.83
N PHE C 9 4.45 29.08 44.06
CA PHE C 9 4.30 29.27 42.61
C PHE C 9 3.35 30.41 42.29
N GLU C 10 2.26 30.54 43.05
CA GLU C 10 1.36 31.66 42.84
C GLU C 10 2.04 32.99 43.09
N ASN C 11 2.83 33.07 44.17
CA ASN C 11 3.52 34.31 44.50
C ASN C 11 4.58 34.66 43.46
N ARG C 12 5.32 33.66 42.98
CA ARG C 12 6.32 33.90 41.94
C ARG C 12 5.67 34.32 40.64
N SER C 13 4.56 33.66 40.27
CA SER C 13 3.81 34.06 39.08
C SER C 13 3.35 35.51 39.18
N LYS C 14 2.82 35.89 40.35
CA LYS C 14 2.38 37.27 40.55
C LYS C 14 3.55 38.23 40.41
N PHE C 15 4.72 37.83 40.91
CA PHE C 15 5.91 38.65 40.80
C PHE C 15 6.28 38.90 39.35
N ILE C 16 6.20 37.87 38.49
CA ILE C 16 6.50 38.06 37.08
C ILE C 16 5.54 39.06 36.45
N GLN C 17 4.25 38.95 36.78
CA GLN C 17 3.26 39.86 36.21
C GLN C 17 3.46 41.28 36.73
N ASP C 18 3.82 41.42 38.01
CA ASP C 18 4.02 42.74 38.58
C ASP C 18 5.24 43.43 37.97
N GLN C 19 6.30 42.68 37.66
CA GLN C 19 7.43 43.27 36.95
C GLN C 19 7.01 43.79 35.58
N LYS C 20 6.27 42.98 34.84
CA LYS C 20 5.75 43.40 33.54
C LYS C 20 4.89 44.65 33.67
N ASP C 21 4.05 44.71 34.70
CA ASP C 21 3.21 45.90 34.90
C ASP C 21 4.05 47.13 35.16
N LYS C 22 5.19 46.97 35.82
CA LYS C 22 6.10 48.09 36.11
C LYS C 22 7.00 48.44 34.94
N GLY C 23 6.86 47.77 33.79
CA GLY C 23 7.68 48.04 32.63
C GLY C 23 8.94 47.21 32.52
N ILE C 24 9.23 46.35 33.49
CA ILE C 24 10.44 45.53 33.47
C ILE C 24 10.20 44.28 32.62
N ASN C 25 11.23 43.87 31.88
CA ASN C 25 11.18 42.61 31.16
C ASN C 25 11.88 41.55 31.98
N PRO C 26 11.14 40.62 32.61
CA PRO C 26 11.79 39.59 33.42
C PRO C 26 12.44 38.48 32.61
N TYR C 27 12.24 38.42 31.28
CA TYR C 27 12.92 37.47 30.40
C TYR C 27 13.61 38.23 29.27
N PRO C 28 14.75 38.86 29.53
CA PRO C 28 15.44 39.62 28.48
C PRO C 28 15.95 38.73 27.36
N HIS C 29 16.11 39.33 26.17
CA HIS C 29 16.39 38.54 24.98
C HIS C 29 17.82 38.02 24.98
N LYS C 30 18.79 38.85 25.37
CA LYS C 30 20.19 38.52 25.14
C LYS C 30 21.08 39.14 26.19
N PHE C 31 21.80 38.30 26.92
CA PHE C 31 22.91 38.70 27.78
C PHE C 31 24.18 38.12 27.17
N GLU C 32 25.19 38.96 26.92
CA GLU C 32 26.40 38.51 26.24
C GLU C 32 27.46 38.15 27.28
N ARG C 33 27.56 36.88 27.57
CA ARG C 33 28.54 36.45 28.48
C ARG C 33 29.97 36.40 27.90
N THR C 34 30.96 36.60 28.73
CA THR C 34 32.34 36.61 28.26
C THR C 34 33.11 35.35 28.65
N ILE C 35 32.62 34.56 29.61
CA ILE C 35 33.36 33.42 30.12
C ILE C 35 32.37 32.43 30.71
N SER C 36 32.68 31.14 30.59
CA SER C 36 31.85 30.11 31.23
C SER C 36 32.32 29.90 32.66
N ILE C 37 31.50 29.21 33.46
CA ILE C 37 31.87 28.91 34.84
C ILE C 37 33.05 27.95 34.89
N PRO C 38 33.10 26.87 34.10
CA PRO C 38 34.35 26.07 34.04
C PRO C 38 35.56 26.89 33.61
N GLU C 39 35.45 27.71 32.57
CA GLU C 39 36.59 28.52 32.14
C GLU C 39 37.02 29.49 33.24
N PHE C 40 36.04 30.09 33.94
CA PHE C 40 36.32 30.93 35.09
C PHE C 40 37.16 30.19 36.12
N ILE C 41 36.74 28.98 36.49
CA ILE C 41 37.43 28.20 37.52
C ILE C 41 38.86 27.93 37.09
N GLU C 42 39.06 27.55 35.83
CA GLU C 42 40.40 27.24 35.34
C GLU C 42 41.27 28.49 35.25
N LYS C 43 40.67 29.62 34.88
CA LYS C 43 41.46 30.83 34.64
C LYS C 43 41.91 31.51 35.94
N TYR C 44 41.12 31.41 37.01
CA TYR C 44 41.42 32.12 38.25
C TYR C 44 41.63 31.16 39.43
N LYS C 45 41.99 29.91 39.15
CA LYS C 45 42.14 28.91 40.22
C LYS C 45 43.28 29.29 41.15
N ASP C 46 44.44 29.61 40.60
CA ASP C 46 45.65 29.86 41.39
C ASP C 46 45.78 31.30 41.84
N LEU C 47 44.68 32.02 41.97
CA LEU C 47 44.74 33.35 42.57
C LEU C 47 45.11 33.23 44.05
N GLY C 48 45.75 34.28 44.56
CA GLY C 48 46.12 34.29 45.96
C GLY C 48 44.93 34.43 46.87
N ASN C 49 45.11 34.01 48.12
CA ASN C 49 44.07 34.16 49.13
C ASN C 49 43.79 35.64 49.36
N GLY C 50 42.54 36.05 49.12
CA GLY C 50 42.14 37.43 49.31
C GLY C 50 42.36 38.35 48.12
N GLU C 51 42.98 37.86 47.05
CA GLU C 51 43.33 38.70 45.93
C GLU C 51 42.12 39.04 45.06
N HIS C 52 42.03 40.29 44.65
CA HIS C 52 40.99 40.76 43.74
C HIS C 52 41.63 41.22 42.45
N LEU C 53 40.90 41.07 41.33
CA LEU C 53 41.28 41.70 40.07
C LEU C 53 40.14 42.64 39.68
N GLU C 54 40.12 43.84 40.28
CA GLU C 54 38.98 44.73 40.16
C GLU C 54 38.95 45.49 38.83
N ASP C 55 40.06 45.50 38.09
CA ASP C 55 40.07 46.06 36.74
C ASP C 55 39.62 45.08 35.67
N THR C 56 39.37 43.83 36.05
CA THR C 56 38.93 42.79 35.12
C THR C 56 37.43 42.62 35.27
N ILE C 57 36.67 43.18 34.33
CA ILE C 57 35.22 43.11 34.36
C ILE C 57 34.77 41.99 33.44
N LEU C 58 34.00 41.06 33.99
CA LEU C 58 33.50 39.90 33.26
C LEU C 58 31.99 39.84 33.31
N ASN C 59 31.42 39.28 32.25
CA ASN C 59 30.00 38.93 32.19
C ASN C 59 29.89 37.41 32.28
N ILE C 60 29.19 36.93 33.30
CA ILE C 60 29.07 35.49 33.56
C ILE C 60 27.60 35.17 33.81
N THR C 61 27.19 33.94 33.50
CA THR C 61 25.83 33.49 33.74
C THR C 61 25.85 32.16 34.48
N GLY C 62 24.70 31.83 35.06
CA GLY C 62 24.53 30.54 35.68
C GLY C 62 23.20 30.47 36.41
N ARG C 63 23.02 29.37 37.13
CA ARG C 63 21.83 29.15 37.95
C ARG C 63 22.19 29.27 39.42
N ILE C 64 21.39 30.07 40.15
CA ILE C 64 21.53 30.16 41.59
C ILE C 64 21.02 28.88 42.23
N MET C 65 21.84 28.28 43.10
CA MET C 65 21.45 27.04 43.76
C MET C 65 21.52 27.13 45.28
N ARG C 66 22.00 28.23 45.84
CA ARG C 66 22.01 28.42 47.29
C ARG C 66 21.98 29.92 47.55
N VAL C 67 21.21 30.31 48.56
CA VAL C 67 21.05 31.71 48.96
C VAL C 67 21.35 31.83 50.44
N SER C 68 22.27 32.74 50.79
CA SER C 68 22.56 33.04 52.17
C SER C 68 23.05 34.48 52.27
N ALA C 69 23.00 35.03 53.49
CA ALA C 69 23.38 36.41 53.71
C ALA C 69 24.12 36.53 55.03
N SER C 70 25.08 37.46 55.07
CA SER C 70 25.78 37.83 56.29
C SER C 70 25.51 39.31 56.50
N GLY C 71 24.38 39.61 57.13
CA GLY C 71 23.90 40.96 57.21
C GLY C 71 23.15 41.36 55.94
N GLN C 72 22.81 42.63 55.87
CA GLN C 72 22.10 43.16 54.70
C GLN C 72 23.03 43.67 53.62
N LYS C 73 24.30 43.91 53.93
CA LYS C 73 25.25 44.47 52.98
C LYS C 73 26.10 43.41 52.30
N LEU C 74 26.00 42.15 52.69
CA LEU C 74 26.83 41.06 52.14
C LEU C 74 25.94 39.87 51.81
N ARG C 75 25.72 39.64 50.52
CA ARG C 75 24.86 38.56 50.05
C ARG C 75 25.71 37.49 49.38
N PHE C 76 25.46 36.24 49.74
CA PHE C 76 26.22 35.10 49.23
C PHE C 76 25.30 34.19 48.44
N PHE C 77 25.81 33.64 47.35
CA PHE C 77 25.06 32.70 46.52
C PHE C 77 25.99 31.65 45.96
N ASP C 78 25.41 30.50 45.64
CA ASP C 78 26.08 29.48 44.85
C ASP C 78 25.55 29.57 43.43
N LEU C 79 26.48 29.63 42.46
CA LEU C 79 26.17 29.72 41.04
C LEU C 79 26.71 28.49 40.33
N VAL C 80 25.86 27.79 39.57
CA VAL C 80 26.26 26.56 38.90
C VAL C 80 26.07 26.70 37.40
N GLY C 81 27.00 26.10 36.65
CA GLY C 81 26.92 25.99 35.21
C GLY C 81 27.79 24.86 34.70
N ASP C 82 27.26 24.06 33.77
CA ASP C 82 28.01 22.94 33.15
C ASP C 82 28.58 22.00 34.22
N GLY C 83 27.80 21.76 35.27
CA GLY C 83 28.20 20.85 36.32
C GLY C 83 29.20 21.38 37.32
N GLU C 84 29.58 22.65 37.21
CA GLU C 84 30.58 23.24 38.09
C GLU C 84 29.99 24.48 38.77
N LYS C 85 30.63 24.90 39.86
CA LYS C 85 30.03 25.88 40.73
C LYS C 85 31.07 26.86 41.27
N ILE C 86 30.69 28.13 41.35
CA ILE C 86 31.48 29.16 42.01
C ILE C 86 30.58 29.89 43.00
N GLN C 87 31.22 30.65 43.90
CA GLN C 87 30.49 31.50 44.82
C GLN C 87 30.21 32.86 44.17
N VAL C 88 29.09 33.46 44.55
CA VAL C 88 28.79 34.85 44.25
C VAL C 88 28.87 35.62 45.56
N LEU C 89 29.75 36.63 45.61
CA LEU C 89 29.89 37.50 46.78
C LEU C 89 29.45 38.91 46.37
N ALA C 90 28.24 39.29 46.75
CA ALA C 90 27.68 40.60 46.44
C ALA C 90 27.91 41.53 47.62
N ASN C 91 28.81 42.50 47.44
CA ASN C 91 29.12 43.49 48.46
C ASN C 91 28.48 44.82 48.09
N TYR C 92 27.81 45.45 49.06
CA TYR C 92 27.24 46.77 48.84
C TYR C 92 28.30 47.76 48.34
N SER C 93 29.56 47.56 48.74
CA SER C 93 30.65 48.47 48.40
C SER C 93 31.02 48.43 46.92
N PHE C 94 30.75 47.33 46.23
CA PHE C 94 31.02 47.20 44.80
C PHE C 94 29.79 47.38 43.94
N HIS C 95 28.61 47.53 44.54
CA HIS C 95 27.39 47.56 43.75
C HIS C 95 27.29 48.85 42.95
N ASN C 96 26.80 48.74 41.71
CA ASN C 96 26.54 49.92 40.88
C ASN C 96 25.15 50.45 41.23
N HIS C 97 25.11 51.44 42.12
CA HIS C 97 23.84 52.00 42.59
C HIS C 97 23.08 52.74 41.51
N GLU C 98 23.72 53.03 40.37
CA GLU C 98 23.00 53.65 39.27
C GLU C 98 21.97 52.73 38.65
N LYS C 99 22.07 51.42 38.90
CA LYS C 99 21.15 50.46 38.33
C LYS C 99 19.98 50.10 39.24
N GLY C 100 20.04 50.46 40.51
CA GLY C 100 18.93 50.21 41.42
C GLY C 100 19.42 50.01 42.84
N ASN C 101 18.45 49.97 43.77
CA ASN C 101 18.73 49.74 45.18
C ASN C 101 19.34 48.34 45.37
N PHE C 102 20.40 48.28 46.18
CA PHE C 102 21.11 47.01 46.39
C PHE C 102 20.19 45.94 47.00
N ALA C 103 19.51 46.28 48.09
CA ALA C 103 18.67 45.30 48.77
C ALA C 103 17.50 44.89 47.90
N GLU C 104 16.85 45.85 47.25
CA GLU C 104 15.74 45.54 46.35
C GLU C 104 16.16 44.56 45.26
N CYS C 105 17.38 44.73 44.73
CA CYS C 105 17.83 43.84 43.67
C CYS C 105 17.98 42.42 44.18
N TYR C 106 18.74 42.24 45.25
CA TYR C 106 19.13 40.90 45.70
C TYR C 106 18.06 40.22 46.54
N ASP C 107 17.13 40.97 47.12
CA ASP C 107 16.03 40.32 47.84
C ASP C 107 15.16 39.50 46.90
N LYS C 108 15.09 39.86 45.62
CA LYS C 108 14.21 39.17 44.68
C LYS C 108 14.74 37.80 44.32
N ILE C 109 16.05 37.56 44.48
CA ILE C 109 16.68 36.35 43.97
C ILE C 109 16.19 35.13 44.73
N ARG C 110 15.95 34.05 44.01
CA ARG C 110 15.53 32.81 44.63
C ARG C 110 16.39 31.66 44.14
N ARG C 111 16.43 30.61 44.94
CA ARG C 111 17.07 29.37 44.50
C ARG C 111 16.43 28.92 43.19
N GLY C 112 17.28 28.67 42.19
CA GLY C 112 16.84 28.25 40.88
C GLY C 112 16.87 29.33 39.80
N ASP C 113 16.95 30.60 40.18
CA ASP C 113 16.94 31.66 39.19
C ASP C 113 18.19 31.59 38.30
N ILE C 114 17.99 31.78 37.01
CA ILE C 114 19.09 32.02 36.08
C ILE C 114 19.40 33.51 36.06
N VAL C 115 20.65 33.88 36.35
CA VAL C 115 21.05 35.27 36.42
C VAL C 115 22.20 35.54 35.46
N GLY C 116 22.44 36.82 35.19
CA GLY C 116 23.61 37.29 34.48
C GLY C 116 24.31 38.34 35.32
N ILE C 117 25.62 38.20 35.50
CA ILE C 117 26.36 39.00 36.45
C ILE C 117 27.45 39.77 35.71
N VAL C 118 27.58 41.05 36.01
CA VAL C 118 28.72 41.87 35.61
C VAL C 118 29.55 42.12 36.86
N GLY C 119 30.79 41.69 36.84
CA GLY C 119 31.60 41.76 38.04
C GLY C 119 33.03 41.41 37.77
N PHE C 120 33.79 41.23 38.84
CA PHE C 120 35.21 40.96 38.74
C PHE C 120 35.54 39.70 39.52
N PRO C 121 36.64 39.02 39.18
CA PRO C 121 37.01 37.80 39.90
C PRO C 121 37.89 38.08 41.12
N GLY C 122 37.84 37.16 42.06
CA GLY C 122 38.68 37.24 43.24
C GLY C 122 38.48 36.04 44.12
N LYS C 123 39.30 35.97 45.17
CA LYS C 123 39.21 34.95 46.19
C LYS C 123 38.88 35.61 47.52
N SER C 124 38.01 34.96 48.29
CA SER C 124 37.55 35.53 49.57
C SER C 124 38.69 35.65 50.56
N LYS C 125 38.40 36.20 51.75
CA LYS C 125 39.45 36.40 52.75
C LYS C 125 40.24 35.11 52.98
N LYS C 126 39.55 33.98 53.12
CA LYS C 126 40.28 32.73 53.38
C LYS C 126 40.78 32.07 52.09
N GLY C 127 39.86 31.50 51.30
CA GLY C 127 40.28 30.89 50.04
C GLY C 127 39.27 30.83 48.92
N GLU C 128 38.10 31.46 49.09
CA GLU C 128 36.93 31.11 48.28
C GLU C 128 36.92 31.85 46.95
N LEU C 129 37.04 31.09 45.86
CA LEU C 129 36.94 31.67 44.52
C LEU C 129 35.52 32.18 44.29
N SER C 130 35.40 33.44 43.88
CA SER C 130 34.10 34.08 43.76
C SER C 130 34.08 35.02 42.56
N ILE C 131 32.86 35.25 42.06
CA ILE C 131 32.60 36.41 41.21
C ILE C 131 31.98 37.48 42.11
N PHE C 132 32.55 38.70 42.05
CA PHE C 132 32.09 39.84 42.82
C PHE C 132 31.23 40.72 41.91
N PRO C 133 29.91 40.64 41.96
CA PRO C 133 29.10 41.47 41.06
C PRO C 133 29.19 42.95 41.39
N LYS C 134 29.13 43.75 40.34
CA LYS C 134 28.67 45.14 40.41
C LYS C 134 27.24 45.28 39.95
N GLU C 135 26.72 44.29 39.23
CA GLU C 135 25.33 44.28 38.80
C GLU C 135 24.89 42.83 38.59
N THR C 136 23.67 42.50 39.02
CA THR C 136 23.12 41.16 38.84
C THR C 136 21.73 41.28 38.22
N ILE C 137 21.53 40.61 37.09
CA ILE C 137 20.34 40.75 36.27
C ILE C 137 19.63 39.41 36.22
N LEU C 138 18.33 39.41 36.51
CA LEU C 138 17.51 38.21 36.39
C LEU C 138 17.24 37.91 34.91
N LEU C 139 17.65 36.72 34.44
CA LEU C 139 17.38 36.31 33.07
C LEU C 139 16.22 35.34 32.92
N SER C 140 15.98 34.47 33.90
CA SER C 140 14.84 33.55 33.83
C SER C 140 14.57 33.00 35.22
N ALA C 141 13.40 33.30 35.77
CA ALA C 141 13.08 32.90 37.12
C ALA C 141 12.65 31.44 37.19
N CYS C 142 13.01 30.80 38.29
CA CYS C 142 12.50 29.47 38.61
C CYS C 142 11.27 29.66 39.49
N LEU C 143 10.09 29.40 38.93
CA LEU C 143 8.83 29.71 39.59
C LEU C 143 8.43 28.70 40.67
N HIS C 144 8.97 27.48 40.63
CA HIS C 144 8.67 26.50 41.66
C HIS C 144 9.84 26.42 42.65
N MET C 145 9.59 25.78 43.79
CA MET C 145 10.67 25.47 44.72
C MET C 145 11.45 24.27 44.18
N LEU C 146 12.77 24.39 44.12
CA LEU C 146 13.55 23.25 43.67
C LEU C 146 13.72 22.25 44.81
N PRO C 147 13.50 20.96 44.58
CA PRO C 147 13.82 19.97 45.62
C PRO C 147 15.30 20.08 46.02
N MET C 148 15.59 19.67 47.25
CA MET C 148 16.94 19.81 47.75
C MET C 148 17.76 18.56 47.41
N LYS C 149 19.03 18.57 47.85
CA LYS C 149 20.02 17.61 47.38
C LYS C 149 19.55 16.17 47.49
N TYR C 150 18.79 15.85 48.53
CA TYR C 150 18.30 14.49 48.74
C TYR C 150 16.78 14.41 48.62
N GLY C 151 16.16 15.32 47.88
CA GLY C 151 14.71 15.33 47.75
C GLY C 151 14.21 14.49 46.60
N LEU C 152 15.10 14.19 45.65
CA LEU C 152 14.77 13.40 44.46
C LEU C 152 15.21 11.96 44.60
N LYS C 153 15.16 11.40 45.82
CA LYS C 153 15.70 10.07 46.04
C LYS C 153 14.71 8.97 45.66
N ASP C 154 13.55 8.93 46.33
CA ASP C 154 12.69 7.76 46.26
C ASP C 154 11.66 7.82 45.13
N THR C 155 11.34 8.99 44.61
CA THR C 155 10.23 9.12 43.68
C THR C 155 10.66 8.78 42.25
N GLU C 156 9.68 8.75 41.36
CA GLU C 156 9.89 8.67 39.92
C GLU C 156 10.04 10.03 39.27
N ILE C 157 10.30 11.08 40.06
CA ILE C 157 10.46 12.40 39.47
C ILE C 157 11.71 12.43 38.58
N ARG C 158 12.75 11.67 38.94
CA ARG C 158 13.95 11.61 38.12
C ARG C 158 13.65 11.21 36.69
N TYR C 159 12.68 10.30 36.50
CA TYR C 159 12.33 9.80 35.18
C TYR C 159 11.28 10.66 34.49
N ARG C 160 10.39 11.30 35.27
CA ARG C 160 9.30 12.10 34.72
C ARG C 160 9.65 13.58 34.58
N GLN C 161 10.56 14.11 35.40
CA GLN C 161 11.12 15.45 35.17
C GLN C 161 12.64 15.34 35.21
N ARG C 162 13.23 14.87 34.10
CA ARG C 162 14.65 14.57 34.11
C ARG C 162 15.50 15.82 34.33
N TYR C 163 14.99 16.99 33.91
CA TYR C 163 15.72 18.24 34.13
C TYR C 163 15.99 18.50 35.62
N LEU C 164 15.09 18.09 36.51
CA LEU C 164 15.33 18.31 37.94
C LEU C 164 16.43 17.39 38.44
N ASP C 165 16.41 16.14 38.00
CA ASP C 165 17.46 15.20 38.36
C ASP C 165 18.83 15.68 37.87
N LEU C 166 18.88 16.25 36.66
CA LEU C 166 20.16 16.75 36.15
C LEU C 166 20.64 17.96 36.94
N LEU C 167 19.72 18.80 37.44
CA LEU C 167 20.12 19.98 38.19
C LEU C 167 20.61 19.63 39.58
N ILE C 168 19.96 18.68 40.25
CA ILE C 168 20.17 18.42 41.66
C ILE C 168 21.19 17.31 41.90
N ASN C 169 21.16 16.24 41.11
CA ASN C 169 21.98 15.05 41.38
C ASN C 169 23.19 15.05 40.46
N GLU C 170 24.38 15.21 41.04
CA GLU C 170 25.60 15.32 40.24
C GLU C 170 25.92 14.03 39.50
N SER C 171 25.57 12.88 40.06
CA SER C 171 25.87 11.61 39.39
C SER C 171 25.10 11.47 38.09
N SER C 172 23.93 12.11 37.99
CA SER C 172 23.10 11.97 36.81
C SER C 172 23.80 12.52 35.57
N ARG C 173 24.39 13.71 35.69
CA ARG C 173 25.15 14.27 34.59
C ARG C 173 26.29 13.35 34.17
N HIS C 174 27.00 12.79 35.15
CA HIS C 174 28.11 11.89 34.86
C HIS C 174 27.63 10.64 34.13
N THR C 175 26.51 10.05 34.57
CA THR C 175 25.97 8.88 33.89
C THR C 175 25.75 9.14 32.41
N PHE C 176 25.12 10.27 32.07
CA PHE C 176 24.80 10.52 30.68
C PHE C 176 26.01 11.01 29.88
N VAL C 177 26.98 11.66 30.54
CA VAL C 177 28.25 11.94 29.87
C VAL C 177 28.92 10.64 29.45
N THR C 178 28.95 9.66 30.37
CA THR C 178 29.55 8.36 30.06
C THR C 178 28.83 7.70 28.90
N ARG C 179 27.51 7.78 28.87
CA ARG C 179 26.75 7.22 27.76
C ARG C 179 27.23 7.77 26.42
N THR C 180 27.30 9.10 26.30
CA THR C 180 27.77 9.69 25.06
C THR C 180 29.22 9.30 24.75
N LYS C 181 30.07 9.19 25.78
CA LYS C 181 31.45 8.73 25.56
C LYS C 181 31.49 7.31 25.01
N ILE C 182 30.61 6.43 25.49
CA ILE C 182 30.58 5.04 25.00
C ILE C 182 30.25 5.02 23.52
N ILE C 183 29.23 5.78 23.10
CA ILE C 183 28.81 5.80 21.71
C ILE C 183 29.88 6.45 20.83
N ASN C 184 30.53 7.53 21.31
CA ASN C 184 31.61 8.13 20.54
C ASN C 184 32.75 7.14 20.34
N PHE C 185 33.07 6.38 21.38
CA PHE C 185 34.15 5.38 21.28
C PHE C 185 33.80 4.31 20.25
N LEU C 186 32.58 3.78 20.30
CA LEU C 186 32.13 2.77 19.35
C LEU C 186 32.19 3.29 17.91
N ARG C 187 31.69 4.51 17.69
CA ARG C 187 31.69 5.06 16.34
C ARG C 187 33.11 5.18 15.80
N ASN C 188 34.02 5.73 16.61
CA ASN C 188 35.40 5.89 16.18
C ASN C 188 36.10 4.54 15.99
N PHE C 189 35.80 3.57 16.86
CA PHE C 189 36.39 2.23 16.78
C PHE C 189 36.04 1.56 15.44
N LEU C 190 34.78 1.66 15.03
CA LEU C 190 34.36 1.11 13.75
C LEU C 190 34.90 1.91 12.58
N ASN C 191 34.84 3.24 12.67
CA ASN C 191 35.31 4.08 11.57
C ASN C 191 36.80 3.89 11.30
N GLU C 192 37.61 3.82 12.37
CA GLU C 192 39.03 3.57 12.21
C GLU C 192 39.32 2.23 11.53
N ARG C 193 38.40 1.28 11.62
CA ARG C 193 38.55 -0.03 11.00
C ARG C 193 37.87 -0.10 9.64
N GLY C 194 37.49 1.05 9.07
CA GLY C 194 37.00 1.08 7.71
C GLY C 194 35.52 0.85 7.55
N PHE C 195 34.75 0.87 8.63
CA PHE C 195 33.31 0.64 8.53
C PHE C 195 32.59 1.90 8.12
N PHE C 196 31.49 1.72 7.39
CA PHE C 196 30.75 2.82 6.78
C PHE C 196 29.38 2.94 7.45
N GLU C 197 29.12 4.10 8.05
CA GLU C 197 27.87 4.27 8.82
C GLU C 197 26.70 4.64 7.90
N VAL C 198 25.55 3.99 8.07
CA VAL C 198 24.39 4.22 7.20
C VAL C 198 23.13 4.41 8.06
N GLU C 199 22.05 4.80 7.40
CA GLU C 199 20.72 4.86 8.00
C GLU C 199 19.77 4.02 7.17
N THR C 200 19.13 3.03 7.80
CA THR C 200 18.12 2.18 7.18
C THR C 200 16.74 2.56 7.75
N PRO C 201 15.63 2.13 7.12
CA PRO C 201 14.33 2.71 7.50
C PRO C 201 13.84 2.22 8.86
N MET C 202 13.21 3.12 9.60
CA MET C 202 12.56 2.72 10.84
C MET C 202 11.14 2.21 10.63
N MET C 203 10.52 2.56 9.50
CA MET C 203 9.20 2.07 9.12
C MET C 203 9.35 1.15 7.91
N ASN C 204 8.82 -0.06 8.02
CA ASN C 204 8.99 -1.08 6.99
C ASN C 204 7.69 -1.84 6.80
N LEU C 205 7.60 -2.51 5.64
CA LEU C 205 6.44 -3.33 5.33
C LEU C 205 6.39 -4.59 6.20
N ILE C 206 7.55 -5.09 6.62
CA ILE C 206 7.64 -6.18 7.59
C ILE C 206 8.71 -5.79 8.60
N ALA C 207 8.62 -6.38 9.79
CA ALA C 207 9.60 -6.17 10.85
C ALA C 207 10.29 -7.50 11.12
N GLY C 208 11.47 -7.69 10.54
CA GLY C 208 12.25 -8.89 10.72
C GLY C 208 13.58 -8.63 11.40
N GLY C 209 14.35 -9.70 11.55
CA GLY C 209 15.68 -9.59 12.12
C GLY C 209 15.78 -9.96 13.59
N ALA C 210 14.67 -10.28 14.24
CA ALA C 210 14.68 -10.74 15.63
C ALA C 210 13.31 -11.34 15.91
N ASN C 211 13.19 -11.93 17.09
CA ASN C 211 11.93 -12.56 17.52
C ASN C 211 11.28 -11.62 18.52
N ALA C 212 10.44 -10.72 18.01
CA ALA C 212 9.80 -9.73 18.87
C ALA C 212 8.55 -9.19 18.17
N ARG C 213 7.52 -8.90 18.97
CA ARG C 213 6.29 -8.28 18.46
C ARG C 213 6.55 -6.81 18.12
N PRO C 214 6.09 -6.34 16.95
CA PRO C 214 6.38 -4.95 16.56
C PRO C 214 5.31 -3.94 16.91
N PHE C 215 5.68 -2.66 16.83
CA PHE C 215 4.71 -1.57 16.76
C PHE C 215 4.20 -1.45 15.33
N ILE C 216 2.93 -1.11 15.19
CA ILE C 216 2.30 -0.88 13.88
C ILE C 216 1.80 0.54 13.83
N THR C 217 1.97 1.20 12.67
CA THR C 217 1.45 2.54 12.45
C THR C 217 0.85 2.59 11.05
N HIS C 218 0.52 3.78 10.57
CA HIS C 218 -0.18 3.92 9.30
C HIS C 218 0.22 5.21 8.63
N HIS C 219 0.50 5.16 7.33
CA HIS C 219 0.72 6.36 6.53
C HIS C 219 -0.56 6.69 5.77
N ASN C 220 -1.08 7.90 5.98
CA ASN C 220 -2.40 8.25 5.45
C ASN C 220 -2.40 8.35 3.94
N ASP C 221 -1.45 9.10 3.37
CA ASP C 221 -1.48 9.36 1.93
C ASP C 221 -1.19 8.11 1.10
N LEU C 222 -0.25 7.27 1.56
CA LEU C 222 -0.01 6.01 0.87
C LEU C 222 -1.07 4.97 1.16
N ASP C 223 -1.88 5.18 2.21
CA ASP C 223 -2.84 4.21 2.71
C ASP C 223 -2.16 2.86 2.95
N LEU C 224 -1.18 2.87 3.85
CA LEU C 224 -0.30 1.74 4.03
C LEU C 224 0.01 1.53 5.51
N ASP C 225 -0.22 0.32 6.00
CA ASP C 225 0.24 -0.05 7.34
C ASP C 225 1.74 -0.28 7.32
N LEU C 226 2.43 0.26 8.33
CA LEU C 226 3.87 0.18 8.42
C LEU C 226 4.25 -0.31 9.81
N TYR C 227 5.36 -1.04 9.90
CA TYR C 227 5.84 -1.56 11.17
C TYR C 227 7.14 -0.89 11.56
N LEU C 228 7.28 -0.53 12.83
CA LEU C 228 8.55 -0.03 13.32
C LEU C 228 9.55 -1.18 13.39
N ARG C 229 10.81 -0.88 13.10
CA ARG C 229 11.81 -1.93 13.02
C ARG C 229 12.09 -2.49 14.41
N ILE C 230 12.18 -3.82 14.48
CA ILE C 230 12.65 -4.50 15.68
C ILE C 230 14.17 -4.72 15.66
N ALA C 231 14.82 -4.56 14.51
CA ALA C 231 16.26 -4.73 14.37
C ALA C 231 16.67 -4.04 13.08
N THR C 232 17.98 -3.92 12.86
CA THR C 232 18.49 -3.36 11.61
C THR C 232 19.10 -4.43 10.71
N GLU C 233 18.99 -5.71 11.10
CA GLU C 233 19.77 -6.79 10.51
C GLU C 233 19.50 -6.95 9.01
N LEU C 234 18.23 -7.01 8.60
CA LEU C 234 17.93 -7.37 7.22
C LEU C 234 18.33 -6.29 6.21
N PRO C 235 18.03 -5.00 6.41
CA PRO C 235 18.52 -4.02 5.43
C PRO C 235 20.04 -3.86 5.44
N LEU C 236 20.70 -4.05 6.59
CA LEU C 236 22.15 -4.00 6.60
C LEU C 236 22.75 -5.14 5.78
N LYS C 237 22.14 -6.33 5.85
CA LYS C 237 22.60 -7.43 5.00
C LYS C 237 22.33 -7.14 3.53
N MET C 238 21.22 -6.46 3.21
CA MET C 238 20.97 -6.05 1.82
C MET C 238 22.06 -5.11 1.33
N LEU C 239 22.59 -4.26 2.22
CA LEU C 239 23.70 -3.38 1.82
C LEU C 239 25.00 -4.15 1.61
N ILE C 240 25.17 -5.29 2.28
CA ILE C 240 26.35 -6.12 1.99
C ILE C 240 26.26 -6.68 0.58
N VAL C 241 25.07 -7.16 0.19
CA VAL C 241 24.84 -7.59 -1.18
C VAL C 241 25.22 -6.48 -2.15
N GLY C 242 24.86 -5.24 -1.81
CA GLY C 242 25.19 -4.09 -2.61
C GLY C 242 26.64 -3.67 -2.57
N GLY C 243 27.50 -4.40 -1.87
CA GLY C 243 28.92 -4.14 -1.91
C GLY C 243 29.45 -3.19 -0.87
N ILE C 244 28.65 -2.78 0.11
CA ILE C 244 29.16 -2.00 1.24
C ILE C 244 29.67 -3.03 2.25
N ASP C 245 30.94 -3.42 2.07
CA ASP C 245 31.45 -4.65 2.68
C ASP C 245 31.72 -4.53 4.17
N LYS C 246 31.86 -3.32 4.70
CA LYS C 246 31.88 -3.08 6.15
C LYS C 246 30.86 -1.99 6.42
N VAL C 247 29.73 -2.34 7.04
CA VAL C 247 28.61 -1.40 7.18
C VAL C 247 28.04 -1.52 8.60
N TYR C 248 27.56 -0.40 9.15
CA TYR C 248 26.95 -0.42 10.49
C TYR C 248 25.89 0.67 10.62
N GLU C 249 25.09 0.54 11.67
CA GLU C 249 24.08 1.54 12.03
C GLU C 249 24.02 1.61 13.55
N ILE C 250 23.97 2.83 14.08
CA ILE C 250 23.70 3.09 15.49
C ILE C 250 22.41 3.90 15.53
N GLY C 251 21.37 3.34 16.12
CA GLY C 251 20.13 4.08 16.26
C GLY C 251 19.10 3.30 17.05
N LYS C 252 17.89 3.86 17.07
CA LYS C 252 16.78 3.28 17.83
C LYS C 252 16.13 2.13 17.08
N VAL C 253 15.73 1.09 17.84
CA VAL C 253 14.86 0.01 17.36
C VAL C 253 13.74 -0.11 18.38
N PHE C 254 12.68 -0.82 18.01
CA PHE C 254 11.42 -0.76 18.75
C PHE C 254 10.83 -2.15 18.93
N ARG C 255 10.52 -2.52 20.17
CA ARG C 255 9.87 -3.80 20.45
C ARG C 255 8.67 -3.58 21.37
N ASN C 256 7.52 -4.13 20.95
CA ASN C 256 6.23 -3.93 21.61
C ASN C 256 5.97 -5.13 22.51
N GLU C 257 6.62 -5.11 23.68
CA GLU C 257 6.59 -6.25 24.60
C GLU C 257 6.70 -5.77 26.03
N GLY C 258 7.19 -6.62 26.93
CA GLY C 258 7.26 -6.25 28.33
C GLY C 258 8.25 -5.14 28.59
N ILE C 259 7.92 -4.30 29.57
CA ILE C 259 8.78 -3.23 30.08
C ILE C 259 9.30 -3.69 31.44
N ASP C 260 10.60 -3.59 31.67
CA ASP C 260 11.15 -3.87 33.00
C ASP C 260 12.53 -3.22 33.14
N ASN C 261 13.27 -3.63 34.17
CA ASN C 261 14.52 -2.97 34.50
C ASN C 261 15.60 -3.13 33.42
N THR C 262 15.41 -4.02 32.43
CA THR C 262 16.36 -4.14 31.33
C THR C 262 15.69 -4.10 29.96
N HIS C 263 14.44 -3.64 29.88
CA HIS C 263 13.73 -3.51 28.62
C HIS C 263 13.00 -2.18 28.62
N ASN C 264 13.33 -1.32 27.67
CA ASN C 264 12.55 -0.12 27.33
C ASN C 264 12.00 -0.29 25.92
N PRO C 265 10.76 0.16 25.65
CA PRO C 265 10.15 -0.09 24.33
C PRO C 265 10.98 0.39 23.17
N GLU C 266 11.70 1.49 23.33
CA GLU C 266 12.67 1.93 22.34
C GLU C 266 14.03 1.91 23.01
N PHE C 267 15.03 1.38 22.31
CA PHE C 267 16.36 1.23 22.86
C PHE C 267 17.36 1.33 21.72
N THR C 268 18.60 1.65 22.07
CA THR C 268 19.61 1.98 21.07
C THR C 268 20.47 0.75 20.82
N SER C 269 20.58 0.37 19.55
CA SER C 269 21.43 -0.74 19.19
C SER C 269 22.46 -0.28 18.18
N CYS C 270 23.54 -1.02 18.14
CA CYS C 270 24.50 -0.94 17.06
C CYS C 270 24.59 -2.34 16.44
N GLU C 271 24.42 -2.42 15.12
CA GLU C 271 24.72 -3.64 14.37
C GLU C 271 25.75 -3.32 13.31
N PHE C 272 26.72 -4.21 13.11
CA PHE C 272 27.68 -4.09 12.02
C PHE C 272 27.73 -5.39 11.25
N TYR C 273 28.08 -5.30 9.96
CA TYR C 273 28.21 -6.47 9.12
C TYR C 273 29.54 -6.37 8.39
N TRP C 274 30.25 -7.49 8.32
CA TRP C 274 31.69 -7.52 8.02
C TRP C 274 31.89 -8.66 7.04
N ALA C 275 31.82 -8.35 5.74
CA ALA C 275 31.96 -9.37 4.72
C ALA C 275 33.31 -10.07 4.84
N TYR C 276 33.29 -11.40 4.68
CA TYR C 276 34.43 -12.33 4.69
C TYR C 276 34.94 -12.60 6.09
N ALA C 277 34.26 -12.11 7.13
CA ALA C 277 34.51 -12.51 8.51
C ALA C 277 33.58 -13.66 8.92
N ASP C 278 33.98 -14.37 9.98
CA ASP C 278 33.09 -15.39 10.55
C ASP C 278 33.01 -15.21 12.05
N TYR C 279 32.34 -16.13 12.76
CA TYR C 279 32.14 -15.88 14.19
C TYR C 279 33.42 -15.93 15.00
N ASN C 280 34.48 -16.57 14.50
CA ASN C 280 35.77 -16.47 15.18
C ASN C 280 36.30 -15.04 15.15
N ASP C 281 36.17 -14.36 14.00
CA ASP C 281 36.49 -12.95 13.91
C ASP C 281 35.63 -12.12 14.86
N LEU C 282 34.35 -12.50 15.02
CA LEU C 282 33.46 -11.71 15.87
C LEU C 282 33.75 -11.90 17.35
N ILE C 283 34.16 -13.10 17.75
CA ILE C 283 34.59 -13.31 19.13
C ILE C 283 35.79 -12.42 19.46
N LYS C 284 36.77 -12.38 18.55
CA LYS C 284 37.94 -11.52 18.77
C LYS C 284 37.57 -10.04 18.77
N TRP C 285 36.70 -9.61 17.84
CA TRP C 285 36.25 -8.22 17.86
C TRP C 285 35.62 -7.88 19.22
N SER C 286 34.77 -8.78 19.74
CA SER C 286 34.11 -8.53 21.02
C SER C 286 35.12 -8.36 22.15
N GLU C 287 36.12 -9.26 22.21
CA GLU C 287 37.10 -9.13 23.28
C GLU C 287 37.94 -7.87 23.12
N ASP C 288 38.32 -7.54 21.88
CA ASP C 288 39.09 -6.31 21.65
C ASP C 288 38.25 -5.08 22.03
N PHE C 289 37.00 -5.04 21.59
CA PHE C 289 36.20 -3.83 21.79
C PHE C 289 35.91 -3.60 23.28
N PHE C 290 35.37 -4.61 23.98
CA PHE C 290 34.98 -4.39 25.37
C PHE C 290 36.17 -4.11 26.26
N SER C 291 37.32 -4.77 26.01
CA SER C 291 38.45 -4.52 26.89
C SER C 291 39.02 -3.12 26.66
N GLN C 292 39.07 -2.66 25.41
CA GLN C 292 39.59 -1.32 25.15
C GLN C 292 38.58 -0.24 25.58
N LEU C 293 37.29 -0.52 25.45
CA LEU C 293 36.28 0.46 25.89
C LEU C 293 36.40 0.70 27.38
N VAL C 294 36.50 -0.36 28.17
CA VAL C 294 36.60 -0.23 29.61
C VAL C 294 37.91 0.42 30.02
N TYR C 295 39.02 0.05 29.37
CA TYR C 295 40.27 0.73 29.69
C TYR C 295 40.21 2.21 29.33
N HIS C 296 39.60 2.53 28.18
CA HIS C 296 39.46 3.93 27.77
C HIS C 296 38.70 4.75 28.80
N LEU C 297 37.66 4.17 29.41
CA LEU C 297 36.83 4.93 30.34
C LEU C 297 37.45 5.01 31.74
N PHE C 298 38.03 3.90 32.22
CA PHE C 298 38.43 3.78 33.61
C PHE C 298 39.94 3.73 33.85
N GLY C 299 40.74 3.49 32.82
CA GLY C 299 42.16 3.28 33.05
C GLY C 299 42.51 1.96 33.70
N THR C 300 41.56 1.02 33.74
CA THR C 300 41.76 -0.31 34.28
C THR C 300 40.79 -1.24 33.57
N TYR C 301 41.01 -2.54 33.73
CA TYR C 301 40.09 -3.53 33.18
C TYR C 301 39.06 -4.05 34.17
N LYS C 302 39.18 -3.71 35.44
CA LYS C 302 38.28 -4.20 36.48
C LYS C 302 37.43 -3.07 37.01
N ILE C 303 36.11 -3.30 37.08
CA ILE C 303 35.17 -2.31 37.59
C ILE C 303 34.30 -2.96 38.65
N SER C 304 33.69 -2.11 39.47
CA SER C 304 32.75 -2.52 40.48
C SER C 304 31.33 -2.38 39.96
N TYR C 305 30.49 -3.36 40.27
CA TYR C 305 29.08 -3.29 39.86
C TYR C 305 28.21 -3.81 40.98
N ASN C 306 27.18 -3.03 41.34
CA ASN C 306 26.23 -3.43 42.37
C ASN C 306 25.08 -4.18 41.71
N LYS C 307 25.27 -5.50 41.55
CA LYS C 307 24.29 -6.30 40.81
C LYS C 307 22.93 -6.25 41.47
N ASP C 308 22.89 -6.50 42.79
CA ASP C 308 21.64 -6.56 43.53
C ASP C 308 21.34 -5.25 44.26
N GLY C 309 21.74 -4.11 43.68
CA GLY C 309 21.46 -2.82 44.25
C GLY C 309 22.61 -2.31 45.11
N PRO C 310 22.61 -1.01 45.40
CA PRO C 310 23.70 -0.42 46.19
C PRO C 310 23.72 -0.83 47.64
N GLU C 311 22.72 -1.57 48.11
CA GLU C 311 22.66 -2.02 49.50
C GLU C 311 23.20 -3.41 49.69
N ASN C 312 23.59 -4.09 48.61
CA ASN C 312 24.15 -5.42 48.68
C ASN C 312 25.60 -5.38 48.23
N GLN C 313 26.31 -6.47 48.46
CA GLN C 313 27.73 -6.54 48.16
C GLN C 313 27.95 -6.31 46.66
N PRO C 314 28.86 -5.43 46.27
CA PRO C 314 29.20 -5.29 44.86
C PRO C 314 30.05 -6.46 44.39
N ILE C 315 30.12 -6.62 43.08
CA ILE C 315 31.04 -7.60 42.50
C ILE C 315 32.02 -6.86 41.61
N GLU C 316 33.18 -7.46 41.42
CA GLU C 316 34.20 -6.94 40.51
C GLU C 316 34.07 -7.67 39.19
N ILE C 317 33.89 -6.90 38.11
CA ILE C 317 33.84 -7.45 36.76
C ILE C 317 35.17 -7.17 36.10
N ASP C 318 35.83 -8.22 35.65
CA ASP C 318 37.16 -8.12 35.06
C ASP C 318 37.02 -8.29 33.55
N PHE C 319 37.29 -7.21 32.81
CA PHE C 319 37.18 -7.23 31.37
C PHE C 319 38.49 -7.62 30.68
N THR C 320 39.48 -8.10 31.42
CA THR C 320 40.73 -8.58 30.82
C THR C 320 40.45 -9.77 29.91
N PRO C 321 40.77 -9.69 28.64
CA PRO C 321 40.50 -10.81 27.74
C PRO C 321 41.57 -11.88 27.91
N PRO C 322 41.33 -13.11 27.45
CA PRO C 322 40.09 -13.60 26.81
C PRO C 322 38.96 -13.89 27.79
N TYR C 323 37.75 -14.03 27.26
CA TYR C 323 36.55 -14.36 28.02
C TYR C 323 36.17 -15.81 27.78
N PRO C 324 35.55 -16.48 28.76
CA PRO C 324 35.17 -17.88 28.55
C PRO C 324 34.07 -18.04 27.51
N LYS C 325 34.09 -19.20 26.85
CA LYS C 325 33.10 -19.58 25.86
C LYS C 325 32.42 -20.86 26.32
N VAL C 326 31.09 -20.84 26.40
CA VAL C 326 30.31 -21.93 26.95
C VAL C 326 29.32 -22.37 25.89
N SER C 327 29.43 -23.63 25.47
CA SER C 327 28.52 -24.16 24.46
C SER C 327 27.20 -24.57 25.12
N ILE C 328 26.08 -24.09 24.57
CA ILE C 328 24.83 -24.08 25.32
C ILE C 328 24.28 -25.50 25.51
N VAL C 329 24.21 -26.30 24.44
CA VAL C 329 23.65 -27.64 24.56
C VAL C 329 24.56 -28.53 25.40
N GLU C 330 25.87 -28.48 25.11
CA GLU C 330 26.83 -29.27 25.88
C GLU C 330 26.77 -28.91 27.37
N GLU C 331 26.61 -27.62 27.68
CA GLU C 331 26.61 -27.21 29.08
C GLU C 331 25.33 -27.61 29.78
N ILE C 332 24.18 -27.42 29.14
CA ILE C 332 22.90 -27.87 29.71
C ILE C 332 23.00 -29.34 30.08
N GLU C 333 23.58 -30.15 29.18
CA GLU C 333 23.70 -31.58 29.42
C GLU C 333 24.64 -31.86 30.60
N LYS C 334 25.77 -31.15 30.68
CA LYS C 334 26.72 -31.39 31.76
C LYS C 334 26.17 -30.95 33.12
N VAL C 335 25.38 -29.86 33.15
CA VAL C 335 24.87 -29.37 34.43
C VAL C 335 23.65 -30.14 34.91
N THR C 336 22.93 -30.80 34.00
CA THR C 336 21.69 -31.48 34.34
C THR C 336 21.75 -32.98 34.15
N ASN C 337 22.91 -33.52 33.75
CA ASN C 337 23.11 -34.97 33.63
C ASN C 337 22.09 -35.60 32.68
N THR C 338 21.77 -34.91 31.60
CA THR C 338 20.84 -35.41 30.59
C THR C 338 21.52 -35.45 29.22
N ILE C 339 20.80 -35.97 28.24
CA ILE C 339 21.19 -35.92 26.84
C ILE C 339 19.95 -35.55 26.04
N LEU C 340 20.07 -34.55 25.17
CA LEU C 340 18.89 -33.96 24.55
C LEU C 340 18.43 -34.71 23.30
N GLU C 341 19.36 -35.33 22.56
CA GLU C 341 18.96 -36.19 21.43
C GLU C 341 18.21 -35.45 20.33
N GLN C 342 18.93 -34.67 19.50
CA GLN C 342 18.40 -34.06 18.29
C GLN C 342 17.50 -35.02 17.50
N PRO C 343 16.48 -34.52 16.79
CA PRO C 343 16.10 -33.10 16.70
C PRO C 343 15.49 -32.59 18.01
N PHE C 344 15.75 -31.31 18.31
CA PHE C 344 15.33 -30.77 19.60
C PHE C 344 13.82 -30.61 19.69
N ASP C 345 13.14 -30.49 18.56
CA ASP C 345 11.68 -30.39 18.53
C ASP C 345 11.00 -31.75 18.47
N SER C 346 11.75 -32.84 18.62
CA SER C 346 11.13 -34.15 18.76
C SER C 346 10.40 -34.25 20.10
N ASN C 347 9.37 -35.08 20.14
CA ASN C 347 8.53 -35.14 21.33
C ASN C 347 9.29 -35.70 22.54
N GLU C 348 10.22 -36.64 22.31
CA GLU C 348 10.99 -37.19 23.43
C GLU C 348 11.98 -36.15 23.98
N THR C 349 12.51 -35.29 23.11
CA THR C 349 13.38 -34.22 23.58
C THR C 349 12.59 -33.10 24.24
N ILE C 350 11.45 -32.74 23.63
CA ILE C 350 10.55 -31.77 24.26
C ILE C 350 10.21 -32.20 25.68
N GLU C 351 9.79 -33.47 25.84
CA GLU C 351 9.35 -33.94 27.15
C GLU C 351 10.50 -33.95 28.15
N LYS C 352 11.70 -34.33 27.70
CA LYS C 352 12.86 -34.34 28.61
C LYS C 352 13.21 -32.92 29.05
N MET C 353 12.99 -31.93 28.18
CA MET C 353 13.21 -30.55 28.58
C MET C 353 12.08 -30.01 29.44
N ILE C 354 10.87 -30.53 29.30
CA ILE C 354 9.79 -30.14 30.21
C ILE C 354 10.02 -30.74 31.59
N ASN C 355 10.48 -31.99 31.65
CA ASN C 355 10.72 -32.66 32.93
C ASN C 355 11.85 -32.00 33.71
N ILE C 356 12.92 -31.59 33.04
CA ILE C 356 14.02 -30.95 33.75
C ILE C 356 13.59 -29.63 34.34
N ILE C 357 12.62 -28.95 33.69
CA ILE C 357 12.12 -27.68 34.20
C ILE C 357 11.21 -27.89 35.40
N LYS C 358 10.32 -28.88 35.32
CA LYS C 358 9.42 -29.15 36.44
C LYS C 358 10.14 -29.81 37.61
N GLU C 359 11.22 -30.55 37.35
CA GLU C 359 11.98 -31.16 38.44
C GLU C 359 12.72 -30.11 39.25
N HIS C 360 13.17 -29.03 38.62
CA HIS C 360 13.83 -27.93 39.32
C HIS C 360 12.87 -26.81 39.69
N LYS C 361 11.55 -27.04 39.57
CA LYS C 361 10.53 -26.07 39.96
C LYS C 361 10.70 -24.76 39.22
N ILE C 362 11.08 -24.83 37.96
CA ILE C 362 11.22 -23.65 37.12
C ILE C 362 9.89 -23.44 36.39
N GLU C 363 9.57 -22.17 36.13
CA GLU C 363 8.36 -21.84 35.41
C GLU C 363 8.46 -22.31 33.96
N LEU C 364 7.38 -22.93 33.46
CA LEU C 364 7.36 -23.45 32.09
C LEU C 364 6.99 -22.35 31.10
N PRO C 365 7.71 -22.22 29.99
CA PRO C 365 7.31 -21.25 28.97
C PRO C 365 5.94 -21.58 28.38
N ASN C 366 5.19 -20.55 28.06
CA ASN C 366 3.89 -20.70 27.39
C ASN C 366 3.92 -19.92 26.10
N PRO C 367 3.90 -20.56 24.92
CA PRO C 367 3.85 -22.02 24.74
C PRO C 367 5.20 -22.70 24.94
N PRO C 368 5.20 -23.99 25.30
CA PRO C 368 6.45 -24.71 25.59
C PRO C 368 7.11 -25.26 24.34
N THR C 369 7.49 -24.37 23.42
CA THR C 369 8.20 -24.76 22.23
C THR C 369 9.65 -25.10 22.58
N ALA C 370 10.32 -25.80 21.65
CA ALA C 370 11.69 -26.27 21.91
C ALA C 370 12.65 -25.10 22.10
N ALA C 371 12.50 -24.04 21.30
CA ALA C 371 13.37 -22.87 21.43
C ALA C 371 13.17 -22.16 22.77
N LYS C 372 11.91 -22.00 23.19
CA LYS C 372 11.65 -21.39 24.49
C LYS C 372 12.14 -22.26 25.63
N LEU C 373 11.95 -23.58 25.51
CA LEU C 373 12.46 -24.49 26.53
C LEU C 373 13.96 -24.37 26.70
N LEU C 374 14.70 -24.37 25.59
CA LEU C 374 16.15 -24.20 25.65
C LEU C 374 16.51 -22.84 26.25
N ASP C 375 15.74 -21.81 25.89
CA ASP C 375 15.95 -20.47 26.45
C ASP C 375 15.89 -20.50 27.97
N GLN C 376 14.81 -21.05 28.52
CA GLN C 376 14.66 -21.10 29.98
C GLN C 376 15.76 -21.90 30.62
N LEU C 377 16.13 -23.03 30.02
CA LEU C 377 17.22 -23.85 30.55
C LEU C 377 18.53 -23.08 30.53
N ALA C 378 18.75 -22.27 29.49
CA ALA C 378 19.93 -21.41 29.44
C ALA C 378 19.92 -20.38 30.56
N SER C 379 18.76 -19.74 30.79
CA SER C 379 18.68 -18.71 31.82
C SER C 379 19.01 -19.25 33.21
N HIS C 380 18.53 -20.45 33.51
CA HIS C 380 18.68 -21.00 34.85
C HIS C 380 20.01 -21.72 35.07
N PHE C 381 20.57 -22.32 34.03
CA PHE C 381 21.73 -23.18 34.20
C PHE C 381 23.04 -22.62 33.65
N ILE C 382 23.00 -21.60 32.79
CA ILE C 382 24.23 -21.07 32.23
C ILE C 382 24.35 -19.56 32.44
N GLU C 383 23.26 -18.83 32.20
CA GLU C 383 23.38 -17.39 32.01
C GLU C 383 23.91 -16.66 33.24
N ASN C 384 23.90 -17.29 34.41
CA ASN C 384 24.53 -16.72 35.59
C ASN C 384 25.76 -17.50 36.04
N LYS C 385 26.38 -18.27 35.14
CA LYS C 385 27.52 -19.09 35.52
C LYS C 385 28.70 -18.23 35.96
N TYR C 386 28.98 -17.16 35.23
CA TYR C 386 30.07 -16.24 35.55
C TYR C 386 29.48 -14.86 35.77
N ASN C 387 29.85 -14.23 36.89
CA ASN C 387 29.54 -12.83 37.13
C ASN C 387 30.77 -11.95 37.29
N ASP C 388 31.91 -12.52 37.68
CA ASP C 388 33.15 -11.76 37.84
C ASP C 388 33.80 -11.40 36.51
N LYS C 389 33.17 -11.72 35.38
CA LYS C 389 33.75 -11.46 34.07
C LYS C 389 32.67 -11.61 33.00
N PRO C 390 32.77 -10.89 31.89
CA PRO C 390 31.87 -11.19 30.76
C PRO C 390 32.19 -12.56 30.20
N PHE C 391 31.22 -13.16 29.52
CA PHE C 391 31.48 -14.46 28.90
C PHE C 391 30.49 -14.69 27.76
N PHE C 392 30.86 -15.63 26.88
CA PHE C 392 30.07 -15.96 25.71
C PHE C 392 29.33 -17.28 25.94
N ILE C 393 28.09 -17.33 25.46
CA ILE C 393 27.37 -18.58 25.24
C ILE C 393 27.35 -18.81 23.73
N VAL C 394 27.79 -20.00 23.28
CA VAL C 394 28.06 -20.19 21.86
C VAL C 394 27.35 -21.42 21.31
N GLU C 395 27.29 -21.48 19.99
CA GLU C 395 26.90 -22.67 19.23
C GLU C 395 25.43 -23.04 19.45
N HIS C 396 24.58 -22.01 19.48
CA HIS C 396 23.14 -22.20 19.67
C HIS C 396 22.55 -23.09 18.57
N PRO C 397 21.61 -23.97 18.92
CA PRO C 397 20.91 -24.77 17.91
C PRO C 397 20.27 -23.92 16.80
N GLN C 398 20.17 -24.53 15.63
CA GLN C 398 19.49 -23.89 14.50
C GLN C 398 18.04 -23.54 14.84
N ILE C 399 17.43 -24.28 15.76
CA ILE C 399 16.03 -24.02 16.11
C ILE C 399 15.87 -22.68 16.81
N MET C 400 16.89 -22.22 17.53
CA MET C 400 16.83 -20.90 18.18
C MET C 400 17.34 -19.76 17.31
N SER C 401 17.91 -20.05 16.13
CA SER C 401 18.76 -19.09 15.42
C SER C 401 18.47 -19.14 13.92
N PRO C 402 17.32 -18.60 13.50
CA PRO C 402 16.88 -18.76 12.09
C PRO C 402 17.66 -17.94 11.07
N LEU C 403 18.52 -17.00 11.48
CA LEU C 403 19.32 -16.26 10.51
C LEU C 403 20.81 -16.59 10.58
N ALA C 404 21.22 -17.53 11.44
CA ALA C 404 22.63 -17.84 11.64
C ALA C 404 23.00 -19.08 10.82
N LYS C 405 24.22 -19.08 10.30
CA LYS C 405 24.68 -20.15 9.41
C LYS C 405 24.93 -21.45 10.19
N TYR C 406 24.53 -22.57 9.56
CA TYR C 406 24.75 -23.86 10.19
C TYR C 406 26.21 -24.05 10.55
N HIS C 407 26.43 -24.79 11.64
CA HIS C 407 27.77 -24.98 12.17
C HIS C 407 28.58 -25.84 11.22
N ARG C 408 29.88 -25.50 11.07
CA ARG C 408 30.76 -26.16 10.13
C ARG C 408 30.84 -27.67 10.38
N THR C 409 30.95 -28.08 11.64
CA THR C 409 31.24 -29.46 12.01
C THR C 409 30.24 -30.07 12.97
N LYS C 410 29.39 -29.29 13.62
CA LYS C 410 28.46 -29.82 14.62
C LYS C 410 27.04 -29.78 14.07
N PRO C 411 26.50 -30.93 13.65
CA PRO C 411 25.14 -30.92 13.07
C PRO C 411 24.12 -30.36 14.05
N GLY C 412 23.14 -29.65 13.50
CA GLY C 412 22.05 -29.07 14.26
C GLY C 412 22.33 -27.74 14.94
N LEU C 413 23.59 -27.34 15.06
CA LEU C 413 23.98 -26.10 15.72
C LEU C 413 24.29 -25.01 14.70
N THR C 414 24.55 -23.80 15.21
CA THR C 414 24.97 -22.67 14.37
C THR C 414 26.23 -22.04 14.92
N GLU C 415 26.81 -21.13 14.12
CA GLU C 415 28.03 -20.43 14.50
C GLU C 415 27.67 -19.09 15.15
N ARG C 416 27.00 -19.20 16.30
CA ARG C 416 26.45 -18.05 17.01
C ARG C 416 27.17 -17.87 18.36
N LEU C 417 27.23 -16.61 18.79
CA LEU C 417 27.74 -16.23 20.10
C LEU C 417 26.82 -15.17 20.71
N GLU C 418 26.67 -15.21 22.02
CA GLU C 418 26.03 -14.12 22.75
C GLU C 418 26.90 -13.82 23.96
N MET C 419 27.15 -12.53 24.21
CA MET C 419 27.95 -12.15 25.37
C MET C 419 27.03 -11.66 26.48
N PHE C 420 27.35 -12.08 27.71
CA PHE C 420 26.58 -11.77 28.90
C PHE C 420 27.46 -11.05 29.91
N ILE C 421 26.88 -10.07 30.59
CA ILE C 421 27.51 -9.39 31.72
C ILE C 421 26.51 -9.46 32.87
N CYS C 422 26.91 -10.09 33.98
CA CYS C 422 26.04 -10.26 35.17
C CYS C 422 24.68 -10.83 34.81
N GLY C 423 24.66 -11.87 33.98
CA GLY C 423 23.44 -12.54 33.61
C GLY C 423 22.57 -11.83 32.59
N LYS C 424 23.01 -10.70 32.04
CA LYS C 424 22.23 -9.94 31.07
C LYS C 424 22.91 -9.97 29.70
N GLU C 425 22.13 -10.22 28.65
CA GLU C 425 22.65 -10.27 27.29
C GLU C 425 22.90 -8.87 26.76
N VAL C 426 24.10 -8.64 26.25
CA VAL C 426 24.50 -7.33 25.72
C VAL C 426 24.97 -7.41 24.28
N LEU C 427 25.06 -8.61 23.71
CA LEU C 427 25.73 -8.82 22.42
C LEU C 427 25.18 -10.11 21.81
N ASN C 428 24.95 -10.07 20.50
CA ASN C 428 24.42 -11.21 19.75
C ASN C 428 25.01 -11.16 18.34
N ALA C 429 25.61 -12.26 17.88
CA ALA C 429 26.46 -12.23 16.68
C ALA C 429 26.52 -13.62 16.07
N TYR C 430 26.80 -13.69 14.76
CA TYR C 430 26.98 -15.02 14.16
C TYR C 430 27.55 -14.93 12.75
N THR C 431 28.11 -16.05 12.28
CA THR C 431 28.27 -16.25 10.85
C THR C 431 26.88 -16.20 10.23
N GLU C 432 26.72 -15.38 9.19
CA GLU C 432 25.40 -15.09 8.64
C GLU C 432 24.96 -16.18 7.66
N LEU C 433 23.70 -16.60 7.79
CA LEU C 433 23.12 -17.50 6.80
C LEU C 433 23.03 -16.80 5.44
N ASN C 434 23.75 -17.30 4.43
CA ASN C 434 23.73 -16.66 3.12
C ASN C 434 23.20 -17.54 2.00
N ASP C 435 22.82 -18.79 2.29
CA ASP C 435 22.24 -19.67 1.28
C ASP C 435 20.73 -19.43 1.26
N PRO C 436 20.18 -18.80 0.23
CA PRO C 436 18.73 -18.53 0.22
C PRO C 436 17.89 -19.78 0.27
N PHE C 437 18.37 -20.89 -0.29
CA PHE C 437 17.64 -22.15 -0.21
C PHE C 437 17.43 -22.57 1.24
N LYS C 438 18.44 -22.37 2.09
CA LYS C 438 18.29 -22.66 3.51
C LYS C 438 17.54 -21.56 4.26
N GLN C 439 17.52 -20.34 3.72
CA GLN C 439 16.89 -19.23 4.41
C GLN C 439 15.37 -19.32 4.36
N LYS C 440 14.82 -19.55 3.16
CA LYS C 440 13.38 -19.66 3.03
C LYS C 440 12.85 -20.86 3.81
N GLU C 441 13.63 -21.93 3.89
CA GLU C 441 13.25 -23.07 4.71
C GLU C 441 13.18 -22.68 6.18
N CYS C 442 14.11 -21.84 6.63
CA CYS C 442 14.12 -21.38 8.02
C CYS C 442 12.93 -20.45 8.29
N ASP C 461 10.09 -11.97 4.75
CA ASP C 461 10.37 -10.82 3.90
C ASP C 461 10.85 -11.22 2.51
N SER C 462 10.03 -10.95 1.49
CA SER C 462 10.42 -11.30 0.13
C SER C 462 11.57 -10.44 -0.37
N ALA C 463 11.60 -9.17 0.05
CA ALA C 463 12.67 -8.27 -0.38
C ALA C 463 14.03 -8.75 0.13
N PHE C 464 14.09 -9.15 1.40
CA PHE C 464 15.34 -9.71 1.93
C PHE C 464 15.69 -11.01 1.21
N CYS C 465 14.71 -11.91 1.07
CA CYS C 465 14.97 -13.20 0.42
C CYS C 465 15.47 -13.03 -1.01
N THR C 466 14.85 -12.11 -1.76
CA THR C 466 15.28 -11.83 -3.12
C THR C 466 16.70 -11.30 -3.16
N SER C 467 17.06 -10.42 -2.22
CA SER C 467 18.42 -9.90 -2.20
C SER C 467 19.44 -11.01 -1.93
N LEU C 468 19.06 -12.00 -1.11
CA LEU C 468 19.95 -13.14 -0.90
C LEU C 468 20.20 -13.90 -2.19
N GLU C 469 19.24 -13.89 -3.12
CA GLU C 469 19.39 -14.64 -4.37
C GLU C 469 20.39 -13.98 -5.31
N TYR C 470 20.75 -12.72 -5.07
CA TYR C 470 21.79 -12.08 -5.87
C TYR C 470 23.19 -12.34 -5.34
N GLY C 471 23.32 -12.95 -4.17
CA GLY C 471 24.62 -13.35 -3.66
C GLY C 471 25.07 -12.51 -2.48
N LEU C 472 24.83 -13.02 -1.28
CA LEU C 472 25.40 -12.43 -0.08
C LEU C 472 26.71 -13.12 0.22
N PRO C 473 27.85 -12.42 0.17
CA PRO C 473 29.14 -13.08 0.44
C PRO C 473 29.14 -13.70 1.83
N PRO C 474 30.07 -14.61 2.11
CA PRO C 474 30.27 -15.05 3.50
C PRO C 474 30.55 -13.84 4.38
N THR C 475 29.83 -13.74 5.50
CA THR C 475 29.75 -12.49 6.25
C THR C 475 29.58 -12.79 7.74
N GLY C 476 30.15 -11.91 8.58
CA GLY C 476 29.92 -11.99 10.02
C GLY C 476 29.24 -10.74 10.54
N GLY C 477 28.15 -10.90 11.32
CA GLY C 477 27.42 -9.75 11.81
C GLY C 477 27.23 -9.81 13.30
N LEU C 478 27.01 -8.63 13.90
CA LEU C 478 27.07 -8.50 15.36
C LEU C 478 26.18 -7.35 15.81
N GLY C 479 25.43 -7.55 16.89
CA GLY C 479 24.61 -6.50 17.47
C GLY C 479 24.98 -6.26 18.93
N LEU C 480 24.74 -5.02 19.38
CA LEU C 480 25.10 -4.57 20.72
C LEU C 480 23.92 -3.80 21.31
N GLY C 481 23.62 -4.03 22.58
CA GLY C 481 22.61 -3.22 23.26
C GLY C 481 23.27 -2.09 24.02
N ILE C 482 23.23 -0.87 23.48
CA ILE C 482 24.03 0.23 24.04
C ILE C 482 23.53 0.59 25.45
N ASP C 483 22.23 0.56 25.66
CA ASP C 483 21.70 0.93 26.99
C ASP C 483 22.21 -0.03 28.05
N ARG C 484 22.14 -1.34 27.78
CA ARG C 484 22.55 -2.31 28.78
C ARG C 484 24.03 -2.21 29.07
N ILE C 485 24.84 -1.97 28.03
CA ILE C 485 26.27 -1.76 28.26
C ILE C 485 26.50 -0.52 29.14
N THR C 486 25.79 0.57 28.84
CA THR C 486 25.93 1.77 29.68
C THR C 486 25.57 1.48 31.14
N MET C 487 24.61 0.58 31.38
CA MET C 487 24.21 0.27 32.75
C MET C 487 25.39 -0.31 33.54
N PHE C 488 26.10 -1.26 32.95
CA PHE C 488 27.19 -1.86 33.69
C PHE C 488 28.34 -0.89 33.88
N LEU C 489 28.54 0.03 32.93
CA LEU C 489 29.68 0.93 32.96
C LEU C 489 29.39 2.22 33.72
N THR C 490 28.16 2.43 34.16
CA THR C 490 27.80 3.53 35.06
C THR C 490 27.27 3.01 36.39
N ASN C 491 27.32 1.69 36.63
CA ASN C 491 26.85 1.07 37.87
C ASN C 491 25.39 1.42 38.15
N LYS C 492 24.53 1.20 37.15
CA LYS C 492 23.09 1.37 37.29
C LYS C 492 22.38 0.03 37.19
N ASN C 493 21.29 -0.12 37.96
CA ASN C 493 20.54 -1.36 37.98
C ASN C 493 19.29 -1.34 37.12
N SER C 494 18.92 -0.18 36.57
CA SER C 494 17.74 -0.08 35.72
C SER C 494 18.08 0.71 34.47
N ILE C 495 17.55 0.23 33.34
CA ILE C 495 17.67 0.93 32.07
C ILE C 495 17.08 2.33 32.13
N LYS C 496 16.16 2.58 33.07
CA LYS C 496 15.58 3.92 33.17
C LYS C 496 16.62 4.94 33.61
N ASP C 497 17.67 4.49 34.31
CA ASP C 497 18.72 5.39 34.76
C ASP C 497 19.70 5.76 33.66
N VAL C 498 19.67 5.11 32.49
CA VAL C 498 20.60 5.45 31.43
C VAL C 498 19.89 5.96 30.18
N ILE C 499 18.58 6.14 30.23
CA ILE C 499 17.85 6.77 29.13
C ILE C 499 17.27 8.07 29.66
N LEU C 500 17.43 9.16 28.90
CA LEU C 500 17.05 10.46 29.44
C LEU C 500 15.56 10.51 29.77
N PHE C 501 14.70 10.04 28.86
CA PHE C 501 13.25 10.07 29.06
C PHE C 501 12.68 8.68 28.83
N PRO C 502 12.86 7.78 29.79
CA PRO C 502 12.36 6.41 29.62
C PRO C 502 10.84 6.39 29.54
N THR C 503 10.31 5.31 28.98
CA THR C 503 8.87 5.18 28.74
C THR C 503 8.15 4.86 30.06
N MET C 504 7.30 5.78 30.51
CA MET C 504 6.61 5.66 31.78
C MET C 504 5.10 5.57 31.59
N ARG C 505 4.44 4.81 32.47
CA ARG C 505 2.99 4.83 32.51
C ARG C 505 2.51 6.23 32.85
N PRO C 506 1.58 6.81 32.08
CA PRO C 506 1.19 8.20 32.31
C PRO C 506 0.58 8.39 33.70
N ALA C 507 0.63 9.63 34.17
CA ALA C 507 0.18 9.99 35.51
C ALA C 507 -1.30 9.65 35.74
N ASP D 4 12.94 -15.38 -20.24
CA ASP D 4 14.40 -15.46 -20.09
C ASP D 4 14.85 -15.38 -18.61
N PRO D 5 14.43 -14.35 -17.87
CA PRO D 5 14.91 -14.23 -16.48
C PRO D 5 14.46 -15.38 -15.58
N ARG D 6 13.20 -15.81 -15.71
CA ARG D 6 12.71 -16.87 -14.84
C ARG D 6 13.44 -18.19 -15.11
N LEU D 7 13.68 -18.51 -16.38
CA LEU D 7 14.40 -19.73 -16.72
C LEU D 7 15.86 -19.66 -16.25
N TYR D 8 16.46 -18.47 -16.32
CA TYR D 8 17.83 -18.30 -15.84
C TYR D 8 17.92 -18.62 -14.35
N PHE D 9 17.03 -18.04 -13.56
CA PHE D 9 17.05 -18.27 -12.12
C PHE D 9 16.79 -19.74 -11.79
N GLU D 10 15.88 -20.38 -12.53
CA GLU D 10 15.63 -21.80 -12.31
C GLU D 10 16.86 -22.63 -12.62
N ASN D 11 17.54 -22.33 -13.73
CA ASN D 11 18.75 -23.06 -14.09
C ASN D 11 19.81 -22.90 -13.02
N ARG D 12 19.98 -21.69 -12.49
CA ARG D 12 21.02 -21.46 -11.49
C ARG D 12 20.68 -22.15 -10.18
N SER D 13 19.40 -22.12 -9.78
CA SER D 13 18.96 -22.85 -8.59
C SER D 13 19.23 -24.34 -8.73
N LYS D 14 18.93 -24.91 -9.90
CA LYS D 14 19.24 -26.32 -10.14
C LYS D 14 20.75 -26.56 -10.11
N PHE D 15 21.54 -25.59 -10.57
CA PHE D 15 23.00 -25.73 -10.49
C PHE D 15 23.45 -25.83 -9.03
N ILE D 16 22.86 -25.01 -8.15
CA ILE D 16 23.22 -25.05 -6.74
C ILE D 16 22.90 -26.43 -6.16
N GLN D 17 21.71 -26.94 -6.47
CA GLN D 17 21.32 -28.26 -5.99
C GLN D 17 22.20 -29.36 -6.57
N ASP D 18 22.60 -29.22 -7.83
CA ASP D 18 23.45 -30.24 -8.47
C ASP D 18 24.84 -30.25 -7.85
N GLN D 19 25.38 -29.10 -7.54
CA GLN D 19 26.67 -28.99 -6.92
C GLN D 19 26.65 -29.59 -5.55
N LYS D 20 25.61 -29.36 -4.79
CA LYS D 20 25.46 -29.96 -3.47
C LYS D 20 25.44 -31.47 -3.56
N ASP D 21 24.65 -32.02 -4.50
CA ASP D 21 24.55 -33.46 -4.68
C ASP D 21 25.91 -34.08 -5.00
N LYS D 22 26.76 -33.35 -5.73
CA LYS D 22 28.09 -33.85 -6.07
C LYS D 22 29.09 -33.74 -4.94
N GLY D 23 28.68 -33.26 -3.76
CA GLY D 23 29.59 -33.14 -2.63
C GLY D 23 30.28 -31.80 -2.50
N ILE D 24 29.99 -30.85 -3.38
CA ILE D 24 30.58 -29.51 -3.31
C ILE D 24 29.65 -28.61 -2.50
N ASN D 25 30.23 -27.71 -1.70
CA ASN D 25 29.46 -26.73 -0.97
C ASN D 25 29.58 -25.41 -1.69
N PRO D 26 28.54 -24.94 -2.40
CA PRO D 26 28.65 -23.64 -3.07
C PRO D 26 28.62 -22.44 -2.14
N TYR D 27 28.48 -22.61 -0.82
CA TYR D 27 28.50 -21.51 0.14
C TYR D 27 29.48 -21.82 1.28
N PRO D 28 30.79 -21.75 0.99
CA PRO D 28 31.78 -22.02 2.05
C PRO D 28 31.63 -21.08 3.23
N HIS D 29 32.04 -21.56 4.40
CA HIS D 29 31.89 -20.78 5.62
C HIS D 29 32.90 -19.64 5.70
N LYS D 30 34.16 -19.90 5.35
CA LYS D 30 35.19 -18.89 5.56
C LYS D 30 36.27 -18.99 4.50
N PHE D 31 36.58 -17.84 3.89
CA PHE D 31 37.73 -17.69 3.00
C PHE D 31 38.59 -16.57 3.59
N GLU D 32 39.83 -16.89 3.95
CA GLU D 32 40.67 -15.89 4.62
C GLU D 32 41.40 -15.04 3.56
N ARG D 33 40.84 -13.86 3.33
CA ARG D 33 41.38 -12.86 2.43
C ARG D 33 42.72 -12.32 2.94
N THR D 34 43.62 -12.04 2.02
CA THR D 34 44.90 -11.44 2.36
C THR D 34 44.92 -9.93 2.15
N ILE D 35 44.11 -9.44 1.20
CA ILE D 35 44.22 -8.07 0.74
C ILE D 35 42.89 -7.67 0.14
N SER D 36 42.51 -6.40 0.33
CA SER D 36 41.34 -5.88 -0.35
C SER D 36 41.69 -5.46 -1.78
N ILE D 37 40.66 -5.20 -2.58
CA ILE D 37 40.86 -4.80 -3.96
C ILE D 37 41.38 -3.35 -4.00
N PRO D 38 40.86 -2.43 -3.17
CA PRO D 38 41.53 -1.11 -3.08
C PRO D 38 42.98 -1.20 -2.67
N GLU D 39 43.33 -2.03 -1.69
CA GLU D 39 44.73 -2.16 -1.27
C GLU D 39 45.58 -2.76 -2.38
N PHE D 40 45.03 -3.74 -3.10
CA PHE D 40 45.73 -4.38 -4.21
C PHE D 40 46.09 -3.37 -5.29
N ILE D 41 45.14 -2.49 -5.63
CA ILE D 41 45.41 -1.46 -6.64
C ILE D 41 46.48 -0.48 -6.13
N GLU D 42 46.36 -0.06 -4.89
CA GLU D 42 47.34 0.86 -4.33
C GLU D 42 48.74 0.26 -4.30
N LYS D 43 48.82 -1.02 -4.04
CA LYS D 43 50.13 -1.66 -3.90
C LYS D 43 50.76 -2.01 -5.24
N TYR D 44 49.97 -2.32 -6.27
CA TYR D 44 50.52 -2.91 -7.49
C TYR D 44 50.26 -2.12 -8.76
N LYS D 45 49.61 -0.95 -8.69
CA LYS D 45 49.34 -0.18 -9.91
C LYS D 45 50.62 0.31 -10.58
N ASP D 46 51.76 0.28 -9.88
CA ASP D 46 53.02 0.74 -10.43
C ASP D 46 53.77 -0.34 -11.21
N LEU D 47 53.25 -1.57 -11.26
CA LEU D 47 53.92 -2.62 -12.02
C LEU D 47 54.01 -2.26 -13.49
N GLY D 48 55.03 -2.82 -14.17
CA GLY D 48 55.17 -2.62 -15.59
C GLY D 48 54.23 -3.49 -16.38
N ASN D 49 54.00 -3.12 -17.64
CA ASN D 49 53.18 -3.97 -18.51
C ASN D 49 53.83 -5.35 -18.60
N GLY D 50 53.02 -6.39 -18.44
CA GLY D 50 53.50 -7.75 -18.58
C GLY D 50 54.25 -8.28 -17.39
N GLU D 51 54.48 -7.46 -16.35
CA GLU D 51 55.26 -7.90 -15.20
C GLU D 51 54.42 -8.79 -14.29
N HIS D 52 55.03 -9.87 -13.82
CA HIS D 52 54.39 -10.80 -12.90
C HIS D 52 55.22 -10.93 -11.64
N LEU D 53 54.55 -11.03 -10.50
CA LEU D 53 55.21 -11.39 -9.24
C LEU D 53 54.72 -12.78 -8.87
N GLU D 54 55.32 -13.80 -9.47
CA GLU D 54 54.81 -15.15 -9.31
C GLU D 54 55.16 -15.75 -7.95
N ASP D 55 56.14 -15.19 -7.24
CA ASP D 55 56.47 -15.65 -5.90
C ASP D 55 55.53 -15.10 -4.84
N THR D 56 54.62 -14.19 -5.20
CA THR D 56 53.71 -13.55 -4.26
C THR D 56 52.32 -14.16 -4.43
N ILE D 57 51.93 -15.03 -3.51
CA ILE D 57 50.61 -15.65 -3.55
C ILE D 57 49.69 -14.90 -2.59
N LEU D 58 48.56 -14.41 -3.12
CA LEU D 58 47.58 -13.64 -2.36
C LEU D 58 46.22 -14.31 -2.43
N ASN D 59 45.41 -14.10 -1.39
CA ASN D 59 44.03 -14.54 -1.38
C ASN D 59 43.13 -13.31 -1.53
N ILE D 60 42.31 -13.28 -2.58
CA ILE D 60 41.54 -12.09 -2.88
C ILE D 60 40.08 -12.47 -3.18
N THR D 61 39.15 -11.58 -2.82
CA THR D 61 37.73 -11.82 -3.05
C THR D 61 37.10 -10.64 -3.78
N GLY D 62 35.99 -10.93 -4.45
CA GLY D 62 35.22 -9.86 -5.07
C GLY D 62 34.06 -10.42 -5.83
N ARG D 63 33.42 -9.56 -6.60
CA ARG D 63 32.25 -9.92 -7.39
C ARG D 63 32.60 -9.83 -8.86
N ILE D 64 32.43 -10.95 -9.58
CA ILE D 64 32.61 -10.97 -11.03
C ILE D 64 31.56 -10.08 -11.67
N MET D 65 32.00 -9.17 -12.55
CA MET D 65 31.04 -8.29 -13.23
C MET D 65 31.19 -8.31 -14.74
N ARG D 66 32.07 -9.14 -15.29
CA ARG D 66 32.20 -9.31 -16.73
C ARG D 66 32.88 -10.65 -16.99
N VAL D 67 32.41 -11.36 -18.02
CA VAL D 67 32.96 -12.66 -18.42
C VAL D 67 33.39 -12.57 -19.88
N SER D 68 34.57 -13.11 -20.19
CA SER D 68 35.01 -13.22 -21.57
C SER D 68 36.11 -14.27 -21.66
N ALA D 69 36.36 -14.76 -22.87
CA ALA D 69 37.32 -15.82 -23.08
C ALA D 69 38.09 -15.58 -24.38
N SER D 70 39.31 -16.11 -24.44
CA SER D 70 40.13 -16.11 -25.64
C SER D 70 40.58 -17.55 -25.82
N GLY D 71 39.76 -18.34 -26.49
CA GLY D 71 40.03 -19.76 -26.62
C GLY D 71 39.69 -20.51 -25.34
N GLN D 72 40.20 -21.73 -25.26
CA GLN D 72 39.94 -22.61 -24.13
C GLN D 72 40.95 -22.45 -23.00
N LYS D 73 42.09 -21.80 -23.25
CA LYS D 73 43.15 -21.70 -22.26
C LYS D 73 43.20 -20.34 -21.57
N LEU D 74 42.39 -19.36 -21.99
CA LEU D 74 42.45 -18.01 -21.43
C LEU D 74 41.05 -17.56 -21.08
N ARG D 75 40.83 -17.17 -19.83
CA ARG D 75 39.55 -16.67 -19.37
C ARG D 75 39.77 -15.33 -18.67
N PHE D 76 38.98 -14.33 -19.03
CA PHE D 76 39.13 -12.98 -18.46
C PHE D 76 37.85 -12.59 -17.72
N PHE D 77 38.02 -11.91 -16.58
CA PHE D 77 36.89 -11.43 -15.80
C PHE D 77 37.19 -10.04 -15.21
N ASP D 78 36.14 -9.27 -14.99
CA ASP D 78 36.22 -8.09 -14.15
C ASP D 78 35.83 -8.48 -12.73
N LEU D 79 36.54 -7.93 -11.76
CA LEU D 79 36.33 -8.22 -10.34
C LEU D 79 36.26 -6.92 -9.58
N VAL D 80 35.15 -6.71 -8.85
CA VAL D 80 34.87 -5.46 -8.16
C VAL D 80 34.74 -5.69 -6.65
N GLY D 81 35.27 -4.74 -5.89
CA GLY D 81 34.98 -4.66 -4.48
C GLY D 81 35.23 -3.26 -3.95
N ASP D 82 34.37 -2.81 -3.04
CA ASP D 82 34.49 -1.48 -2.42
C ASP D 82 34.53 -0.39 -3.48
N GLY D 83 33.77 -0.58 -4.55
CA GLY D 83 33.66 0.41 -5.62
C GLY D 83 34.83 0.50 -6.57
N GLU D 84 35.79 -0.44 -6.51
CA GLU D 84 36.94 -0.42 -7.40
C GLU D 84 37.02 -1.75 -8.13
N LYS D 85 37.87 -1.82 -9.16
CA LYS D 85 37.84 -2.93 -10.11
C LYS D 85 39.24 -3.33 -10.54
N ILE D 86 39.49 -4.65 -10.59
CA ILE D 86 40.67 -5.22 -11.23
C ILE D 86 40.20 -6.30 -12.19
N GLN D 87 41.12 -6.73 -13.05
CA GLN D 87 40.87 -7.84 -13.96
C GLN D 87 41.35 -9.17 -13.35
N VAL D 88 40.67 -10.25 -13.70
CA VAL D 88 41.10 -11.61 -13.38
C VAL D 88 41.57 -12.24 -14.68
N LEU D 89 42.84 -12.64 -14.73
CA LEU D 89 43.38 -13.29 -15.93
C LEU D 89 43.73 -14.73 -15.60
N ALA D 90 42.83 -15.64 -15.99
CA ALA D 90 42.97 -17.06 -15.67
C ALA D 90 43.60 -17.73 -16.88
N ASN D 91 44.84 -18.15 -16.72
CA ASN D 91 45.65 -18.77 -17.77
C ASN D 91 45.87 -20.23 -17.41
N TYR D 92 45.62 -21.13 -18.38
CA TYR D 92 45.71 -22.56 -18.15
C TYR D 92 47.05 -22.97 -17.55
N SER D 93 48.12 -22.32 -17.98
CA SER D 93 49.49 -22.63 -17.58
C SER D 93 49.77 -22.44 -16.13
N PHE D 94 49.08 -21.49 -15.54
CA PHE D 94 49.24 -21.16 -14.13
C PHE D 94 48.22 -21.87 -13.25
N HIS D 95 47.27 -22.60 -13.83
CA HIS D 95 46.21 -23.24 -13.06
C HIS D 95 46.76 -24.40 -12.24
N ASN D 96 46.24 -24.56 -11.03
CA ASN D 96 46.60 -25.68 -10.18
C ASN D 96 45.69 -26.85 -10.55
N HIS D 97 46.17 -27.70 -11.46
CA HIS D 97 45.35 -28.82 -11.94
C HIS D 97 45.04 -29.84 -10.86
N GLU D 98 45.80 -29.85 -9.75
CA GLU D 98 45.49 -30.73 -8.63
C GLU D 98 44.14 -30.42 -8.00
N LYS D 99 43.57 -29.24 -8.28
CA LYS D 99 42.29 -28.84 -7.71
C LYS D 99 41.12 -29.10 -8.66
N GLY D 100 41.38 -29.47 -9.91
CA GLY D 100 40.28 -29.72 -10.83
C GLY D 100 40.54 -29.30 -12.25
N ASN D 101 39.59 -29.57 -13.13
CA ASN D 101 39.73 -29.28 -14.55
C ASN D 101 39.54 -27.78 -14.80
N PHE D 102 40.46 -27.20 -15.57
CA PHE D 102 40.48 -25.75 -15.77
C PHE D 102 39.17 -25.26 -16.39
N ALA D 103 38.84 -25.78 -17.57
CA ALA D 103 37.62 -25.33 -18.25
C ALA D 103 36.39 -25.57 -17.39
N GLU D 104 36.33 -26.70 -16.69
CA GLU D 104 35.15 -27.00 -15.88
C GLU D 104 34.99 -25.99 -14.74
N CYS D 105 36.11 -25.55 -14.15
CA CYS D 105 36.04 -24.57 -13.09
C CYS D 105 35.51 -23.23 -13.61
N TYR D 106 36.07 -22.75 -14.71
CA TYR D 106 35.76 -21.40 -15.16
C TYR D 106 34.50 -21.33 -16.02
N ASP D 107 34.09 -22.44 -16.64
CA ASP D 107 32.81 -22.46 -17.36
C ASP D 107 31.64 -22.24 -16.40
N LYS D 108 31.80 -22.59 -15.12
CA LYS D 108 30.72 -22.43 -14.14
C LYS D 108 30.48 -20.98 -13.76
N ILE D 109 31.48 -20.12 -13.92
CA ILE D 109 31.42 -18.77 -13.36
C ILE D 109 30.47 -17.91 -14.19
N ARG D 110 29.60 -17.18 -13.49
CA ARG D 110 28.65 -16.26 -14.12
C ARG D 110 28.81 -14.86 -13.56
N ARG D 111 28.37 -13.87 -14.35
CA ARG D 111 28.39 -12.49 -13.90
C ARG D 111 27.56 -12.34 -12.64
N GLY D 112 28.16 -11.75 -11.60
CA GLY D 112 27.54 -11.55 -10.31
C GLY D 112 28.06 -12.45 -9.23
N ASP D 113 28.70 -13.57 -9.59
CA ASP D 113 29.21 -14.49 -8.58
C ASP D 113 30.25 -13.81 -7.70
N ILE D 114 30.18 -14.07 -6.40
CA ILE D 114 31.27 -13.77 -5.48
C ILE D 114 32.26 -14.93 -5.49
N VAL D 115 33.55 -14.63 -5.70
CA VAL D 115 34.58 -15.67 -5.76
C VAL D 115 35.72 -15.34 -4.78
N GLY D 116 36.42 -16.39 -4.37
CA GLY D 116 37.70 -16.27 -3.71
C GLY D 116 38.77 -16.83 -4.60
N ILE D 117 39.87 -16.09 -4.73
CA ILE D 117 40.93 -16.39 -5.68
C ILE D 117 42.24 -16.53 -4.93
N VAL D 118 43.00 -17.57 -5.24
CA VAL D 118 44.36 -17.77 -4.79
C VAL D 118 45.26 -17.60 -6.01
N GLY D 119 46.10 -16.57 -6.02
CA GLY D 119 46.88 -16.31 -7.22
C GLY D 119 47.88 -15.19 -7.00
N PHE D 120 48.48 -14.74 -8.10
CA PHE D 120 49.57 -13.78 -7.95
C PHE D 120 49.24 -12.49 -8.70
N PRO D 121 49.83 -11.37 -8.29
CA PRO D 121 49.54 -10.08 -8.93
C PRO D 121 50.47 -9.81 -10.10
N GLY D 122 49.94 -9.06 -11.06
CA GLY D 122 50.76 -8.63 -12.18
C GLY D 122 49.93 -7.80 -13.14
N LYS D 123 50.56 -7.44 -14.26
CA LYS D 123 49.87 -6.72 -15.32
C LYS D 123 49.84 -7.55 -16.59
N SER D 124 48.70 -7.52 -17.27
CA SER D 124 48.61 -8.11 -18.59
C SER D 124 49.54 -7.37 -19.56
N LYS D 125 49.78 -7.99 -20.72
CA LYS D 125 50.62 -7.36 -21.73
C LYS D 125 50.03 -6.04 -22.20
N LYS D 126 48.70 -5.89 -22.12
CA LYS D 126 48.06 -4.62 -22.44
C LYS D 126 48.17 -3.60 -21.32
N GLY D 127 48.68 -3.99 -20.15
CA GLY D 127 48.83 -3.07 -19.05
C GLY D 127 47.69 -3.05 -18.04
N GLU D 128 46.79 -4.03 -18.07
CA GLU D 128 45.66 -4.09 -17.14
C GLU D 128 46.10 -4.78 -15.85
N LEU D 129 45.98 -4.07 -14.72
CA LEU D 129 46.31 -4.67 -13.43
C LEU D 129 45.39 -5.86 -13.18
N SER D 130 45.99 -7.01 -12.85
CA SER D 130 45.24 -8.26 -12.79
C SER D 130 45.67 -9.10 -11.60
N ILE D 131 44.75 -9.94 -11.12
CA ILE D 131 45.11 -11.08 -10.29
C ILE D 131 45.18 -12.30 -11.20
N PHE D 132 46.26 -13.07 -11.10
CA PHE D 132 46.43 -14.26 -11.93
C PHE D 132 46.13 -15.48 -11.07
N PRO D 133 44.94 -16.06 -11.16
CA PRO D 133 44.60 -17.17 -10.26
C PRO D 133 45.41 -18.43 -10.57
N LYS D 134 45.71 -19.17 -9.50
CA LYS D 134 45.99 -20.60 -9.59
C LYS D 134 44.80 -21.44 -9.19
N GLU D 135 43.83 -20.84 -8.48
CA GLU D 135 42.62 -21.52 -8.06
C GLU D 135 41.56 -20.48 -7.78
N THR D 136 40.34 -20.71 -8.26
CA THR D 136 39.22 -19.80 -8.05
C THR D 136 38.02 -20.59 -7.52
N ILE D 137 37.43 -20.09 -6.44
CA ILE D 137 36.42 -20.80 -5.67
C ILE D 137 35.16 -19.95 -5.59
N LEU D 138 34.01 -20.57 -5.87
CA LEU D 138 32.74 -19.89 -5.67
C LEU D 138 32.47 -19.74 -4.18
N LEU D 139 32.18 -18.52 -3.75
CA LEU D 139 31.80 -18.24 -2.37
C LEU D 139 30.32 -17.98 -2.22
N SER D 140 29.68 -17.35 -3.20
CA SER D 140 28.25 -17.10 -3.18
C SER D 140 27.76 -16.76 -4.59
N ALA D 141 26.89 -17.58 -5.15
CA ALA D 141 26.42 -17.38 -6.51
C ALA D 141 25.34 -16.31 -6.59
N CYS D 142 25.35 -15.58 -7.70
CA CYS D 142 24.25 -14.68 -8.06
C CYS D 142 23.28 -15.49 -8.93
N LEU D 143 22.08 -15.76 -8.40
CA LEU D 143 21.18 -16.66 -9.11
C LEU D 143 20.36 -15.95 -10.17
N HIS D 144 20.27 -14.63 -10.13
CA HIS D 144 19.53 -13.86 -11.11
C HIS D 144 20.48 -13.23 -12.13
N MET D 145 19.91 -12.80 -13.25
CA MET D 145 20.65 -11.99 -14.21
C MET D 145 20.73 -10.55 -13.70
N LEU D 146 21.95 -10.05 -13.55
CA LEU D 146 22.14 -8.66 -13.15
C LEU D 146 21.80 -7.75 -14.34
N PRO D 147 21.09 -6.65 -14.10
CA PRO D 147 20.85 -5.68 -15.18
C PRO D 147 22.17 -5.11 -15.68
N MET D 148 22.14 -4.63 -16.93
CA MET D 148 23.35 -4.18 -17.60
C MET D 148 23.77 -2.81 -17.09
N LYS D 149 24.91 -2.33 -17.61
CA LYS D 149 25.59 -1.18 -17.03
C LYS D 149 24.73 0.08 -16.99
N TYR D 150 23.79 0.23 -17.93
CA TYR D 150 23.02 1.46 -18.03
C TYR D 150 21.63 1.33 -17.40
N LYS D 153 19.11 0.65 -14.22
CA LYS D 153 18.89 1.77 -15.13
C LYS D 153 18.47 3.02 -14.37
N ASP D 154 17.40 3.68 -14.84
CA ASP D 154 16.90 4.91 -14.25
C ASP D 154 15.46 4.72 -13.80
N THR D 155 15.16 3.55 -13.24
CA THR D 155 13.81 3.15 -12.92
C THR D 155 13.62 3.19 -11.40
N GLU D 156 12.44 2.73 -10.94
CA GLU D 156 12.16 2.58 -9.52
C GLU D 156 12.85 1.36 -8.91
N ILE D 157 13.51 0.55 -9.73
CA ILE D 157 14.32 -0.56 -9.22
C ILE D 157 15.40 -0.02 -8.30
N ARG D 158 15.98 1.13 -8.65
CA ARG D 158 17.02 1.75 -7.81
C ARG D 158 16.52 2.00 -6.39
N TYR D 159 15.24 2.29 -6.24
CA TYR D 159 14.67 2.56 -4.92
C TYR D 159 14.20 1.30 -4.21
N ARG D 160 13.71 0.31 -4.96
CA ARG D 160 13.23 -0.94 -4.35
C ARG D 160 14.30 -2.01 -4.26
N GLN D 161 15.31 -1.99 -5.11
CA GLN D 161 16.47 -2.87 -4.93
C GLN D 161 17.71 -1.97 -4.94
N ARG D 162 17.97 -1.34 -3.80
CA ARG D 162 19.08 -0.39 -3.71
C ARG D 162 20.41 -1.10 -3.93
N TYR D 163 20.49 -2.39 -3.58
CA TYR D 163 21.74 -3.12 -3.73
C TYR D 163 22.16 -3.23 -5.19
N LEU D 164 21.20 -3.36 -6.11
CA LEU D 164 21.56 -3.38 -7.53
C LEU D 164 22.09 -2.03 -7.98
N ASP D 165 21.43 -0.95 -7.55
CA ASP D 165 21.91 0.40 -7.82
C ASP D 165 23.34 0.58 -7.32
N LEU D 166 23.61 0.12 -6.08
CA LEU D 166 24.94 0.30 -5.51
C LEU D 166 25.99 -0.50 -6.27
N LEU D 167 25.61 -1.65 -6.82
CA LEU D 167 26.56 -2.48 -7.55
C LEU D 167 26.88 -1.93 -8.94
N ILE D 168 25.91 -1.33 -9.60
CA ILE D 168 26.00 -1.03 -11.04
C ILE D 168 26.29 0.44 -11.30
N ASN D 169 25.82 1.32 -10.41
CA ASN D 169 25.93 2.76 -10.61
C ASN D 169 26.99 3.33 -9.67
N GLU D 170 28.15 3.69 -10.25
CA GLU D 170 29.27 4.20 -9.47
C GLU D 170 28.90 5.47 -8.72
N SER D 171 28.02 6.28 -9.30
CA SER D 171 27.65 7.56 -8.70
C SER D 171 26.88 7.37 -7.41
N SER D 172 26.14 6.26 -7.26
CA SER D 172 25.30 6.07 -6.09
C SER D 172 26.13 5.83 -4.83
N ARG D 173 27.19 5.04 -4.92
CA ARG D 173 28.10 4.90 -3.78
C ARG D 173 28.72 6.25 -3.42
N HIS D 174 29.07 7.08 -4.41
CA HIS D 174 29.64 8.38 -4.09
C HIS D 174 28.61 9.29 -3.41
N THR D 175 27.36 9.23 -3.86
CA THR D 175 26.30 10.01 -3.22
C THR D 175 26.17 9.63 -1.75
N PHE D 176 26.17 8.33 -1.45
CA PHE D 176 25.97 7.93 -0.06
C PHE D 176 27.24 8.10 0.77
N VAL D 177 28.42 8.02 0.15
CA VAL D 177 29.64 8.40 0.85
C VAL D 177 29.59 9.87 1.25
N THR D 178 29.09 10.73 0.35
CA THR D 178 28.99 12.14 0.67
C THR D 178 27.96 12.39 1.77
N ARG D 179 26.85 11.65 1.75
CA ARG D 179 25.89 11.75 2.86
C ARG D 179 26.56 11.50 4.20
N THR D 180 27.33 10.41 4.32
CA THR D 180 27.96 10.12 5.60
C THR D 180 29.04 11.15 5.96
N LYS D 181 29.78 11.66 4.97
CA LYS D 181 30.75 12.73 5.23
C LYS D 181 30.09 14.00 5.75
N ILE D 182 28.90 14.35 5.24
CA ILE D 182 28.21 15.55 5.72
C ILE D 182 27.83 15.39 7.19
N ILE D 183 27.20 14.27 7.54
CA ILE D 183 26.82 14.05 8.93
C ILE D 183 28.05 14.04 9.83
N ASN D 184 29.14 13.37 9.41
CA ASN D 184 30.37 13.35 10.20
C ASN D 184 30.91 14.76 10.44
N PHE D 185 30.95 15.56 9.36
CA PHE D 185 31.45 16.93 9.49
C PHE D 185 30.60 17.69 10.50
N LEU D 186 29.27 17.52 10.45
CA LEU D 186 28.38 18.26 11.33
C LEU D 186 28.59 17.87 12.80
N ARG D 187 28.69 16.56 13.07
CA ARG D 187 28.94 16.10 14.42
C ARG D 187 30.26 16.63 14.94
N ASN D 188 31.31 16.63 14.12
CA ASN D 188 32.59 17.17 14.57
C ASN D 188 32.50 18.69 14.77
N PHE D 189 31.80 19.39 13.87
CA PHE D 189 31.68 20.84 13.98
C PHE D 189 30.97 21.23 15.28
N LEU D 190 29.91 20.50 15.63
CA LEU D 190 29.24 20.79 16.90
C LEU D 190 30.09 20.36 18.09
N ASN D 191 30.72 19.18 17.99
CA ASN D 191 31.46 18.67 19.14
C ASN D 191 32.66 19.55 19.48
N GLU D 192 33.38 20.06 18.48
CA GLU D 192 34.51 20.93 18.78
C GLU D 192 34.09 22.28 19.34
N ARG D 193 32.80 22.63 19.27
CA ARG D 193 32.28 23.85 19.89
C ARG D 193 31.61 23.59 21.24
N GLY D 194 31.83 22.42 21.83
CA GLY D 194 31.36 22.12 23.18
C GLY D 194 30.01 21.46 23.28
N PHE D 195 29.39 21.10 22.16
CA PHE D 195 28.03 20.59 22.15
C PHE D 195 27.97 19.13 22.54
N PHE D 196 26.89 18.75 23.22
CA PHE D 196 26.75 17.43 23.82
C PHE D 196 25.61 16.68 23.16
N GLU D 197 25.94 15.56 22.51
CA GLU D 197 24.95 14.77 21.77
C GLU D 197 24.12 13.89 22.71
N VAL D 198 22.79 13.86 22.47
CA VAL D 198 21.88 13.07 23.28
C VAL D 198 20.89 12.32 22.40
N GLU D 199 20.10 11.45 23.03
CA GLU D 199 18.95 10.81 22.40
C GLU D 199 17.71 11.11 23.23
N THR D 200 16.68 11.62 22.58
CA THR D 200 15.37 11.87 23.15
C THR D 200 14.36 10.92 22.53
N PRO D 201 13.16 10.78 23.10
CA PRO D 201 12.28 9.67 22.70
C PRO D 201 11.71 9.85 21.30
N MET D 202 11.61 8.73 20.59
CA MET D 202 10.91 8.71 19.31
C MET D 202 9.40 8.56 19.48
N MET D 203 8.94 8.03 20.62
CA MET D 203 7.53 7.83 20.91
C MET D 203 7.14 8.66 22.13
N ASN D 204 6.05 9.43 22.01
CA ASN D 204 5.64 10.35 23.07
C ASN D 204 4.12 10.41 23.19
N LEU D 205 3.67 10.96 24.32
CA LEU D 205 2.24 11.16 24.51
C LEU D 205 1.70 12.28 23.63
N ILE D 206 2.54 13.26 23.30
CA ILE D 206 2.19 14.34 22.38
C ILE D 206 3.36 14.51 21.42
N ALA D 207 3.05 14.93 20.20
CA ALA D 207 4.07 15.18 19.18
C ALA D 207 4.08 16.68 18.89
N GLY D 208 4.93 17.41 19.61
CA GLY D 208 5.08 18.84 19.39
C GLY D 208 6.44 19.18 18.80
N GLY D 209 6.70 20.48 18.71
CA GLY D 209 7.96 20.98 18.16
C GLY D 209 7.90 21.40 16.71
N ALA D 210 6.77 21.20 16.04
CA ALA D 210 6.58 21.58 14.63
C ALA D 210 5.08 21.54 14.34
N ASN D 211 4.73 21.86 13.10
CA ASN D 211 3.34 21.86 12.63
C ASN D 211 3.20 20.76 11.58
N ALA D 212 2.92 19.54 12.03
CA ALA D 212 2.77 18.42 11.11
C ALA D 212 1.84 17.38 11.72
N ARG D 213 1.14 16.66 10.85
CA ARG D 213 0.32 15.52 11.28
C ARG D 213 1.23 14.37 11.71
N PRO D 214 0.97 13.72 12.84
CA PRO D 214 1.88 12.69 13.34
C PRO D 214 1.49 11.27 12.94
N PHE D 215 2.42 10.33 13.09
CA PHE D 215 2.08 8.92 13.10
C PHE D 215 1.64 8.52 14.50
N ILE D 216 0.70 7.57 14.56
CA ILE D 216 0.20 7.05 15.84
C ILE D 216 0.45 5.55 15.91
N THR D 217 0.85 5.08 17.09
CA THR D 217 1.07 3.66 17.32
C THR D 217 0.52 3.31 18.70
N HIS D 218 0.74 2.07 19.14
CA HIS D 218 0.09 1.58 20.34
C HIS D 218 1.03 0.63 21.07
N HIS D 219 1.20 0.83 22.38
CA HIS D 219 1.97 -0.09 23.21
C HIS D 219 0.99 -1.04 23.87
N ASN D 220 1.21 -2.36 23.68
CA ASN D 220 0.19 -3.31 24.10
C ASN D 220 0.12 -3.43 25.62
N ASP D 221 1.27 -3.61 26.28
CA ASP D 221 1.27 -3.83 27.72
C ASP D 221 0.73 -2.61 28.48
N LEU D 222 1.13 -1.40 28.07
CA LEU D 222 0.59 -0.21 28.72
C LEU D 222 -0.82 0.14 28.25
N ASP D 223 -1.31 -0.51 27.19
CA ASP D 223 -2.61 -0.19 26.59
C ASP D 223 -2.72 1.32 26.35
N LEU D 224 -1.77 1.83 25.56
CA LEU D 224 -1.49 3.25 25.47
C LEU D 224 -1.18 3.65 24.04
N ASP D 225 -1.90 4.64 23.52
CA ASP D 225 -1.58 5.20 22.22
C ASP D 225 -0.39 6.16 22.34
N LEU D 226 0.55 6.07 21.39
CA LEU D 226 1.74 6.91 21.39
C LEU D 226 1.94 7.49 20.00
N TYR D 227 2.47 8.72 19.95
CA TYR D 227 2.75 9.41 18.69
C TYR D 227 4.25 9.40 18.38
N LEU D 228 4.59 9.13 17.13
CA LEU D 228 5.96 9.29 16.68
C LEU D 228 6.33 10.78 16.61
N ARG D 229 7.56 11.10 17.03
CA ARG D 229 7.97 12.50 17.10
C ARG D 229 8.05 13.13 15.71
N ILE D 230 7.51 14.34 15.59
CA ILE D 230 7.65 15.15 14.38
C ILE D 230 8.85 16.08 14.46
N ALA D 231 9.44 16.24 15.64
CA ALA D 231 10.60 17.09 15.87
C ALA D 231 11.23 16.65 17.19
N THR D 232 12.38 17.25 17.51
CA THR D 232 13.08 16.97 18.75
C THR D 232 13.15 18.18 19.66
N GLU D 233 12.42 19.24 19.30
CA GLU D 233 12.61 20.56 19.90
C GLU D 233 12.19 20.59 21.37
N LEU D 234 11.08 19.95 21.73
CA LEU D 234 10.58 20.12 23.10
C LEU D 234 11.44 19.41 24.14
N PRO D 235 11.79 18.13 24.00
CA PRO D 235 12.65 17.52 25.03
C PRO D 235 14.05 18.08 25.04
N LEU D 236 14.58 18.56 23.90
CA LEU D 236 15.90 19.19 23.90
C LEU D 236 15.90 20.47 24.73
N LYS D 237 14.84 21.29 24.61
CA LYS D 237 14.78 22.47 25.47
C LYS D 237 14.63 22.09 26.95
N MET D 238 13.91 21.01 27.25
CA MET D 238 13.86 20.56 28.62
C MET D 238 15.25 20.18 29.15
N LEU D 239 16.13 19.67 28.28
CA LEU D 239 17.50 19.39 28.71
C LEU D 239 18.29 20.67 28.95
N ILE D 240 18.00 21.74 28.21
CA ILE D 240 18.59 23.04 28.53
C ILE D 240 18.17 23.48 29.94
N VAL D 241 16.88 23.30 30.27
CA VAL D 241 16.46 23.61 31.64
C VAL D 241 17.25 22.76 32.62
N GLY D 242 17.50 21.49 32.26
CA GLY D 242 18.32 20.62 33.08
C GLY D 242 19.78 21.01 33.18
N GLY D 243 20.23 22.05 32.49
CA GLY D 243 21.59 22.51 32.58
C GLY D 243 22.57 21.96 31.55
N ILE D 244 22.10 21.24 30.53
CA ILE D 244 22.97 20.83 29.42
C ILE D 244 22.93 21.98 28.42
N ASP D 245 23.86 22.92 28.60
CA ASP D 245 23.72 24.25 28.02
C ASP D 245 24.03 24.30 26.54
N LYS D 246 24.69 23.27 25.99
CA LYS D 246 24.87 23.10 24.55
C LYS D 246 24.53 21.66 24.25
N VAL D 247 23.41 21.43 23.58
CA VAL D 247 22.87 20.08 23.41
C VAL D 247 22.35 19.93 21.98
N TYR D 248 22.45 18.71 21.44
CA TYR D 248 21.98 18.47 20.08
C TYR D 248 21.63 17.00 19.89
N GLU D 249 20.90 16.73 18.81
CA GLU D 249 20.49 15.38 18.46
C GLU D 249 20.41 15.28 16.94
N ILE D 250 21.00 14.23 16.37
CA ILE D 250 20.88 13.91 14.95
C ILE D 250 20.17 12.57 14.85
N GLY D 251 18.98 12.56 14.26
CA GLY D 251 18.20 11.34 14.18
C GLY D 251 16.95 11.54 13.36
N LYS D 252 16.17 10.46 13.26
CA LYS D 252 14.98 10.45 12.43
C LYS D 252 13.82 11.17 13.12
N VAL D 253 13.01 11.85 12.32
CA VAL D 253 11.71 12.33 12.74
C VAL D 253 10.73 11.87 11.67
N PHE D 254 9.44 11.91 12.01
CA PHE D 254 8.39 11.28 11.21
C PHE D 254 7.24 12.26 11.04
N ARG D 255 6.83 12.49 9.78
CA ARG D 255 5.72 13.38 9.48
C ARG D 255 4.77 12.68 8.51
N ASN D 256 3.50 12.56 8.91
CA ASN D 256 2.50 11.76 8.22
C ASN D 256 1.75 12.66 7.24
N GLU D 257 2.39 12.92 6.10
CA GLU D 257 1.85 13.87 5.13
C GLU D 257 2.25 13.41 3.73
N GLY D 258 2.24 14.34 2.77
CA GLY D 258 2.44 13.98 1.39
C GLY D 258 3.89 13.65 1.05
N ILE D 259 4.05 12.75 0.08
CA ILE D 259 5.35 12.37 -0.42
C ILE D 259 5.58 13.06 -1.76
N ASP D 260 6.77 13.63 -1.93
CA ASP D 260 7.19 14.19 -3.22
C ASP D 260 8.71 14.23 -3.24
N ASN D 261 9.26 14.99 -4.20
CA ASN D 261 10.70 15.02 -4.41
C ASN D 261 11.47 15.61 -3.24
N THR D 262 10.82 16.34 -2.33
CA THR D 262 11.53 16.85 -1.16
C THR D 262 10.89 16.40 0.14
N HIS D 263 10.04 15.36 0.12
CA HIS D 263 9.34 14.88 1.31
C HIS D 263 9.36 13.36 1.33
N ASN D 264 10.10 12.77 2.27
CA ASN D 264 10.01 11.36 2.65
C ASN D 264 9.40 11.27 4.05
N PRO D 265 8.52 10.29 4.30
CA PRO D 265 7.78 10.27 5.58
C PRO D 265 8.65 10.18 6.81
N GLU D 266 9.82 9.56 6.73
CA GLU D 266 10.83 9.67 7.78
C GLU D 266 12.04 10.34 7.16
N PHE D 267 12.60 11.33 7.87
CA PHE D 267 13.77 12.02 7.38
C PHE D 267 14.68 12.29 8.56
N THR D 268 15.89 12.75 8.27
CA THR D 268 16.92 12.93 9.28
C THR D 268 17.10 14.41 9.55
N SER D 269 17.02 14.78 10.81
CA SER D 269 17.21 16.17 11.22
C SER D 269 18.33 16.25 12.25
N CYS D 270 18.96 17.42 12.29
CA CYS D 270 19.80 17.83 13.40
C CYS D 270 19.15 19.06 14.02
N GLU D 271 18.96 19.03 15.34
CA GLU D 271 18.58 20.21 16.11
C GLU D 271 19.60 20.42 17.21
N PHE D 272 20.01 21.68 17.42
CA PHE D 272 20.84 22.01 18.56
C PHE D 272 20.26 23.20 19.30
N TYR D 273 20.54 23.26 20.60
CA TYR D 273 20.05 24.32 21.47
C TYR D 273 21.25 24.87 22.22
N TRP D 274 21.36 26.19 22.25
CA TRP D 274 22.58 26.88 22.62
C TRP D 274 22.19 27.97 23.62
N ALA D 275 22.39 27.68 24.90
CA ALA D 275 22.00 28.63 25.94
C ALA D 275 22.83 29.91 25.83
N TYR D 276 22.16 31.04 26.04
CA TYR D 276 22.70 32.40 26.06
C TYR D 276 23.00 32.93 24.66
N ALA D 277 22.63 32.19 23.62
CA ALA D 277 22.71 32.65 22.24
C ALA D 277 21.36 33.18 21.78
N ASP D 278 21.37 33.94 20.70
CA ASP D 278 20.13 34.45 20.13
C ASP D 278 20.18 34.38 18.60
N TYR D 279 19.17 34.99 17.97
CA TYR D 279 19.01 35.03 16.52
C TYR D 279 20.32 35.41 15.80
N ASN D 280 21.06 36.38 16.34
CA ASN D 280 22.25 36.84 15.62
C ASN D 280 23.39 35.81 15.69
N ASP D 281 23.54 35.13 16.83
CA ASP D 281 24.50 34.03 16.89
C ASP D 281 24.10 32.93 15.91
N LEU D 282 22.79 32.71 15.74
CA LEU D 282 22.35 31.62 14.87
C LEU D 282 22.60 31.93 13.40
N ILE D 283 22.46 33.21 13.02
CA ILE D 283 22.78 33.63 11.65
C ILE D 283 24.25 33.35 11.35
N LYS D 284 25.13 33.76 12.27
CA LYS D 284 26.57 33.57 12.05
C LYS D 284 26.95 32.09 12.10
N TRP D 285 26.29 31.30 12.96
CA TRP D 285 26.53 29.87 12.98
C TRP D 285 26.22 29.25 11.62
N SER D 286 25.08 29.64 11.04
CA SER D 286 24.62 29.11 9.77
C SER D 286 25.57 29.46 8.64
N GLU D 287 26.03 30.72 8.58
CA GLU D 287 26.95 31.10 7.52
C GLU D 287 28.31 30.43 7.68
N ASP D 288 28.79 30.31 8.92
CA ASP D 288 30.03 29.59 9.18
C ASP D 288 29.93 28.13 8.77
N PHE D 289 28.83 27.47 9.16
CA PHE D 289 28.71 26.04 8.95
C PHE D 289 28.60 25.68 7.47
N PHE D 290 27.70 26.35 6.76
CA PHE D 290 27.48 25.99 5.35
C PHE D 290 28.69 26.34 4.50
N SER D 291 29.32 27.49 4.73
CA SER D 291 30.49 27.84 3.94
C SER D 291 31.65 26.90 4.25
N GLN D 292 31.83 26.52 5.52
CA GLN D 292 32.93 25.61 5.85
C GLN D 292 32.66 24.19 5.37
N LEU D 293 31.40 23.74 5.43
CA LEU D 293 31.07 22.40 4.95
C LEU D 293 31.31 22.29 3.44
N VAL D 294 30.84 23.27 2.68
CA VAL D 294 31.01 23.22 1.23
C VAL D 294 32.49 23.25 0.86
N TYR D 295 33.28 24.10 1.53
CA TYR D 295 34.71 24.15 1.24
C TYR D 295 35.38 22.83 1.61
N HIS D 296 34.95 22.22 2.71
CA HIS D 296 35.51 20.94 3.13
C HIS D 296 35.25 19.87 2.09
N LEU D 297 34.09 19.89 1.44
CA LEU D 297 33.80 18.87 0.44
C LEU D 297 34.42 19.18 -0.92
N PHE D 298 34.56 20.45 -1.27
CA PHE D 298 34.85 20.81 -2.65
C PHE D 298 36.09 21.67 -2.85
N GLY D 299 36.76 22.12 -1.79
CA GLY D 299 37.87 23.03 -1.96
C GLY D 299 37.52 24.35 -2.61
N THR D 300 36.24 24.72 -2.59
CA THR D 300 35.74 25.99 -3.11
C THR D 300 34.38 26.23 -2.47
N TYR D 301 33.92 27.48 -2.52
CA TYR D 301 32.60 27.83 -1.99
C TYR D 301 31.50 27.75 -3.05
N LYS D 302 31.85 27.50 -4.30
CA LYS D 302 30.89 27.54 -5.39
C LYS D 302 30.70 26.13 -5.96
N ILE D 303 29.44 25.73 -6.13
CA ILE D 303 29.12 24.43 -6.67
C ILE D 303 28.21 24.60 -7.86
N SER D 304 28.09 23.54 -8.65
CA SER D 304 27.13 23.46 -9.74
C SER D 304 25.97 22.56 -9.35
N TYR D 305 24.76 22.97 -9.73
CA TYR D 305 23.56 22.24 -9.35
C TYR D 305 22.56 22.36 -10.49
N ASN D 306 22.10 21.21 -10.99
CA ASN D 306 21.07 21.19 -12.02
C ASN D 306 19.73 21.44 -11.33
N LYS D 307 19.38 22.73 -11.19
CA LYS D 307 18.13 23.08 -10.52
C LYS D 307 16.93 22.48 -11.25
N ASP D 308 16.95 22.53 -12.57
CA ASP D 308 15.98 21.82 -13.39
C ASP D 308 16.51 20.41 -13.65
N GLY D 309 15.92 19.69 -14.60
CA GLY D 309 16.33 18.33 -14.87
C GLY D 309 17.80 18.23 -15.26
N PRO D 310 18.35 17.00 -15.20
CA PRO D 310 19.71 16.78 -15.69
C PRO D 310 19.85 17.00 -17.19
N GLU D 311 18.74 17.20 -17.91
CA GLU D 311 18.76 17.55 -19.32
C GLU D 311 18.64 19.05 -19.53
N ASN D 312 18.93 19.85 -18.51
CA ASN D 312 18.90 21.30 -18.60
C ASN D 312 20.20 21.87 -18.04
N GLN D 313 20.42 23.15 -18.31
CA GLN D 313 21.64 23.82 -17.86
C GLN D 313 21.68 23.88 -16.33
N PRO D 314 22.83 23.59 -15.73
CA PRO D 314 22.97 23.77 -14.28
C PRO D 314 23.18 25.24 -13.93
N ILE D 315 22.93 25.56 -12.66
CA ILE D 315 23.22 26.88 -12.14
C ILE D 315 24.36 26.76 -11.13
N GLU D 316 25.00 27.88 -10.85
CA GLU D 316 26.03 27.94 -9.82
C GLU D 316 25.43 28.49 -8.53
N ILE D 317 25.67 27.81 -7.42
CA ILE D 317 25.28 28.28 -6.09
C ILE D 317 26.56 28.70 -5.36
N ASP D 318 26.59 29.94 -4.90
CA ASP D 318 27.73 30.51 -4.21
C ASP D 318 27.45 30.51 -2.71
N PHE D 319 28.23 29.72 -1.95
CA PHE D 319 28.10 29.66 -0.51
C PHE D 319 29.07 30.58 0.22
N THR D 320 29.64 31.56 -0.49
CA THR D 320 30.49 32.56 0.17
C THR D 320 29.63 33.44 1.07
N PRO D 321 29.97 33.59 2.34
CA PRO D 321 29.16 34.42 3.24
C PRO D 321 29.52 35.89 3.07
N PRO D 322 28.64 36.82 3.49
CA PRO D 322 27.34 36.56 4.12
C PRO D 322 26.24 36.28 3.10
N TYR D 323 25.10 35.80 3.58
CA TYR D 323 23.97 35.52 2.71
C TYR D 323 22.88 36.58 2.91
N PRO D 324 22.01 36.81 1.93
CA PRO D 324 20.97 37.84 2.09
C PRO D 324 19.97 37.46 3.17
N LYS D 325 19.30 38.49 3.71
CA LYS D 325 18.23 38.32 4.69
C LYS D 325 17.01 39.12 4.23
N VAL D 326 15.85 38.46 4.16
CA VAL D 326 14.65 39.01 3.56
C VAL D 326 13.49 38.87 4.55
N SER D 327 12.93 40.00 4.98
CA SER D 327 11.81 39.98 5.91
C SER D 327 10.55 39.49 5.20
N ILE D 328 9.85 38.53 5.82
CA ILE D 328 8.78 37.80 5.11
C ILE D 328 7.58 38.71 4.82
N VAL D 329 7.12 39.48 5.81
CA VAL D 329 5.90 40.26 5.60
C VAL D 329 6.15 41.39 4.61
N GLU D 330 7.20 42.18 4.87
CA GLU D 330 7.61 43.24 3.95
C GLU D 330 7.71 42.74 2.51
N GLU D 331 8.40 41.61 2.32
CA GLU D 331 8.62 41.12 0.96
C GLU D 331 7.34 40.56 0.36
N ILE D 332 6.51 39.90 1.16
CA ILE D 332 5.20 39.53 0.63
C ILE D 332 4.47 40.77 0.16
N GLU D 333 4.53 41.84 0.94
CA GLU D 333 3.77 43.04 0.63
C GLU D 333 4.26 43.71 -0.65
N LYS D 334 5.57 43.70 -0.90
CA LYS D 334 6.10 44.37 -2.08
C LYS D 334 5.72 43.62 -3.36
N VAL D 335 5.87 42.30 -3.36
CA VAL D 335 5.62 41.56 -4.59
C VAL D 335 4.12 41.40 -4.83
N THR D 336 3.30 41.41 -3.76
CA THR D 336 1.85 41.31 -3.89
C THR D 336 1.17 42.66 -4.05
N ASN D 337 1.90 43.74 -3.75
CA ASN D 337 1.45 45.13 -3.82
C ASN D 337 0.53 45.49 -2.66
N THR D 338 0.05 44.52 -1.88
CA THR D 338 -0.91 44.86 -0.84
C THR D 338 -0.19 45.29 0.44
N ILE D 339 -0.99 45.56 1.48
CA ILE D 339 -0.52 45.73 2.84
C ILE D 339 -1.31 44.77 3.72
N LEU D 340 -0.61 44.01 4.57
CA LEU D 340 -1.25 43.01 5.44
C LEU D 340 -1.25 43.55 6.87
N GLU D 341 -2.35 44.20 7.26
CA GLU D 341 -2.41 44.88 8.54
C GLU D 341 -2.60 43.90 9.69
N GLN D 342 -1.93 44.18 10.81
CA GLN D 342 -2.00 43.38 12.03
C GLN D 342 -3.29 43.68 12.80
N PRO D 343 -3.87 42.69 13.49
CA PRO D 343 -3.39 41.30 13.59
C PRO D 343 -3.59 40.51 12.31
N PHE D 344 -2.60 39.69 11.95
CA PHE D 344 -2.64 38.95 10.69
C PHE D 344 -3.77 37.93 10.65
N ASP D 345 -4.31 37.52 11.81
CA ASP D 345 -5.41 36.57 11.86
C ASP D 345 -6.77 37.26 11.97
N SER D 346 -6.84 38.55 11.70
CA SER D 346 -8.12 39.24 11.66
C SER D 346 -8.91 38.83 10.41
N ASN D 347 -10.23 38.92 10.51
CA ASN D 347 -11.09 38.59 9.38
C ASN D 347 -10.74 39.40 8.14
N GLU D 348 -10.29 40.64 8.33
CA GLU D 348 -9.97 41.51 7.19
C GLU D 348 -8.67 41.07 6.52
N THR D 349 -7.60 40.92 7.28
CA THR D 349 -6.33 40.46 6.71
C THR D 349 -6.49 39.09 6.10
N ILE D 350 -7.28 38.21 6.73
CA ILE D 350 -7.50 36.87 6.19
C ILE D 350 -8.20 36.97 4.83
N GLU D 351 -9.25 37.78 4.75
CA GLU D 351 -9.95 37.96 3.47
C GLU D 351 -9.01 38.50 2.39
N LYS D 352 -8.12 39.42 2.77
CA LYS D 352 -7.19 39.98 1.79
C LYS D 352 -6.23 38.92 1.25
N MET D 353 -5.64 38.13 2.14
CA MET D 353 -4.74 37.07 1.68
C MET D 353 -5.48 36.04 0.83
N ILE D 354 -6.73 35.73 1.21
CA ILE D 354 -7.57 34.87 0.38
C ILE D 354 -7.70 35.45 -1.03
N ASN D 355 -7.89 36.77 -1.13
CA ASN D 355 -8.12 37.38 -2.44
C ASN D 355 -6.87 37.40 -3.30
N ILE D 356 -5.68 37.60 -2.69
CA ILE D 356 -4.44 37.49 -3.44
C ILE D 356 -4.33 36.10 -4.05
N ILE D 357 -4.62 35.08 -3.26
CA ILE D 357 -4.46 33.70 -3.72
C ILE D 357 -5.44 33.40 -4.84
N LYS D 358 -6.68 33.88 -4.71
CA LYS D 358 -7.64 33.70 -5.80
C LYS D 358 -7.22 34.52 -7.02
N GLU D 359 -6.74 35.75 -6.80
CA GLU D 359 -6.38 36.61 -7.92
C GLU D 359 -5.26 36.01 -8.75
N HIS D 360 -4.25 35.42 -8.10
CA HIS D 360 -3.10 34.86 -8.79
C HIS D 360 -3.31 33.40 -9.17
N LYS D 361 -4.53 32.89 -9.02
CA LYS D 361 -4.88 31.51 -9.39
C LYS D 361 -4.02 30.50 -8.66
N ILE D 362 -3.75 30.75 -7.38
CA ILE D 362 -3.01 29.84 -6.53
C ILE D 362 -4.01 28.97 -5.77
N GLU D 363 -3.55 27.80 -5.34
CA GLU D 363 -4.42 26.90 -4.58
C GLU D 363 -4.68 27.46 -3.19
N LEU D 364 -5.92 27.33 -2.75
CA LEU D 364 -6.28 27.82 -1.42
C LEU D 364 -5.94 26.76 -0.37
N PRO D 365 -5.26 27.13 0.71
CA PRO D 365 -4.93 26.14 1.75
C PRO D 365 -6.18 25.52 2.35
N ASN D 366 -6.11 24.21 2.61
CA ASN D 366 -7.28 23.37 2.89
C ASN D 366 -8.12 23.95 4.04
N PRO D 367 -7.56 24.23 5.22
CA PRO D 367 -8.14 25.29 6.04
C PRO D 367 -7.42 26.60 5.77
N PRO D 368 -8.14 27.66 5.43
CA PRO D 368 -7.47 28.94 5.12
C PRO D 368 -7.18 29.77 6.36
N THR D 369 -6.41 29.19 7.29
CA THR D 369 -6.00 29.94 8.45
C THR D 369 -4.90 30.94 8.07
N ALA D 370 -4.77 31.98 8.89
CA ALA D 370 -3.82 33.04 8.60
C ALA D 370 -2.41 32.50 8.45
N ALA D 371 -2.01 31.58 9.32
CA ALA D 371 -0.67 31.00 9.21
C ALA D 371 -0.51 30.20 7.92
N LYS D 372 -1.56 29.47 7.52
CA LYS D 372 -1.47 28.70 6.28
C LYS D 372 -1.47 29.62 5.06
N LEU D 373 -2.23 30.72 5.13
CA LEU D 373 -2.22 31.69 4.04
C LEU D 373 -0.86 32.35 3.90
N LEU D 374 -0.28 32.81 5.01
CA LEU D 374 1.03 33.45 4.95
C LEU D 374 2.08 32.51 4.37
N ASP D 375 2.03 31.22 4.76
CA ASP D 375 3.01 30.28 4.24
C ASP D 375 2.82 30.05 2.74
N GLN D 376 1.56 29.97 2.29
CA GLN D 376 1.31 29.81 0.85
C GLN D 376 1.75 31.05 0.09
N LEU D 377 1.60 32.23 0.71
CA LEU D 377 2.07 33.47 0.09
C LEU D 377 3.59 33.49 0.01
N ALA D 378 4.27 33.19 1.12
CA ALA D 378 5.73 33.13 1.11
C ALA D 378 6.23 32.10 0.11
N SER D 379 5.57 30.94 0.06
CA SER D 379 5.98 29.86 -0.85
C SER D 379 5.93 30.30 -2.31
N HIS D 380 4.91 31.07 -2.68
CA HIS D 380 4.71 31.41 -4.10
C HIS D 380 5.36 32.72 -4.50
N PHE D 381 5.76 33.57 -3.56
CA PHE D 381 6.16 34.92 -3.90
C PHE D 381 7.55 35.32 -3.43
N ILE D 382 8.16 34.58 -2.48
CA ILE D 382 9.45 34.94 -1.92
C ILE D 382 10.48 33.84 -2.09
N GLU D 383 10.08 32.58 -1.84
CA GLU D 383 11.08 31.55 -1.55
C GLU D 383 11.99 31.23 -2.73
N ASN D 384 11.73 31.77 -3.91
CA ASN D 384 12.62 31.62 -5.06
C ASN D 384 13.31 32.93 -5.43
N LYS D 385 13.45 33.84 -4.47
CA LYS D 385 14.01 35.16 -4.76
C LYS D 385 15.47 35.06 -5.19
N TYR D 386 16.24 34.16 -4.56
CA TYR D 386 17.62 33.91 -4.94
C TYR D 386 17.81 32.43 -5.21
N ASN D 387 18.44 32.11 -6.34
CA ASN D 387 18.87 30.74 -6.63
C ASN D 387 20.38 30.60 -6.78
N ASP D 388 21.10 31.69 -7.02
CA ASP D 388 22.55 31.64 -7.17
C ASP D 388 23.28 31.63 -5.83
N LYS D 389 22.57 31.63 -4.70
CA LYS D 389 23.18 31.53 -3.39
C LYS D 389 22.10 31.23 -2.38
N PRO D 390 22.45 30.74 -1.20
CA PRO D 390 21.44 30.54 -0.16
C PRO D 390 21.03 31.88 0.43
N PHE D 391 19.85 31.91 1.03
CA PHE D 391 19.40 33.15 1.67
C PHE D 391 18.44 32.82 2.79
N PHE D 392 18.30 33.79 3.69
CA PHE D 392 17.44 33.68 4.87
C PHE D 392 16.16 34.48 4.65
N ILE D 393 15.02 33.86 4.95
CA ILE D 393 13.76 34.58 5.20
C ILE D 393 13.63 34.73 6.71
N VAL D 394 13.33 35.95 7.18
CA VAL D 394 13.45 36.26 8.61
C VAL D 394 12.22 36.98 9.13
N GLU D 395 12.11 37.01 10.48
CA GLU D 395 11.16 37.85 11.23
C GLU D 395 9.70 37.43 11.02
N HIS D 396 9.47 36.11 11.11
CA HIS D 396 8.14 35.55 10.88
C HIS D 396 7.15 36.06 11.92
N PRO D 397 5.89 36.29 11.54
CA PRO D 397 4.88 36.67 12.53
C PRO D 397 4.76 35.64 13.64
N GLN D 398 4.33 36.10 14.80
CA GLN D 398 4.14 35.23 15.95
C GLN D 398 3.11 34.14 15.67
N ILE D 399 2.12 34.42 14.83
CA ILE D 399 1.08 33.42 14.59
C ILE D 399 1.59 32.25 13.77
N MET D 400 2.68 32.44 13.01
CA MET D 400 3.33 31.32 12.34
C MET D 400 4.34 30.59 13.21
N SER D 401 4.69 31.16 14.37
CA SER D 401 5.88 30.74 15.13
C SER D 401 5.54 30.59 16.60
N PRO D 402 4.74 29.57 16.96
CA PRO D 402 4.27 29.48 18.35
C PRO D 402 5.37 29.25 19.38
N LEU D 403 6.58 28.83 18.98
CA LEU D 403 7.64 28.51 19.93
C LEU D 403 8.80 29.49 19.88
N ALA D 404 8.72 30.55 19.07
CA ALA D 404 9.79 31.52 18.91
C ALA D 404 9.51 32.78 19.72
N LYS D 405 10.56 33.35 20.28
CA LYS D 405 10.43 34.53 21.11
C LYS D 405 10.03 35.74 20.28
N TYR D 406 9.13 36.57 20.84
CA TYR D 406 8.69 37.77 20.16
C TYR D 406 9.86 38.70 19.86
N HIS D 407 9.80 39.36 18.70
CA HIS D 407 10.86 40.25 18.26
C HIS D 407 11.03 41.42 19.21
N ARG D 408 12.28 41.70 19.60
CA ARG D 408 12.51 42.69 20.65
C ARG D 408 12.13 44.12 20.24
N THR D 409 12.03 44.43 18.94
CA THR D 409 11.59 45.78 18.56
C THR D 409 10.42 45.83 17.58
N LYS D 410 10.06 44.72 16.93
CA LYS D 410 8.98 44.76 15.95
C LYS D 410 7.74 44.04 16.46
N PRO D 411 6.68 44.76 16.79
CA PRO D 411 5.47 44.12 17.31
C PRO D 411 4.90 43.11 16.33
N GLY D 412 4.42 41.99 16.88
CA GLY D 412 3.76 40.97 16.10
C GLY D 412 4.67 39.99 15.40
N LEU D 413 5.97 40.23 15.39
CA LEU D 413 6.92 39.34 14.71
C LEU D 413 7.73 38.57 15.75
N THR D 414 8.63 37.69 15.26
CA THR D 414 9.53 36.88 16.07
C THR D 414 10.94 37.00 15.53
N GLU D 415 11.90 36.47 16.31
CA GLU D 415 13.30 36.50 15.94
C GLU D 415 13.68 35.16 15.32
N ARG D 416 13.09 34.91 14.16
CA ARG D 416 13.16 33.63 13.46
C ARG D 416 13.89 33.79 12.13
N LEU D 417 14.62 32.75 11.73
CA LEU D 417 15.29 32.67 10.43
C LEU D 417 15.05 31.31 9.80
N GLU D 418 14.88 31.29 8.48
CA GLU D 418 14.85 30.07 7.68
C GLU D 418 15.78 30.26 6.51
N MET D 419 16.61 29.26 6.24
CA MET D 419 17.51 29.31 5.08
C MET D 419 16.98 28.42 3.96
N PHE D 420 17.05 28.94 2.74
CA PHE D 420 16.56 28.28 1.55
C PHE D 420 17.70 28.12 0.56
N ILE D 421 17.76 26.98 -0.11
CA ILE D 421 18.68 26.73 -1.21
C ILE D 421 17.82 26.31 -2.40
N CYS D 422 17.88 27.09 -3.49
CA CYS D 422 17.08 26.83 -4.68
C CYS D 422 15.59 26.68 -4.35
N GLY D 423 15.10 27.54 -3.46
CA GLY D 423 13.69 27.54 -3.13
C GLY D 423 13.24 26.43 -2.20
N LYS D 424 14.16 25.69 -1.58
CA LYS D 424 13.81 24.58 -0.69
C LYS D 424 14.31 24.90 0.71
N GLU D 425 13.43 24.73 1.70
CA GLU D 425 13.78 25.07 3.08
C GLU D 425 14.73 24.03 3.64
N VAL D 426 15.87 24.46 4.12
CA VAL D 426 16.86 23.57 4.75
C VAL D 426 17.26 23.85 6.19
N LEU D 427 16.83 24.97 6.75
CA LEU D 427 17.22 25.37 8.09
C LEU D 427 16.08 26.18 8.70
N ASN D 428 15.81 25.97 9.99
CA ASN D 428 14.81 26.74 10.77
C ASN D 428 15.41 27.01 12.14
N ALA D 429 15.50 28.29 12.53
CA ALA D 429 16.12 28.64 13.80
C ALA D 429 15.46 29.89 14.39
N TYR D 430 15.57 30.05 15.71
CA TYR D 430 15.05 31.27 16.32
C TYR D 430 15.54 31.41 17.75
N THR D 431 15.47 32.65 18.25
CA THR D 431 15.48 32.88 19.68
C THR D 431 14.28 32.16 20.28
N GLU D 432 14.53 31.30 21.28
CA GLU D 432 13.47 30.45 21.84
C GLU D 432 12.56 31.22 22.79
N LEU D 433 11.26 31.00 22.67
CA LEU D 433 10.31 31.53 23.64
C LEU D 433 10.55 30.84 24.99
N ASN D 434 10.85 31.63 26.04
CA ASN D 434 11.15 31.05 27.34
C ASN D 434 10.27 31.61 28.47
N ASP D 435 9.26 32.43 28.16
CA ASP D 435 8.30 32.88 29.16
C ASP D 435 7.14 31.89 29.21
N PRO D 436 6.99 31.10 30.27
CA PRO D 436 5.93 30.06 30.26
C PRO D 436 4.54 30.61 30.05
N PHE D 437 4.28 31.84 30.47
CA PHE D 437 2.92 32.39 30.35
C PHE D 437 2.61 32.76 28.90
N LYS D 438 3.59 33.28 28.18
CA LYS D 438 3.38 33.51 26.76
C LYS D 438 3.27 32.20 26.00
N GLN D 439 4.00 31.17 26.42
CA GLN D 439 3.97 29.89 25.72
C GLN D 439 2.60 29.24 25.80
N LYS D 440 1.96 29.33 26.98
CA LYS D 440 0.62 28.81 27.14
C LYS D 440 -0.34 29.49 26.18
N GLU D 441 -0.22 30.81 26.04
CA GLU D 441 -1.10 31.56 25.15
C GLU D 441 -0.87 31.14 23.70
N CYS D 442 0.37 30.85 23.31
CA CYS D 442 0.62 30.45 21.93
C CYS D 442 -0.02 29.09 21.63
N PHE D 443 0.05 28.15 22.57
CA PHE D 443 -0.62 26.87 22.39
C PHE D 443 -2.14 27.03 22.37
N LYS D 444 -2.68 27.95 23.18
CA LYS D 444 -4.12 28.20 23.16
C LYS D 444 -4.57 28.68 21.80
N LEU D 445 -3.81 29.58 21.18
CA LEU D 445 -4.16 30.08 19.85
C LEU D 445 -4.07 28.97 18.80
N GLN D 446 -3.06 28.10 18.91
CA GLN D 446 -2.96 26.97 18.00
C GLN D 446 -4.12 26.00 18.20
N GLN D 447 -4.64 25.89 19.43
CA GLN D 447 -5.81 25.06 19.66
C GLN D 447 -7.04 25.63 18.94
N LYS D 448 -7.19 26.96 18.96
CA LYS D 448 -8.29 27.58 18.23
C LYS D 448 -8.15 27.33 16.72
N ASP D 449 -6.92 27.22 16.24
CA ASP D 449 -6.71 26.85 14.83
C ASP D 449 -6.99 25.37 14.59
N ARG D 450 -6.76 24.52 15.59
CA ARG D 450 -7.10 23.11 15.45
C ARG D 450 -8.61 22.90 15.39
N GLU D 451 -9.38 23.71 16.11
CA GLU D 451 -10.84 23.58 16.09
C GLU D 451 -11.43 23.97 14.73
N LYS D 452 -10.67 24.61 13.86
CA LYS D 452 -11.14 24.99 12.53
C LYS D 452 -10.87 23.93 11.47
N GLY D 453 -10.20 22.83 11.83
CA GLY D 453 -9.88 21.78 10.89
C GLY D 453 -8.40 21.59 10.61
N ASP D 454 -7.52 22.30 11.32
CA ASP D 454 -6.07 22.23 11.12
C ASP D 454 -5.54 20.96 11.79
N THR D 455 -5.24 19.95 10.98
CA THR D 455 -4.69 18.69 11.49
C THR D 455 -3.21 18.80 11.87
N GLU D 456 -2.54 19.88 11.48
CA GLU D 456 -1.12 20.08 11.74
C GLU D 456 -0.86 21.15 12.80
N ALA D 457 -1.87 21.46 13.61
CA ALA D 457 -1.68 22.33 14.75
C ALA D 457 -1.09 21.52 15.90
N ALA D 458 0.00 22.03 16.47
CA ALA D 458 0.64 21.33 17.59
C ALA D 458 -0.23 21.44 18.84
N GLN D 459 -0.44 20.31 19.50
CA GLN D 459 -1.24 20.28 20.71
C GLN D 459 -0.42 20.73 21.91
N LEU D 460 -1.13 21.13 22.96
CA LEU D 460 -0.48 21.62 24.17
C LEU D 460 0.27 20.49 24.87
N ASP D 461 1.55 20.71 25.15
CA ASP D 461 2.37 19.80 25.93
C ASP D 461 2.52 20.39 27.33
N SER D 462 1.81 19.79 28.30
CA SER D 462 1.84 20.31 29.66
C SER D 462 3.15 20.01 30.37
N ALA D 463 3.79 18.88 30.05
CA ALA D 463 5.08 18.57 30.65
C ALA D 463 6.17 19.52 30.16
N PHE D 464 6.12 19.90 28.87
CA PHE D 464 7.06 20.91 28.39
C PHE D 464 6.78 22.26 29.02
N CYS D 465 5.50 22.63 29.16
CA CYS D 465 5.17 23.91 29.79
C CYS D 465 5.61 23.93 31.25
N THR D 466 5.53 22.79 31.93
CA THR D 466 5.97 22.72 33.32
C THR D 466 7.48 22.93 33.43
N SER D 467 8.25 22.30 32.52
CA SER D 467 9.69 22.53 32.52
C SER D 467 10.02 24.02 32.34
N LEU D 468 9.27 24.72 31.49
CA LEU D 468 9.50 26.16 31.32
C LEU D 468 9.31 26.91 32.64
N GLU D 469 8.44 26.43 33.52
CA GLU D 469 8.20 27.10 34.79
C GLU D 469 9.38 26.94 35.75
N TYR D 470 10.34 26.07 35.45
CA TYR D 470 11.53 25.96 36.29
C TYR D 470 12.67 26.85 35.81
N GLY D 471 12.46 27.58 34.72
CA GLY D 471 13.40 28.56 34.22
C GLY D 471 14.24 28.04 33.06
N LEU D 472 13.83 28.38 31.84
CA LEU D 472 14.63 28.11 30.65
C LEU D 472 15.47 29.35 30.33
N PRO D 473 16.80 29.27 30.35
CA PRO D 473 17.61 30.46 30.09
C PRO D 473 17.31 31.00 28.70
N PRO D 474 17.59 32.29 28.45
CA PRO D 474 17.60 32.78 27.08
C PRO D 474 18.45 31.84 26.23
N THR D 475 17.89 31.38 25.11
CA THR D 475 18.44 30.28 24.34
C THR D 475 18.15 30.51 22.85
N GLY D 476 19.09 30.09 22.01
CA GLY D 476 18.87 30.00 20.58
C GLY D 476 18.95 28.57 20.07
N GLY D 477 17.98 28.17 19.24
CA GLY D 477 17.94 26.81 18.72
C GLY D 477 17.82 26.80 17.22
N LEU D 478 18.22 25.66 16.61
CA LEU D 478 18.34 25.56 15.16
C LEU D 478 18.15 24.13 14.69
N GLY D 479 17.33 23.97 13.63
CA GLY D 479 17.15 22.68 12.99
C GLY D 479 17.68 22.67 11.57
N LEU D 480 18.17 21.50 11.14
CA LEU D 480 18.71 21.29 9.80
C LEU D 480 18.05 20.07 9.17
N GLY D 481 17.72 20.18 7.89
CA GLY D 481 17.23 19.03 7.16
C GLY D 481 18.37 18.34 6.42
N ILE D 482 18.84 17.21 6.97
CA ILE D 482 20.06 16.57 6.46
C ILE D 482 19.86 16.08 5.02
N ASP D 483 18.76 15.39 4.76
CA ASP D 483 18.53 14.84 3.43
C ASP D 483 18.54 15.93 2.38
N ARG D 484 17.81 17.02 2.62
CA ARG D 484 17.73 18.11 1.65
C ARG D 484 19.10 18.74 1.41
N ILE D 485 19.85 18.95 2.49
CA ILE D 485 21.22 19.46 2.33
C ILE D 485 22.04 18.51 1.47
N THR D 486 21.89 17.20 1.69
CA THR D 486 22.64 16.21 0.90
C THR D 486 22.28 16.30 -0.58
N MET D 487 20.99 16.49 -0.89
CA MET D 487 20.56 16.62 -2.29
C MET D 487 21.35 17.69 -3.03
N PHE D 488 21.47 18.88 -2.44
CA PHE D 488 22.13 19.98 -3.14
C PHE D 488 23.63 19.75 -3.26
N LEU D 489 24.25 19.01 -2.34
CA LEU D 489 25.69 18.78 -2.36
C LEU D 489 26.08 17.52 -3.13
N THR D 490 25.12 16.78 -3.67
CA THR D 490 25.36 15.62 -4.52
C THR D 490 24.63 15.76 -5.85
N ASN D 491 24.04 16.92 -6.12
CA ASN D 491 23.37 17.24 -7.38
C ASN D 491 22.21 16.30 -7.66
N LYS D 492 21.33 16.13 -6.67
CA LYS D 492 20.16 15.28 -6.80
C LYS D 492 18.88 16.12 -6.75
N ASN D 493 17.91 15.78 -7.59
CA ASN D 493 16.64 16.50 -7.62
C ASN D 493 15.57 15.85 -6.76
N SER D 494 15.79 14.64 -6.26
CA SER D 494 14.79 13.94 -5.46
C SER D 494 15.42 13.45 -4.16
N ILE D 495 14.65 13.56 -3.08
CA ILE D 495 15.05 13.01 -1.79
C ILE D 495 15.27 11.51 -1.88
N LYS D 496 14.53 10.82 -2.75
CA LYS D 496 14.71 9.38 -2.89
C LYS D 496 16.13 9.01 -3.30
N ASP D 497 16.87 9.93 -3.93
CA ASP D 497 18.23 9.66 -4.37
C ASP D 497 19.27 9.78 -3.25
N VAL D 498 18.91 10.32 -2.07
CA VAL D 498 19.86 10.44 -0.99
C VAL D 498 19.46 9.63 0.24
N ILE D 499 18.43 8.80 0.11
CA ILE D 499 17.98 7.91 1.17
C ILE D 499 18.09 6.49 0.65
N LEU D 500 18.79 5.63 1.40
CA LEU D 500 19.09 4.29 0.89
C LEU D 500 17.82 3.49 0.57
N PHE D 501 16.83 3.49 1.47
CA PHE D 501 15.57 2.78 1.23
C PHE D 501 14.39 3.74 1.42
N PRO D 502 14.07 4.53 0.39
CA PRO D 502 12.92 5.45 0.51
C PRO D 502 11.61 4.69 0.73
N THR D 503 10.62 5.40 1.30
CA THR D 503 9.33 4.77 1.56
C THR D 503 8.58 4.52 0.25
N MET D 504 8.31 3.24 -0.06
CA MET D 504 7.65 2.86 -1.30
C MET D 504 6.48 1.92 -1.01
N ARG D 505 5.48 1.96 -1.90
CA ARG D 505 4.37 1.04 -1.84
C ARG D 505 4.81 -0.35 -2.30
N PRO D 506 4.24 -1.42 -1.73
CA PRO D 506 4.50 -2.79 -2.19
C PRO D 506 3.87 -3.11 -3.55
#